data_6D23
#
_entry.id   6D23
#
_cell.length_a   96.610
_cell.length_b   132.960
_cell.length_c   107.830
_cell.angle_alpha   90.000
_cell.angle_beta   100.110
_cell.angle_gamma   90.000
#
_symmetry.space_group_name_H-M   'P 1 21 1'
#
loop_
_entity.id
_entity.type
_entity.pdbx_description
1 polymer 'Glucose-6-phosphate 1-dehydrogenase'
2 non-polymer 'SULFATE ION'
3 non-polymer GLYCEROL
4 non-polymer 'CHLORIDE ION'
5 water water
#
_entity_poly.entity_id   1
_entity_poly.type   'polypeptide(L)'
_entity_poly.pdbx_seq_one_letter_code
;MGSSHHHHHHSSGLVPRGSHMASMENAKKVAAELRGEVCERIPDAVSPELRSRALTIVVLGASGDLAKKKTFPALFQLYC
NGMLPRDVNILGYARSTMEDVEKWKKDTLAGFFTRLDERGCHVGNFLRRISYMTGSYDRDEDFARLNERILRMEEAFQGP
EKGGNRLFYLALPPSVFVGVCRGLSKGAMQKPELGWVRLIVEKPFGRDTETSEQLSNQLKPLFNERQVFRIDHYLGKEMV
QNIIVTRFANRVFSALWNSNSIACVQITFKEKIGTEGRGGYFDSIGIIRDVIQNHLTQILSLLTMEKPRSLSAEDIRDEK
VQVLRQVVPANPAECVLGQYTASADGSTPGYLDDPSVPKGSHCPTFAVLRLHVNNDRWHGVPFIIRAGKALEERLLDIRI
QFKDEIRPFGESTQRNELVIRAQPSEAMYLKLTAKTPGLLNDTHQTELDLTYERRYDVTLPDAYESLIHEALLGNSTNFV
RVDELDAAWRIYTPLLHAIDRGEVKVLPYAAGSCGPEEAQEFIRISGYKTTNGNAYKCSNA
;
_entity_poly.pdbx_strand_id   A,B,C,D
#
# COMPACT_ATOMS: atom_id res chain seq x y z
N ALA A 45 -30.41 -27.72 -24.32
CA ALA A 45 -29.68 -26.86 -23.37
C ALA A 45 -30.15 -25.38 -23.36
N VAL A 46 -31.42 -25.15 -23.75
CA VAL A 46 -32.02 -23.81 -23.78
C VAL A 46 -32.37 -23.35 -22.35
N SER A 47 -32.30 -22.03 -22.11
CA SER A 47 -32.66 -21.38 -20.84
C SER A 47 -34.12 -21.72 -20.53
N PRO A 48 -34.46 -22.15 -19.29
CA PRO A 48 -35.85 -22.50 -18.99
C PRO A 48 -36.87 -21.39 -19.26
N GLU A 49 -36.42 -20.10 -19.21
CA GLU A 49 -37.24 -18.92 -19.47
C GLU A 49 -37.64 -18.86 -20.95
N LEU A 50 -36.70 -19.27 -21.85
CA LEU A 50 -36.87 -19.31 -23.32
C LEU A 50 -37.74 -20.53 -23.77
N ARG A 51 -37.84 -21.58 -22.94
CA ARG A 51 -38.61 -22.81 -23.20
C ARG A 51 -40.13 -22.57 -23.23
N SER A 52 -40.63 -21.88 -22.20
CA SER A 52 -42.04 -21.58 -21.88
C SER A 52 -42.84 -20.80 -22.94
N ARG A 53 -42.28 -19.71 -23.44
CA ARG A 53 -42.94 -18.82 -24.40
C ARG A 53 -42.26 -18.90 -25.77
N ALA A 54 -43.02 -18.56 -26.85
CA ALA A 54 -42.51 -18.57 -28.23
C ALA A 54 -41.33 -17.64 -28.36
N LEU A 55 -40.45 -17.91 -29.31
CA LEU A 55 -39.28 -17.06 -29.54
C LEU A 55 -39.19 -16.70 -31.00
N THR A 56 -39.17 -15.39 -31.27
CA THR A 56 -39.09 -14.84 -32.62
C THR A 56 -37.89 -13.89 -32.64
N ILE A 57 -36.87 -14.24 -33.43
CA ILE A 57 -35.69 -13.40 -33.62
C ILE A 57 -35.85 -12.79 -35.01
N VAL A 58 -36.12 -11.48 -35.08
CA VAL A 58 -36.33 -10.78 -36.35
C VAL A 58 -35.04 -10.05 -36.73
N VAL A 59 -34.42 -10.43 -37.87
CA VAL A 59 -33.20 -9.78 -38.34
C VAL A 59 -33.59 -8.74 -39.42
N LEU A 60 -33.73 -7.44 -39.00
CA LEU A 60 -34.07 -6.31 -39.88
C LEU A 60 -32.77 -5.94 -40.58
N GLY A 61 -32.76 -6.08 -41.90
CA GLY A 61 -31.60 -5.85 -42.75
C GLY A 61 -30.89 -7.12 -43.17
N ALA A 62 -31.62 -8.25 -43.30
CA ALA A 62 -31.15 -9.60 -43.63
C ALA A 62 -30.29 -9.71 -44.91
N SER A 63 -30.50 -8.78 -45.84
CA SER A 63 -29.77 -8.72 -47.09
C SER A 63 -28.41 -8.04 -46.95
N GLY A 64 -28.22 -7.30 -45.86
CA GLY A 64 -26.99 -6.58 -45.57
C GLY A 64 -25.80 -7.46 -45.29
N ASP A 65 -24.61 -6.92 -45.52
CA ASP A 65 -23.35 -7.62 -45.31
C ASP A 65 -23.10 -8.08 -43.85
N LEU A 66 -23.59 -7.35 -42.84
CA LEU A 66 -23.41 -7.74 -41.44
C LEU A 66 -24.25 -8.96 -41.08
N ALA A 67 -25.51 -8.99 -41.53
CA ALA A 67 -26.44 -10.08 -41.26
C ALA A 67 -25.93 -11.44 -41.78
N LYS A 68 -25.43 -11.49 -43.04
CA LYS A 68 -24.95 -12.71 -43.67
C LYS A 68 -23.61 -13.15 -43.13
N LYS A 69 -22.68 -12.20 -42.87
CA LYS A 69 -21.32 -12.46 -42.39
C LYS A 69 -21.19 -12.69 -40.89
N LYS A 70 -22.09 -12.09 -40.05
CA LYS A 70 -21.98 -12.19 -38.58
C LYS A 70 -23.24 -12.66 -37.82
N THR A 71 -24.45 -12.17 -38.17
CA THR A 71 -25.69 -12.52 -37.47
C THR A 71 -26.17 -13.94 -37.74
N PHE A 72 -26.49 -14.26 -38.99
CA PHE A 72 -26.96 -15.62 -39.28
C PHE A 72 -25.92 -16.70 -38.85
N PRO A 73 -24.57 -16.54 -39.09
CA PRO A 73 -23.63 -17.56 -38.61
C PRO A 73 -23.67 -17.80 -37.09
N ALA A 74 -23.79 -16.71 -36.29
CA ALA A 74 -23.87 -16.78 -34.82
C ALA A 74 -25.13 -17.51 -34.34
N LEU A 75 -26.28 -17.25 -35.01
CA LEU A 75 -27.57 -17.90 -34.73
C LEU A 75 -27.47 -19.40 -34.99
N PHE A 76 -26.78 -19.80 -36.09
CA PHE A 76 -26.51 -21.19 -36.43
C PHE A 76 -25.73 -21.89 -35.35
N GLN A 77 -24.70 -21.23 -34.79
CA GLN A 77 -23.87 -21.80 -33.73
C GLN A 77 -24.64 -21.96 -32.43
N LEU A 78 -25.49 -20.99 -32.08
CA LEU A 78 -26.33 -21.09 -30.88
C LEU A 78 -27.34 -22.23 -31.06
N TYR A 79 -27.92 -22.35 -32.27
CA TYR A 79 -28.88 -23.42 -32.57
C TYR A 79 -28.21 -24.80 -32.42
N CYS A 80 -26.99 -24.95 -32.99
CA CYS A 80 -26.15 -26.15 -32.91
C CYS A 80 -25.73 -26.49 -31.50
N ASN A 81 -25.44 -25.48 -30.68
CA ASN A 81 -25.08 -25.65 -29.27
C ASN A 81 -26.30 -26.07 -28.43
N GLY A 82 -27.49 -26.00 -29.02
CA GLY A 82 -28.73 -26.31 -28.34
C GLY A 82 -29.11 -25.24 -27.35
N MET A 83 -28.68 -23.99 -27.61
CA MET A 83 -28.93 -22.83 -26.76
C MET A 83 -30.16 -22.06 -27.16
N LEU A 84 -30.57 -22.25 -28.42
CA LEU A 84 -31.79 -21.69 -29.02
C LEU A 84 -32.84 -22.81 -28.98
N PRO A 85 -34.15 -22.50 -28.79
CA PRO A 85 -35.16 -23.57 -28.80
C PRO A 85 -35.27 -24.17 -30.21
N ARG A 86 -35.64 -25.46 -30.33
CA ARG A 86 -35.77 -26.10 -31.64
C ARG A 86 -36.81 -25.42 -32.54
N ASP A 87 -37.94 -24.96 -31.95
CA ASP A 87 -39.00 -24.25 -32.66
C ASP A 87 -38.84 -22.70 -32.62
N VAL A 88 -37.62 -22.22 -32.89
CA VAL A 88 -37.30 -20.80 -32.94
C VAL A 88 -37.69 -20.23 -34.31
N ASN A 89 -38.20 -18.98 -34.36
CA ASN A 89 -38.56 -18.40 -35.64
C ASN A 89 -37.61 -17.26 -36.01
N ILE A 90 -36.72 -17.52 -36.98
CA ILE A 90 -35.79 -16.51 -37.45
C ILE A 90 -36.39 -15.85 -38.70
N LEU A 91 -36.74 -14.57 -38.56
CA LEU A 91 -37.40 -13.82 -39.62
C LEU A 91 -36.52 -12.73 -40.17
N GLY A 92 -36.10 -12.92 -41.41
CA GLY A 92 -35.34 -11.94 -42.14
C GLY A 92 -36.30 -10.94 -42.75
N TYR A 93 -36.01 -9.65 -42.53
CA TYR A 93 -36.79 -8.52 -43.03
C TYR A 93 -35.84 -7.54 -43.71
N ALA A 94 -35.96 -7.35 -45.02
CA ALA A 94 -35.09 -6.41 -45.73
C ALA A 94 -35.77 -5.82 -46.95
N ARG A 95 -35.11 -4.87 -47.62
CA ARG A 95 -35.69 -4.24 -48.81
C ARG A 95 -35.53 -5.09 -50.07
N SER A 96 -34.59 -6.07 -50.07
CA SER A 96 -34.34 -6.94 -51.23
C SER A 96 -35.57 -7.73 -51.62
N THR A 97 -35.92 -7.65 -52.90
CA THR A 97 -37.09 -8.29 -53.53
C THR A 97 -36.73 -9.68 -54.09
N MET A 98 -35.81 -10.40 -53.39
CA MET A 98 -35.32 -11.71 -53.80
C MET A 98 -36.43 -12.74 -53.96
N GLU A 99 -36.31 -13.45 -55.07
CA GLU A 99 -37.16 -14.50 -55.62
C GLU A 99 -37.04 -15.85 -54.86
N ASP A 100 -35.83 -16.45 -54.85
CA ASP A 100 -35.54 -17.77 -54.26
C ASP A 100 -34.84 -17.63 -52.94
N VAL A 101 -35.63 -17.75 -51.87
CA VAL A 101 -35.15 -17.66 -50.49
C VAL A 101 -34.42 -18.92 -50.11
N GLU A 102 -34.91 -20.08 -50.59
CA GLU A 102 -34.28 -21.37 -50.31
C GLU A 102 -32.88 -21.44 -50.88
N LYS A 103 -32.65 -20.83 -52.08
CA LYS A 103 -31.35 -20.75 -52.72
C LYS A 103 -30.45 -19.76 -51.96
N TRP A 104 -31.02 -18.63 -51.48
CA TRP A 104 -30.30 -17.60 -50.71
C TRP A 104 -29.78 -18.21 -49.42
N LYS A 105 -30.66 -18.95 -48.71
CA LYS A 105 -30.35 -19.65 -47.46
C LYS A 105 -29.28 -20.75 -47.66
N LYS A 106 -29.40 -21.60 -48.71
CA LYS A 106 -28.47 -22.70 -49.00
C LYS A 106 -27.11 -22.22 -49.54
N ASP A 107 -27.12 -21.38 -50.59
CA ASP A 107 -25.90 -20.91 -51.24
C ASP A 107 -25.23 -19.73 -50.54
N THR A 108 -25.94 -18.58 -50.40
CA THR A 108 -25.39 -17.38 -49.79
C THR A 108 -25.18 -17.55 -48.29
N LEU A 109 -26.28 -17.70 -47.51
CA LEU A 109 -26.25 -17.75 -46.05
C LEU A 109 -25.37 -18.85 -45.47
N ALA A 110 -25.66 -20.12 -45.81
CA ALA A 110 -24.94 -21.30 -45.35
C ALA A 110 -23.44 -21.28 -45.65
N GLY A 111 -23.04 -20.52 -46.67
CA GLY A 111 -21.64 -20.35 -47.03
C GLY A 111 -20.79 -19.72 -45.95
N PHE A 112 -21.39 -18.88 -45.09
CA PHE A 112 -20.67 -18.19 -44.01
C PHE A 112 -20.60 -18.94 -42.68
N PHE A 113 -21.28 -20.12 -42.58
CA PHE A 113 -21.30 -20.99 -41.40
C PHE A 113 -19.93 -21.64 -41.28
N THR A 114 -19.42 -21.82 -40.04
CA THR A 114 -18.01 -22.21 -39.88
C THR A 114 -17.70 -23.67 -39.50
N ARG A 115 -18.17 -24.19 -38.35
CA ARG A 115 -17.81 -25.56 -37.98
C ARG A 115 -18.63 -26.58 -38.74
N LEU A 116 -18.35 -26.73 -40.04
CA LEU A 116 -19.09 -27.64 -40.91
C LEU A 116 -18.48 -29.05 -40.98
N ASP A 117 -17.26 -29.21 -40.41
CA ASP A 117 -16.55 -30.49 -40.33
C ASP A 117 -17.03 -31.21 -39.06
N GLU A 118 -17.60 -30.45 -38.09
CA GLU A 118 -18.09 -30.94 -36.80
C GLU A 118 -19.61 -30.85 -36.64
N ARG A 119 -20.24 -29.70 -37.00
CA ARG A 119 -21.69 -29.54 -36.83
C ARG A 119 -22.42 -28.99 -38.10
N GLY A 120 -21.99 -29.44 -39.28
CA GLY A 120 -22.54 -29.05 -40.59
C GLY A 120 -23.70 -29.89 -41.12
N CYS A 121 -24.14 -30.87 -40.33
CA CYS A 121 -25.27 -31.75 -40.64
C CYS A 121 -26.56 -30.99 -40.27
N HIS A 122 -26.48 -30.14 -39.25
CA HIS A 122 -27.57 -29.33 -38.73
C HIS A 122 -27.93 -28.11 -39.59
N VAL A 123 -27.18 -27.86 -40.71
CA VAL A 123 -27.40 -26.72 -41.60
C VAL A 123 -28.84 -26.70 -42.09
N GLY A 124 -29.31 -27.83 -42.64
CA GLY A 124 -30.66 -27.98 -43.16
C GLY A 124 -31.76 -27.71 -42.15
N ASN A 125 -31.66 -28.34 -40.96
CA ASN A 125 -32.62 -28.19 -39.86
C ASN A 125 -32.73 -26.75 -39.39
N PHE A 126 -31.57 -26.06 -39.22
CA PHE A 126 -31.47 -24.66 -38.80
C PHE A 126 -32.08 -23.74 -39.83
N LEU A 127 -31.71 -23.92 -41.13
CA LEU A 127 -32.21 -23.13 -42.27
C LEU A 127 -33.72 -23.29 -42.44
N ARG A 128 -34.27 -24.41 -41.94
CA ARG A 128 -35.71 -24.69 -41.98
C ARG A 128 -36.46 -23.73 -41.03
N ARG A 129 -35.71 -23.14 -40.07
CA ARG A 129 -36.23 -22.18 -39.09
C ARG A 129 -36.32 -20.79 -39.66
N ILE A 130 -35.42 -20.44 -40.61
CA ILE A 130 -35.35 -19.13 -41.25
C ILE A 130 -36.42 -18.94 -42.34
N SER A 131 -37.07 -17.76 -42.28
CA SER A 131 -38.05 -17.26 -43.24
C SER A 131 -37.61 -15.83 -43.65
N TYR A 132 -38.02 -15.37 -44.85
CA TYR A 132 -37.68 -14.05 -45.35
C TYR A 132 -38.95 -13.22 -45.70
N MET A 133 -38.82 -11.88 -45.70
CA MET A 133 -39.92 -10.94 -45.97
C MET A 133 -39.41 -9.63 -46.59
N THR A 134 -39.90 -9.28 -47.79
CA THR A 134 -39.53 -7.98 -48.39
C THR A 134 -40.42 -6.90 -47.76
N GLY A 135 -39.82 -5.80 -47.30
CA GLY A 135 -40.54 -4.70 -46.69
C GLY A 135 -39.76 -3.40 -46.63
N SER A 136 -40.48 -2.28 -46.41
CA SER A 136 -39.91 -0.92 -46.29
C SER A 136 -39.61 -0.52 -44.84
N TYR A 137 -38.63 0.37 -44.67
CA TYR A 137 -38.22 0.83 -43.36
C TYR A 137 -38.94 2.12 -42.93
N ASP A 138 -39.89 2.61 -43.74
CA ASP A 138 -40.61 3.86 -43.47
C ASP A 138 -42.15 3.78 -43.59
N ARG A 139 -42.68 2.65 -44.13
CA ARG A 139 -44.12 2.50 -44.30
C ARG A 139 -44.73 1.57 -43.26
N ASP A 140 -45.70 2.11 -42.47
CA ASP A 140 -46.45 1.44 -41.40
C ASP A 140 -47.07 0.14 -41.87
N GLU A 141 -47.46 0.11 -43.15
CA GLU A 141 -48.05 -1.04 -43.83
C GLU A 141 -47.07 -2.23 -43.87
N ASP A 142 -45.77 -1.93 -43.98
CA ASP A 142 -44.74 -2.96 -44.00
C ASP A 142 -44.40 -3.48 -42.61
N PHE A 143 -44.64 -2.68 -41.54
CA PHE A 143 -44.42 -3.09 -40.15
C PHE A 143 -45.66 -3.84 -39.62
N ALA A 144 -46.87 -3.45 -40.12
CA ALA A 144 -48.15 -4.09 -39.81
C ALA A 144 -48.07 -5.48 -40.41
N ARG A 145 -47.47 -5.58 -41.62
CA ARG A 145 -47.20 -6.84 -42.30
C ARG A 145 -46.25 -7.70 -41.45
N LEU A 146 -45.24 -7.04 -40.81
CA LEU A 146 -44.27 -7.70 -39.93
C LEU A 146 -44.93 -8.24 -38.66
N ASN A 147 -45.72 -7.40 -37.95
CA ASN A 147 -46.43 -7.79 -36.72
C ASN A 147 -47.36 -8.96 -37.03
N GLU A 148 -48.09 -8.90 -38.16
CA GLU A 148 -49.01 -9.92 -38.65
C GLU A 148 -48.32 -11.29 -38.74
N ARG A 149 -47.10 -11.35 -39.35
CA ARG A 149 -46.34 -12.58 -39.56
C ARG A 149 -45.86 -13.19 -38.21
N ILE A 150 -45.17 -12.37 -37.35
CA ILE A 150 -44.69 -12.74 -36.01
C ILE A 150 -45.84 -13.37 -35.18
N LEU A 151 -47.06 -12.79 -35.29
CA LEU A 151 -48.28 -13.29 -34.63
C LEU A 151 -48.70 -14.68 -35.14
N ARG A 152 -48.60 -14.92 -36.49
CA ARG A 152 -48.92 -16.20 -37.18
C ARG A 152 -47.93 -17.32 -36.82
N MET A 153 -46.73 -16.94 -36.32
CA MET A 153 -45.68 -17.83 -35.84
C MET A 153 -45.87 -18.12 -34.35
N GLU A 154 -46.23 -17.07 -33.56
CA GLU A 154 -46.46 -17.15 -32.12
C GLU A 154 -47.66 -18.01 -31.75
N GLU A 155 -48.67 -18.01 -32.61
CA GLU A 155 -49.90 -18.77 -32.45
C GLU A 155 -49.64 -20.27 -32.72
N ALA A 156 -48.59 -20.58 -33.52
CA ALA A 156 -48.20 -21.95 -33.88
C ALA A 156 -47.49 -22.72 -32.73
N PHE A 157 -46.98 -22.01 -31.70
CA PHE A 157 -46.27 -22.55 -30.54
C PHE A 157 -47.09 -23.58 -29.75
N GLN A 158 -46.44 -24.72 -29.44
CA GLN A 158 -47.06 -25.82 -28.70
C GLN A 158 -46.75 -25.82 -27.19
N GLY A 159 -45.99 -24.82 -26.74
CA GLY A 159 -45.59 -24.69 -25.34
C GLY A 159 -46.65 -24.15 -24.40
N PRO A 160 -46.28 -23.93 -23.11
CA PRO A 160 -47.28 -23.47 -22.11
C PRO A 160 -47.86 -22.07 -22.33
N GLU A 161 -47.00 -21.02 -22.35
CA GLU A 161 -47.43 -19.62 -22.50
C GLU A 161 -47.86 -19.26 -23.92
N LYS A 162 -49.10 -18.71 -24.03
CA LYS A 162 -49.82 -18.32 -25.24
C LYS A 162 -49.26 -17.07 -25.98
N GLY A 163 -48.36 -16.34 -25.33
CA GLY A 163 -47.74 -15.16 -25.93
C GLY A 163 -46.52 -15.49 -26.77
N GLY A 164 -45.53 -14.60 -26.78
CA GLY A 164 -44.31 -14.82 -27.55
C GLY A 164 -43.27 -13.73 -27.44
N ASN A 165 -42.05 -14.12 -27.05
CA ASN A 165 -40.90 -13.22 -26.91
C ASN A 165 -40.34 -12.77 -28.27
N ARG A 166 -40.03 -11.47 -28.39
CA ARG A 166 -39.46 -10.89 -29.62
C ARG A 166 -38.08 -10.20 -29.43
N LEU A 167 -37.07 -10.71 -30.14
CA LEU A 167 -35.77 -10.07 -30.19
C LEU A 167 -35.59 -9.50 -31.60
N PHE A 168 -35.44 -8.17 -31.74
CA PHE A 168 -35.24 -7.48 -33.03
C PHE A 168 -33.78 -7.09 -33.22
N TYR A 169 -33.13 -7.60 -34.27
CA TYR A 169 -31.73 -7.30 -34.60
C TYR A 169 -31.74 -6.28 -35.75
N LEU A 170 -31.42 -5.03 -35.41
CA LEU A 170 -31.43 -3.92 -36.35
C LEU A 170 -30.07 -3.76 -37.02
N ALA A 171 -29.85 -4.48 -38.14
CA ALA A 171 -28.61 -4.41 -38.94
C ALA A 171 -28.94 -3.55 -40.19
N LEU A 172 -29.28 -2.27 -39.96
CA LEU A 172 -29.73 -1.32 -40.99
C LEU A 172 -28.77 -0.15 -41.25
N PRO A 173 -28.87 0.55 -42.41
CA PRO A 173 -28.04 1.76 -42.59
C PRO A 173 -28.53 2.87 -41.65
N PRO A 174 -27.64 3.71 -41.02
CA PRO A 174 -28.12 4.71 -40.04
C PRO A 174 -29.17 5.73 -40.52
N SER A 175 -29.41 5.87 -41.83
CA SER A 175 -30.40 6.84 -42.31
C SER A 175 -31.85 6.37 -42.10
N VAL A 176 -32.06 5.07 -41.81
CA VAL A 176 -33.38 4.48 -41.67
C VAL A 176 -33.69 4.07 -40.22
N PHE A 177 -32.68 4.16 -39.31
CA PHE A 177 -32.76 3.73 -37.91
C PHE A 177 -34.00 4.23 -37.16
N VAL A 178 -34.15 5.55 -36.96
CA VAL A 178 -35.29 6.12 -36.24
C VAL A 178 -36.64 5.77 -36.92
N GLY A 179 -36.62 5.64 -38.25
CA GLY A 179 -37.78 5.22 -39.05
C GLY A 179 -38.28 3.86 -38.62
N VAL A 180 -37.37 2.88 -38.56
CA VAL A 180 -37.63 1.51 -38.11
C VAL A 180 -38.09 1.48 -36.65
N CYS A 181 -37.34 2.13 -35.74
CA CYS A 181 -37.66 2.20 -34.31
C CYS A 181 -39.05 2.74 -34.03
N ARG A 182 -39.47 3.77 -34.77
CA ARG A 182 -40.80 4.37 -34.64
C ARG A 182 -41.86 3.36 -35.12
N GLY A 183 -41.59 2.70 -36.25
CA GLY A 183 -42.46 1.69 -36.86
C GLY A 183 -42.67 0.47 -35.99
N LEU A 184 -41.57 -0.07 -35.43
CA LEU A 184 -41.54 -1.23 -34.53
C LEU A 184 -42.27 -0.92 -33.24
N SER A 185 -42.00 0.26 -32.63
CA SER A 185 -42.64 0.69 -31.39
C SER A 185 -44.14 0.92 -31.61
N LYS A 186 -44.51 1.51 -32.77
CA LYS A 186 -45.90 1.84 -33.13
C LYS A 186 -46.79 0.62 -33.22
N GLY A 187 -46.30 -0.43 -33.88
CA GLY A 187 -47.09 -1.65 -34.05
C GLY A 187 -46.38 -2.92 -34.47
N ALA A 188 -45.41 -3.38 -33.65
CA ALA A 188 -44.70 -4.65 -33.82
C ALA A 188 -44.32 -5.18 -32.44
N MET A 189 -44.85 -4.52 -31.39
CA MET A 189 -44.62 -4.82 -29.98
C MET A 189 -45.52 -5.94 -29.46
N GLN A 190 -45.03 -6.66 -28.41
CA GLN A 190 -45.79 -7.73 -27.78
C GLN A 190 -46.68 -7.19 -26.65
N LYS A 191 -47.90 -7.72 -26.56
CA LYS A 191 -48.93 -7.37 -25.59
C LYS A 191 -48.39 -7.41 -24.14
N PRO A 192 -48.98 -6.63 -23.19
CA PRO A 192 -48.48 -6.69 -21.80
C PRO A 192 -48.75 -8.05 -21.14
N GLU A 193 -47.74 -8.53 -20.38
CA GLU A 193 -47.71 -9.81 -19.63
C GLU A 193 -47.78 -11.05 -20.55
N LEU A 194 -47.32 -10.92 -21.84
CA LEU A 194 -47.33 -12.02 -22.82
C LEU A 194 -46.00 -12.22 -23.60
N GLY A 195 -44.89 -11.80 -22.98
CA GLY A 195 -43.56 -11.93 -23.56
C GLY A 195 -42.85 -10.60 -23.70
N TRP A 196 -41.51 -10.59 -23.46
CA TRP A 196 -40.65 -9.42 -23.58
C TRP A 196 -40.34 -9.05 -25.04
N VAL A 197 -39.92 -7.79 -25.24
CA VAL A 197 -39.44 -7.31 -26.53
C VAL A 197 -38.09 -6.67 -26.25
N ARG A 198 -37.06 -7.14 -26.99
CA ARG A 198 -35.67 -6.69 -26.88
C ARG A 198 -35.13 -6.23 -28.23
N LEU A 199 -34.48 -5.07 -28.27
CA LEU A 199 -33.96 -4.46 -29.49
C LEU A 199 -32.44 -4.42 -29.48
N ILE A 200 -31.79 -5.17 -30.38
CA ILE A 200 -30.33 -5.13 -30.55
C ILE A 200 -30.07 -4.07 -31.60
N VAL A 201 -29.27 -3.10 -31.23
CA VAL A 201 -28.95 -1.95 -32.06
C VAL A 201 -27.44 -1.89 -32.39
N GLU A 202 -27.14 -1.67 -33.67
CA GLU A 202 -25.78 -1.62 -34.20
C GLU A 202 -25.24 -0.19 -34.38
N LYS A 203 -23.91 -0.03 -34.33
CA LYS A 203 -23.22 1.24 -34.58
C LYS A 203 -23.48 1.66 -36.08
N PRO A 204 -23.37 2.97 -36.47
CA PRO A 204 -22.94 4.15 -35.70
C PRO A 204 -24.00 4.75 -34.78
N PHE A 205 -23.55 5.22 -33.59
CA PHE A 205 -24.39 5.88 -32.60
C PHE A 205 -24.02 7.36 -32.61
N GLY A 206 -24.29 8.00 -33.75
CA GLY A 206 -23.96 9.38 -34.01
C GLY A 206 -22.52 9.52 -34.47
N ARG A 207 -22.06 10.78 -34.56
CA ARG A 207 -20.73 11.12 -35.02
C ARG A 207 -19.97 11.95 -34.02
N ASP A 208 -20.65 12.37 -32.95
CA ASP A 208 -20.16 13.18 -31.82
C ASP A 208 -21.26 13.26 -30.75
N THR A 209 -21.00 13.94 -29.62
CA THR A 209 -21.94 14.11 -28.49
C THR A 209 -23.34 14.57 -28.93
N GLU A 210 -23.45 15.69 -29.70
CA GLU A 210 -24.71 16.30 -30.13
C GLU A 210 -25.58 15.38 -31.01
N THR A 211 -24.98 14.76 -32.04
CA THR A 211 -25.68 13.85 -32.95
C THR A 211 -26.11 12.56 -32.25
N SER A 212 -25.30 12.08 -31.31
CA SER A 212 -25.58 10.88 -30.54
C SER A 212 -26.74 11.17 -29.56
N GLU A 213 -26.68 12.34 -28.83
CA GLU A 213 -27.67 12.82 -27.85
C GLU A 213 -29.02 12.95 -28.51
N GLN A 214 -29.01 13.47 -29.77
CA GLN A 214 -30.19 13.61 -30.60
C GLN A 214 -30.85 12.22 -30.74
N LEU A 215 -30.09 11.24 -31.25
CA LEU A 215 -30.55 9.88 -31.46
C LEU A 215 -31.09 9.24 -30.17
N SER A 216 -30.43 9.48 -29.02
CA SER A 216 -30.86 8.91 -27.74
C SER A 216 -32.19 9.48 -27.29
N ASN A 217 -32.41 10.80 -27.57
CA ASN A 217 -33.66 11.51 -27.27
C ASN A 217 -34.79 11.03 -28.17
N GLN A 218 -34.47 10.66 -29.43
CA GLN A 218 -35.44 10.19 -30.44
C GLN A 218 -35.95 8.81 -30.07
N LEU A 219 -35.13 8.03 -29.35
CA LEU A 219 -35.43 6.67 -28.91
C LEU A 219 -36.06 6.57 -27.51
N LYS A 220 -35.82 7.59 -26.64
CA LYS A 220 -36.31 7.66 -25.26
C LYS A 220 -37.83 7.42 -25.15
N PRO A 221 -38.71 8.11 -25.93
CA PRO A 221 -40.16 7.81 -25.81
C PRO A 221 -40.60 6.51 -26.46
N LEU A 222 -39.76 5.94 -27.36
CA LEU A 222 -40.06 4.73 -28.13
C LEU A 222 -39.90 3.43 -27.36
N PHE A 223 -38.79 3.32 -26.59
CA PHE A 223 -38.44 2.12 -25.80
C PHE A 223 -37.78 2.50 -24.51
N ASN A 224 -37.90 1.64 -23.50
CA ASN A 224 -37.22 1.89 -22.26
C ASN A 224 -35.81 1.31 -22.33
N GLU A 225 -34.82 1.96 -21.68
CA GLU A 225 -33.40 1.60 -21.68
C GLU A 225 -33.20 0.10 -21.56
N ARG A 226 -33.88 -0.57 -20.58
CA ARG A 226 -33.88 -2.05 -20.34
C ARG A 226 -34.12 -2.90 -21.60
N GLN A 227 -34.95 -2.41 -22.53
CA GLN A 227 -35.31 -3.04 -23.80
C GLN A 227 -34.26 -2.83 -24.88
N VAL A 228 -33.32 -1.88 -24.67
CA VAL A 228 -32.31 -1.51 -25.69
C VAL A 228 -30.95 -2.20 -25.40
N PHE A 229 -30.46 -2.90 -26.44
CA PHE A 229 -29.21 -3.65 -26.41
C PHE A 229 -28.26 -3.12 -27.48
N ARG A 230 -27.53 -2.03 -27.12
CA ARG A 230 -26.57 -1.37 -28.01
C ARG A 230 -25.30 -2.22 -28.09
N ILE A 231 -25.08 -2.79 -29.28
CA ILE A 231 -23.96 -3.69 -29.52
C ILE A 231 -22.64 -2.93 -29.78
N ASP A 232 -21.59 -3.41 -29.11
CA ASP A 232 -20.19 -3.12 -29.32
C ASP A 232 -19.59 -4.52 -29.19
N HIS A 233 -19.23 -5.16 -30.33
CA HIS A 233 -18.78 -6.56 -30.37
C HIS A 233 -17.49 -6.86 -29.58
N TYR A 234 -16.72 -5.84 -29.18
CA TYR A 234 -15.53 -6.09 -28.35
C TYR A 234 -15.88 -6.66 -26.99
N LEU A 235 -17.07 -6.32 -26.46
CA LEU A 235 -17.58 -6.80 -25.17
C LEU A 235 -18.02 -8.25 -25.21
N GLY A 236 -17.84 -8.90 -26.37
CA GLY A 236 -18.14 -10.31 -26.62
C GLY A 236 -16.92 -11.17 -26.91
N LYS A 237 -15.72 -10.54 -26.94
CA LYS A 237 -14.43 -11.20 -27.17
C LYS A 237 -13.98 -11.88 -25.89
N GLU A 238 -13.50 -13.14 -25.97
CA GLU A 238 -13.10 -13.92 -24.80
C GLU A 238 -12.13 -13.17 -23.88
N MET A 239 -11.12 -12.46 -24.43
CA MET A 239 -10.15 -11.74 -23.60
C MET A 239 -10.70 -10.47 -22.98
N VAL A 240 -11.68 -9.81 -23.64
CA VAL A 240 -12.32 -8.61 -23.10
C VAL A 240 -13.27 -9.01 -21.96
N GLN A 241 -13.99 -10.11 -22.12
CA GLN A 241 -14.89 -10.64 -21.09
C GLN A 241 -14.15 -11.12 -19.81
N ASN A 242 -12.84 -11.40 -19.94
CA ASN A 242 -12.02 -11.89 -18.82
C ASN A 242 -11.37 -10.75 -18.01
N ILE A 243 -11.44 -9.50 -18.50
CA ILE A 243 -10.85 -8.34 -17.81
C ILE A 243 -11.35 -8.25 -16.37
N ILE A 244 -12.66 -8.25 -16.21
CA ILE A 244 -13.33 -8.15 -14.90
C ILE A 244 -12.92 -9.30 -13.91
N VAL A 245 -12.71 -10.53 -14.42
CA VAL A 245 -12.26 -11.65 -13.60
C VAL A 245 -10.78 -11.46 -13.23
N THR A 246 -9.92 -11.22 -14.25
CA THR A 246 -8.49 -11.01 -14.03
C THR A 246 -8.22 -10.03 -12.91
N ARG A 247 -8.94 -8.87 -12.94
CA ARG A 247 -8.82 -7.71 -12.06
C ARG A 247 -9.39 -7.87 -10.67
N PHE A 248 -10.60 -8.46 -10.53
CA PHE A 248 -11.30 -8.44 -9.23
C PHE A 248 -11.51 -9.82 -8.57
N ALA A 249 -11.02 -10.93 -9.16
CA ALA A 249 -11.09 -12.26 -8.54
C ALA A 249 -9.69 -12.63 -7.99
N ASN A 250 -8.69 -11.81 -8.32
CA ASN A 250 -7.28 -12.03 -7.97
C ASN A 250 -6.60 -10.92 -7.19
N ARG A 251 -6.02 -11.24 -5.98
CA ARG A 251 -5.28 -10.27 -5.18
C ARG A 251 -3.97 -9.78 -5.85
N VAL A 252 -3.29 -10.65 -6.64
CA VAL A 252 -2.07 -10.31 -7.37
C VAL A 252 -2.29 -9.08 -8.28
N PHE A 253 -3.39 -9.04 -9.04
CA PHE A 253 -3.69 -7.90 -9.92
C PHE A 253 -4.39 -6.79 -9.21
N SER A 254 -5.28 -7.13 -8.25
CA SER A 254 -6.02 -6.15 -7.42
C SER A 254 -5.07 -5.21 -6.67
N ALA A 255 -4.09 -5.75 -5.92
CA ALA A 255 -3.11 -4.96 -5.18
C ALA A 255 -2.27 -4.02 -6.04
N LEU A 256 -1.94 -4.48 -7.25
CA LEU A 256 -1.08 -3.79 -8.23
C LEU A 256 -1.79 -2.81 -9.16
N TRP A 257 -3.15 -2.85 -9.22
CA TRP A 257 -3.93 -2.07 -10.18
C TRP A 257 -4.23 -0.65 -9.74
N ASN A 258 -3.18 0.20 -9.65
CA ASN A 258 -3.26 1.62 -9.31
C ASN A 258 -1.92 2.36 -9.59
N SER A 259 -1.91 3.70 -9.58
CA SER A 259 -0.76 4.59 -9.85
C SER A 259 0.53 4.27 -9.07
N ASN A 260 0.47 3.57 -7.93
CA ASN A 260 1.67 3.26 -7.16
C ASN A 260 2.56 2.23 -7.84
N SER A 261 1.97 1.26 -8.55
CA SER A 261 2.67 0.14 -9.23
C SER A 261 2.68 0.29 -10.75
N ILE A 262 1.60 0.81 -11.36
CA ILE A 262 1.52 1.00 -12.82
C ILE A 262 2.15 2.33 -13.27
N ALA A 263 3.04 2.23 -14.27
CA ALA A 263 3.73 3.35 -14.90
C ALA A 263 3.03 3.80 -16.18
N CYS A 264 2.55 2.82 -17.00
CA CYS A 264 1.92 3.14 -18.29
C CYS A 264 0.93 2.05 -18.74
N VAL A 265 -0.22 2.45 -19.31
CA VAL A 265 -1.20 1.52 -19.87
C VAL A 265 -1.37 1.81 -21.37
N GLN A 266 -1.13 0.79 -22.20
CA GLN A 266 -1.27 0.88 -23.66
C GLN A 266 -2.37 -0.07 -24.21
N ILE A 267 -3.25 0.46 -25.07
CA ILE A 267 -4.31 -0.29 -25.76
C ILE A 267 -4.03 -0.18 -27.27
N THR A 268 -3.80 -1.33 -27.93
CA THR A 268 -3.41 -1.39 -29.33
C THR A 268 -4.37 -2.15 -30.22
N PHE A 269 -4.64 -1.55 -31.39
CA PHE A 269 -5.41 -2.09 -32.49
C PHE A 269 -4.60 -1.88 -33.77
N LYS A 270 -4.27 -2.98 -34.44
CA LYS A 270 -3.50 -2.99 -35.68
C LYS A 270 -4.22 -3.87 -36.69
N GLU A 271 -4.23 -3.44 -37.94
CA GLU A 271 -4.84 -4.18 -39.03
C GLU A 271 -3.93 -4.12 -40.25
N LYS A 272 -3.73 -5.27 -40.94
CA LYS A 272 -2.92 -5.29 -42.16
C LYS A 272 -3.76 -4.74 -43.32
N ILE A 273 -5.10 -4.97 -43.27
CA ILE A 273 -6.10 -4.53 -44.26
C ILE A 273 -6.26 -2.99 -44.22
N GLY A 274 -6.57 -2.39 -45.37
CA GLY A 274 -6.84 -0.96 -45.46
C GLY A 274 -8.33 -0.70 -45.55
N THR A 275 -8.72 0.34 -46.32
CA THR A 275 -10.11 0.63 -46.65
C THR A 275 -10.19 0.01 -48.05
N GLU A 276 -10.09 -1.34 -48.08
CA GLU A 276 -10.00 -2.11 -49.32
C GLU A 276 -11.32 -2.15 -50.07
N GLY A 277 -11.46 -1.20 -51.00
CA GLY A 277 -12.66 -1.07 -51.83
C GLY A 277 -13.69 -0.11 -51.29
N ARG A 278 -14.06 -0.27 -50.00
CA ARG A 278 -15.05 0.58 -49.33
C ARG A 278 -14.35 1.66 -48.50
N GLY A 279 -13.81 2.64 -49.22
CA GLY A 279 -13.12 3.81 -48.65
C GLY A 279 -14.00 5.03 -48.53
N GLY A 280 -15.09 5.05 -49.31
CA GLY A 280 -16.08 6.11 -49.31
C GLY A 280 -16.93 6.11 -48.04
N TYR A 281 -17.09 4.93 -47.42
CA TYR A 281 -17.82 4.85 -46.16
C TYR A 281 -16.91 5.37 -45.05
N PHE A 282 -15.67 4.84 -44.96
CA PHE A 282 -14.66 5.17 -43.95
C PHE A 282 -14.33 6.65 -43.88
N ASP A 283 -14.22 7.32 -45.05
CA ASP A 283 -13.89 8.73 -45.20
C ASP A 283 -14.67 9.67 -44.28
N SER A 284 -15.95 9.34 -44.06
CA SER A 284 -16.92 10.05 -43.23
C SER A 284 -16.77 9.72 -41.73
N ILE A 285 -16.13 8.58 -41.41
CA ILE A 285 -15.98 8.08 -40.06
C ILE A 285 -14.60 8.37 -39.43
N GLY A 286 -13.50 7.88 -40.05
CA GLY A 286 -12.16 8.05 -39.53
C GLY A 286 -11.83 6.97 -38.51
N ILE A 287 -10.52 6.83 -38.12
CA ILE A 287 -10.11 5.75 -37.20
C ILE A 287 -10.62 5.96 -35.75
N ILE A 288 -10.76 7.23 -35.30
CA ILE A 288 -11.24 7.53 -33.93
C ILE A 288 -12.69 7.15 -33.77
N ARG A 289 -13.56 7.60 -34.68
CA ARG A 289 -14.99 7.28 -34.62
C ARG A 289 -15.28 5.79 -34.84
N ASP A 290 -14.46 5.10 -35.65
CA ASP A 290 -14.59 3.68 -36.01
C ASP A 290 -14.18 2.70 -34.94
N VAL A 291 -12.98 2.89 -34.36
CA VAL A 291 -12.35 1.96 -33.42
C VAL A 291 -12.15 2.52 -32.02
N ILE A 292 -11.53 3.72 -31.91
CA ILE A 292 -11.15 4.32 -30.63
C ILE A 292 -12.34 4.70 -29.75
N GLN A 293 -13.33 5.46 -30.25
CA GLN A 293 -14.48 5.93 -29.46
C GLN A 293 -15.32 4.78 -28.82
N ASN A 294 -15.50 3.68 -29.56
CA ASN A 294 -16.35 2.57 -29.15
C ASN A 294 -15.58 1.42 -28.57
N HIS A 295 -14.92 0.63 -29.43
CA HIS A 295 -14.17 -0.57 -29.07
C HIS A 295 -13.12 -0.38 -28.01
N LEU A 296 -12.11 0.48 -28.24
CA LEU A 296 -10.98 0.67 -27.32
C LEU A 296 -11.34 1.47 -26.06
N THR A 297 -12.42 2.25 -26.11
CA THR A 297 -12.90 2.95 -24.93
C THR A 297 -13.60 1.95 -23.99
N GLN A 298 -14.24 0.87 -24.54
CA GLN A 298 -14.86 -0.20 -23.75
C GLN A 298 -13.77 -0.90 -22.94
N ILE A 299 -12.63 -1.23 -23.60
CA ILE A 299 -11.46 -1.84 -23.00
C ILE A 299 -10.94 -0.88 -21.94
N LEU A 300 -10.86 0.43 -22.29
CA LEU A 300 -10.42 1.45 -21.34
C LEU A 300 -11.30 1.48 -20.08
N SER A 301 -12.64 1.39 -20.22
CA SER A 301 -13.56 1.42 -19.08
C SER A 301 -13.41 0.22 -18.17
N LEU A 302 -13.18 -0.97 -18.76
CA LEU A 302 -13.04 -2.21 -17.97
C LEU A 302 -11.70 -2.29 -17.25
N LEU A 303 -10.66 -1.67 -17.84
CA LEU A 303 -9.30 -1.64 -17.29
C LEU A 303 -9.15 -0.60 -16.17
N THR A 304 -9.98 0.48 -16.19
CA THR A 304 -9.87 1.63 -15.27
C THR A 304 -10.97 1.74 -14.20
N MET A 305 -12.12 1.04 -14.39
CA MET A 305 -13.24 1.08 -13.45
C MET A 305 -12.87 0.63 -12.05
N GLU A 306 -13.67 1.05 -11.04
CA GLU A 306 -13.53 0.66 -9.65
C GLU A 306 -14.16 -0.71 -9.50
N LYS A 307 -13.98 -1.36 -8.35
CA LYS A 307 -14.55 -2.68 -8.14
C LYS A 307 -16.07 -2.53 -8.01
N PRO A 308 -16.84 -3.32 -8.80
CA PRO A 308 -18.31 -3.20 -8.75
C PRO A 308 -18.92 -3.66 -7.41
N ARG A 309 -20.08 -3.09 -7.05
CA ARG A 309 -20.83 -3.40 -5.81
C ARG A 309 -21.27 -4.86 -5.79
N SER A 310 -21.49 -5.45 -6.98
CA SER A 310 -21.85 -6.85 -7.23
C SER A 310 -21.56 -7.20 -8.70
N LEU A 311 -21.82 -8.44 -9.12
CA LEU A 311 -21.63 -8.78 -10.53
C LEU A 311 -22.91 -8.55 -11.37
N SER A 312 -23.88 -7.75 -10.86
CA SER A 312 -25.10 -7.43 -11.60
C SER A 312 -24.78 -6.48 -12.78
N ALA A 313 -25.66 -6.41 -13.80
CA ALA A 313 -25.43 -5.58 -14.98
C ALA A 313 -25.29 -4.12 -14.61
N GLU A 314 -26.28 -3.55 -13.88
N GLU A 314 -26.30 -3.59 -13.87
CA GLU A 314 -26.22 -2.14 -13.53
CA GLU A 314 -26.40 -2.22 -13.39
C GLU A 314 -25.08 -1.83 -12.62
C GLU A 314 -25.16 -1.84 -12.58
N ASP A 315 -24.73 -2.71 -11.66
CA ASP A 315 -23.56 -2.48 -10.80
C ASP A 315 -22.26 -2.39 -11.58
N ILE A 316 -22.13 -3.16 -12.69
CA ILE A 316 -20.93 -3.15 -13.54
C ILE A 316 -20.96 -1.93 -14.43
N ARG A 317 -22.10 -1.68 -15.10
CA ARG A 317 -22.29 -0.54 -16.02
C ARG A 317 -22.21 0.81 -15.30
N ASP A 318 -22.53 0.87 -13.99
CA ASP A 318 -22.42 2.08 -13.17
C ASP A 318 -20.95 2.45 -12.93
N GLU A 319 -20.06 1.45 -12.83
CA GLU A 319 -18.64 1.70 -12.64
C GLU A 319 -17.98 2.12 -13.95
N LYS A 320 -18.47 1.57 -15.09
CA LYS A 320 -18.00 1.91 -16.44
C LYS A 320 -18.29 3.37 -16.72
N VAL A 321 -19.54 3.83 -16.49
CA VAL A 321 -19.95 5.24 -16.68
C VAL A 321 -19.13 6.15 -15.79
N GLN A 322 -18.98 5.75 -14.52
CA GLN A 322 -18.25 6.50 -13.49
C GLN A 322 -16.83 6.87 -13.89
N VAL A 323 -16.05 5.90 -14.39
CA VAL A 323 -14.68 6.16 -14.81
C VAL A 323 -14.67 7.01 -16.09
N LEU A 324 -15.48 6.64 -17.09
CA LEU A 324 -15.55 7.39 -18.36
C LEU A 324 -15.88 8.87 -18.12
N ARG A 325 -16.63 9.16 -17.05
CA ARG A 325 -17.01 10.52 -16.70
C ARG A 325 -15.86 11.32 -16.07
N GLN A 326 -14.71 10.65 -15.82
CA GLN A 326 -13.51 11.20 -15.20
C GLN A 326 -12.32 11.18 -16.16
N VAL A 327 -12.53 10.80 -17.44
CA VAL A 327 -11.45 10.81 -18.43
C VAL A 327 -11.42 12.22 -18.97
N VAL A 328 -10.25 12.89 -18.90
CA VAL A 328 -10.16 14.25 -19.41
C VAL A 328 -10.29 14.20 -20.96
N PRO A 329 -11.11 15.07 -21.59
CA PRO A 329 -11.25 15.00 -23.05
C PRO A 329 -9.91 15.07 -23.77
N ALA A 330 -9.70 14.13 -24.70
CA ALA A 330 -8.49 14.04 -25.50
C ALA A 330 -8.21 15.40 -26.14
N ASN A 331 -6.95 15.83 -26.01
CA ASN A 331 -6.50 17.13 -26.52
C ASN A 331 -5.66 16.98 -27.80
N PRO A 332 -5.92 17.84 -28.81
CA PRO A 332 -5.18 17.74 -30.10
C PRO A 332 -3.66 17.76 -30.04
N ALA A 333 -3.08 18.40 -29.01
CA ALA A 333 -1.64 18.49 -28.81
C ALA A 333 -1.08 17.12 -28.38
N GLU A 334 -1.89 16.33 -27.64
CA GLU A 334 -1.50 15.01 -27.14
C GLU A 334 -2.07 13.89 -28.02
N CYS A 335 -1.69 13.89 -29.32
CA CYS A 335 -2.10 12.88 -30.31
C CYS A 335 -1.26 12.95 -31.59
N VAL A 336 -1.24 11.85 -32.36
CA VAL A 336 -0.56 11.71 -33.66
C VAL A 336 -1.54 11.02 -34.63
N LEU A 337 -1.69 11.57 -35.85
CA LEU A 337 -2.61 11.03 -36.86
C LEU A 337 -1.87 10.65 -38.13
N GLY A 338 -2.36 9.61 -38.79
CA GLY A 338 -1.79 9.13 -40.04
C GLY A 338 -2.85 8.76 -41.07
N GLN A 339 -2.44 8.74 -42.35
CA GLN A 339 -3.23 8.34 -43.52
C GLN A 339 -2.28 7.56 -44.44
N TYR A 340 -2.59 6.28 -44.70
CA TYR A 340 -1.69 5.41 -45.47
C TYR A 340 -1.58 5.76 -46.95
N THR A 341 -0.34 5.67 -47.43
CA THR A 341 0.07 5.86 -48.82
C THR A 341 0.32 4.44 -49.37
N ALA A 342 0.76 4.31 -50.63
CA ALA A 342 1.01 3.00 -51.24
C ALA A 342 2.19 2.29 -50.57
N SER A 343 2.10 0.94 -50.50
CA SER A 343 3.13 0.07 -49.91
C SER A 343 4.44 0.14 -50.71
N ALA A 344 5.59 0.00 -50.01
CA ALA A 344 6.95 0.04 -50.55
C ALA A 344 7.12 -0.60 -51.93
N ASP A 345 6.41 -1.73 -52.17
CA ASP A 345 6.47 -2.49 -53.42
C ASP A 345 5.36 -2.12 -54.44
N GLY A 346 4.14 -1.88 -53.95
CA GLY A 346 2.99 -1.53 -54.79
C GLY A 346 1.77 -2.40 -54.61
N SER A 347 1.90 -3.52 -53.84
CA SER A 347 0.83 -4.48 -53.55
C SER A 347 -0.44 -3.78 -53.06
N THR A 348 -0.35 -3.06 -51.92
CA THR A 348 -1.45 -2.32 -51.34
C THR A 348 -1.43 -0.86 -51.85
N PRO A 349 -2.48 -0.39 -52.59
CA PRO A 349 -2.49 1.00 -53.05
C PRO A 349 -2.74 1.99 -51.91
N GLY A 350 -2.44 3.26 -52.15
CA GLY A 350 -2.62 4.35 -51.19
C GLY A 350 -4.09 4.57 -50.87
N TYR A 351 -4.37 5.19 -49.71
CA TYR A 351 -5.74 5.47 -49.28
C TYR A 351 -6.50 6.33 -50.30
N LEU A 352 -5.82 7.35 -50.84
CA LEU A 352 -6.38 8.28 -51.80
C LEU A 352 -6.49 7.71 -53.24
N ASP A 353 -5.84 6.54 -53.52
CA ASP A 353 -5.91 5.86 -54.82
C ASP A 353 -7.28 5.24 -55.07
N ASP A 354 -8.08 5.05 -53.99
CA ASP A 354 -9.43 4.51 -54.01
C ASP A 354 -10.37 5.54 -54.66
N PRO A 355 -11.12 5.16 -55.74
CA PRO A 355 -12.04 6.13 -56.39
C PRO A 355 -13.22 6.60 -55.53
N SER A 356 -13.62 5.79 -54.51
CA SER A 356 -14.71 6.05 -53.55
C SER A 356 -14.29 7.19 -52.60
N VAL A 357 -12.97 7.34 -52.39
CA VAL A 357 -12.36 8.35 -51.52
C VAL A 357 -12.30 9.70 -52.25
N PRO A 358 -12.91 10.79 -51.67
CA PRO A 358 -12.81 12.11 -52.33
C PRO A 358 -11.38 12.65 -52.43
N LYS A 359 -11.13 13.46 -53.47
CA LYS A 359 -9.84 14.08 -53.76
C LYS A 359 -9.40 15.02 -52.62
N GLY A 360 -8.16 14.85 -52.17
CA GLY A 360 -7.56 15.66 -51.11
C GLY A 360 -8.12 15.46 -49.72
N SER A 361 -8.65 14.25 -49.44
CA SER A 361 -9.21 13.91 -48.14
C SER A 361 -8.12 13.82 -47.04
N HIS A 362 -8.39 14.45 -45.88
CA HIS A 362 -7.46 14.41 -44.73
C HIS A 362 -7.98 13.48 -43.63
N CYS A 363 -8.65 12.38 -44.04
CA CYS A 363 -9.22 11.38 -43.15
C CYS A 363 -8.12 10.53 -42.48
N PRO A 364 -8.06 10.46 -41.12
CA PRO A 364 -7.02 9.62 -40.50
C PRO A 364 -7.37 8.13 -40.47
N THR A 365 -6.45 7.30 -41.02
CA THR A 365 -6.56 5.83 -41.03
C THR A 365 -5.74 5.29 -39.83
N PHE A 366 -5.08 6.21 -39.10
CA PHE A 366 -4.21 5.93 -37.94
C PHE A 366 -4.33 7.02 -36.87
N ALA A 367 -4.27 6.62 -35.59
CA ALA A 367 -4.28 7.55 -34.46
C ALA A 367 -3.70 6.93 -33.21
N VAL A 368 -2.81 7.68 -32.54
CA VAL A 368 -2.26 7.40 -31.21
C VAL A 368 -2.62 8.59 -30.33
N LEU A 369 -3.21 8.32 -29.16
CA LEU A 369 -3.64 9.34 -28.22
C LEU A 369 -3.11 9.04 -26.84
N ARG A 370 -2.89 10.08 -26.06
CA ARG A 370 -2.53 9.93 -24.66
C ARG A 370 -3.73 10.46 -23.90
N LEU A 371 -4.28 9.62 -23.01
CA LEU A 371 -5.44 9.95 -22.20
C LEU A 371 -5.13 9.98 -20.72
N HIS A 372 -5.77 10.90 -19.98
CA HIS A 372 -5.62 11.04 -18.54
C HIS A 372 -6.94 10.77 -17.83
N VAL A 373 -6.92 9.89 -16.81
CA VAL A 373 -8.08 9.58 -15.98
C VAL A 373 -7.90 10.36 -14.66
N ASN A 374 -8.74 11.39 -14.45
CA ASN A 374 -8.62 12.27 -13.30
C ASN A 374 -9.26 11.72 -12.02
N ASN A 375 -8.66 10.66 -11.43
CA ASN A 375 -9.13 10.15 -10.15
C ASN A 375 -7.95 9.66 -9.35
N ASP A 376 -8.15 9.38 -8.05
CA ASP A 376 -7.09 8.98 -7.13
C ASP A 376 -6.37 7.66 -7.48
N ARG A 377 -7.04 6.69 -8.22
CA ARG A 377 -6.43 5.41 -8.65
CA ARG A 377 -6.31 5.48 -8.55
C ARG A 377 -5.47 5.62 -9.82
N TRP A 378 -5.86 6.51 -10.75
CA TRP A 378 -5.15 6.73 -12.00
C TRP A 378 -4.45 8.06 -12.15
N HIS A 379 -4.28 8.82 -11.07
CA HIS A 379 -3.61 10.11 -11.18
C HIS A 379 -2.14 9.98 -11.57
N GLY A 380 -1.79 10.59 -12.70
CA GLY A 380 -0.44 10.54 -13.22
C GLY A 380 -0.13 9.37 -14.12
N VAL A 381 -1.02 8.34 -14.19
CA VAL A 381 -0.81 7.18 -15.08
C VAL A 381 -1.22 7.57 -16.52
N PRO A 382 -0.26 7.53 -17.49
CA PRO A 382 -0.60 7.82 -18.90
C PRO A 382 -1.28 6.63 -19.58
N PHE A 383 -2.33 6.91 -20.38
CA PHE A 383 -3.07 5.88 -21.14
C PHE A 383 -2.80 6.11 -22.60
N ILE A 384 -2.21 5.14 -23.28
CA ILE A 384 -1.85 5.26 -24.69
C ILE A 384 -2.78 4.42 -25.53
N ILE A 385 -3.61 5.07 -26.36
CA ILE A 385 -4.58 4.37 -27.20
C ILE A 385 -4.18 4.46 -28.68
N ARG A 386 -3.95 3.29 -29.29
CA ARG A 386 -3.48 3.14 -30.67
C ARG A 386 -4.44 2.35 -31.53
N ALA A 387 -4.73 2.89 -32.71
CA ALA A 387 -5.57 2.26 -33.73
C ALA A 387 -5.14 2.74 -35.10
N GLY A 388 -4.87 1.77 -35.98
CA GLY A 388 -4.46 2.02 -37.35
C GLY A 388 -4.76 0.91 -38.34
N LYS A 389 -4.95 1.28 -39.60
CA LYS A 389 -5.20 0.37 -40.73
C LYS A 389 -3.96 0.39 -41.63
N ALA A 390 -3.77 -0.66 -42.46
CA ALA A 390 -2.61 -0.83 -43.34
C ALA A 390 -1.26 -0.81 -42.61
N LEU A 391 -1.22 -1.47 -41.43
CA LEU A 391 0.00 -1.56 -40.63
C LEU A 391 0.77 -2.87 -40.91
N GLU A 392 1.82 -3.15 -40.11
CA GLU A 392 2.72 -4.30 -40.22
C GLU A 392 2.09 -5.65 -39.81
N GLU A 393 1.11 -5.62 -38.87
CA GLU A 393 0.49 -6.85 -38.39
C GLU A 393 -0.93 -6.67 -37.92
N ARG A 394 -1.66 -7.80 -37.71
CA ARG A 394 -3.00 -7.79 -37.13
C ARG A 394 -2.75 -7.96 -35.64
N LEU A 395 -3.24 -7.01 -34.83
CA LEU A 395 -3.06 -7.05 -33.38
C LEU A 395 -4.19 -6.35 -32.63
N LEU A 396 -4.52 -6.91 -31.46
CA LEU A 396 -5.42 -6.37 -30.46
C LEU A 396 -4.92 -6.83 -29.11
N ASP A 397 -4.22 -5.94 -28.39
CA ASP A 397 -3.69 -6.29 -27.09
C ASP A 397 -3.76 -5.13 -26.12
N ILE A 398 -3.63 -5.46 -24.84
CA ILE A 398 -3.61 -4.55 -23.70
C ILE A 398 -2.25 -4.74 -23.04
N ARG A 399 -1.56 -3.63 -22.72
CA ARG A 399 -0.25 -3.68 -22.06
C ARG A 399 -0.24 -2.85 -20.78
N ILE A 400 -0.15 -3.52 -19.64
CA ILE A 400 -0.05 -2.84 -18.35
C ILE A 400 1.43 -2.88 -17.99
N GLN A 401 2.09 -1.72 -18.06
CA GLN A 401 3.53 -1.63 -17.79
C GLN A 401 3.77 -1.05 -16.38
N PHE A 402 4.33 -1.89 -15.46
CA PHE A 402 4.59 -1.55 -14.06
C PHE A 402 5.86 -0.71 -13.91
N LYS A 403 6.00 0.03 -12.80
CA LYS A 403 7.17 0.86 -12.54
C LYS A 403 8.42 -0.01 -12.42
N ASP A 404 9.56 0.55 -12.75
CA ASP A 404 10.85 -0.10 -12.64
C ASP A 404 11.23 -0.30 -11.16
N GLU A 405 11.94 -1.38 -10.83
CA GLU A 405 12.47 -1.57 -9.49
C GLU A 405 13.91 -1.14 -9.64
N ILE A 406 14.15 0.12 -9.26
CA ILE A 406 15.43 0.82 -9.40
C ILE A 406 16.59 0.06 -8.79
N ARG A 407 16.44 -0.35 -7.54
CA ARG A 407 17.50 -1.02 -6.78
C ARG A 407 17.03 -2.38 -6.29
N PRO A 408 17.91 -3.39 -6.20
CA PRO A 408 19.36 -3.39 -6.41
C PRO A 408 19.87 -3.76 -7.82
N PHE A 409 18.97 -3.96 -8.80
CA PHE A 409 19.37 -4.45 -10.11
C PHE A 409 19.64 -3.38 -11.19
N GLY A 410 19.06 -2.18 -11.04
CA GLY A 410 19.27 -1.07 -11.98
C GLY A 410 19.12 -1.47 -13.43
N GLU A 411 20.21 -1.36 -14.22
CA GLU A 411 20.24 -1.71 -15.65
C GLU A 411 20.04 -3.22 -15.92
N SER A 412 20.29 -4.06 -14.90
CA SER A 412 20.12 -5.52 -15.00
C SER A 412 18.63 -5.92 -14.96
N THR A 413 17.72 -4.93 -14.92
CA THR A 413 16.29 -5.18 -14.90
C THR A 413 15.56 -4.14 -15.73
N GLN A 414 14.30 -4.44 -16.03
CA GLN A 414 13.41 -3.60 -16.81
C GLN A 414 11.97 -3.85 -16.35
N ARG A 415 11.13 -2.80 -16.47
CA ARG A 415 9.72 -2.77 -16.09
C ARG A 415 9.00 -4.07 -16.36
N ASN A 416 8.28 -4.59 -15.37
CA ASN A 416 7.46 -5.78 -15.56
C ASN A 416 6.30 -5.34 -16.43
N GLU A 417 5.67 -6.28 -17.12
CA GLU A 417 4.58 -5.95 -18.02
C GLU A 417 3.59 -7.05 -18.07
N LEU A 418 2.29 -6.71 -17.81
CA LEU A 418 1.21 -7.68 -17.95
C LEU A 418 0.59 -7.43 -19.29
N VAL A 419 0.74 -8.39 -20.20
CA VAL A 419 0.22 -8.31 -21.56
C VAL A 419 -0.98 -9.23 -21.72
N ILE A 420 -2.12 -8.68 -22.15
CA ILE A 420 -3.32 -9.46 -22.48
C ILE A 420 -3.55 -9.31 -23.99
N ARG A 421 -3.28 -10.35 -24.77
CA ARG A 421 -3.52 -10.35 -26.23
C ARG A 421 -4.85 -11.00 -26.58
N ALA A 422 -5.77 -10.18 -27.11
CA ALA A 422 -7.12 -10.61 -27.49
C ALA A 422 -7.22 -11.32 -28.85
N GLN A 423 -6.25 -11.10 -29.74
CA GLN A 423 -6.10 -11.71 -31.06
C GLN A 423 -4.76 -11.23 -31.67
N PRO A 424 -4.08 -11.95 -32.58
CA PRO A 424 -4.42 -13.22 -33.24
C PRO A 424 -4.53 -14.47 -32.38
N SER A 425 -3.77 -14.58 -31.26
CA SER A 425 -3.80 -15.81 -30.43
C SER A 425 -3.98 -15.55 -28.94
N GLU A 426 -5.23 -15.63 -28.48
CA GLU A 426 -5.66 -15.37 -27.10
C GLU A 426 -4.64 -15.78 -26.05
N ALA A 427 -3.86 -14.81 -25.60
CA ALA A 427 -2.83 -15.06 -24.62
C ALA A 427 -2.79 -14.04 -23.54
N MET A 428 -2.35 -14.46 -22.37
CA MET A 428 -2.13 -13.60 -21.23
C MET A 428 -0.77 -14.02 -20.71
N TYR A 429 0.13 -13.04 -20.63
CA TYR A 429 1.46 -13.29 -20.15
C TYR A 429 2.03 -12.13 -19.37
N LEU A 430 2.78 -12.48 -18.34
CA LEU A 430 3.41 -11.51 -17.47
C LEU A 430 4.90 -11.56 -17.70
N LYS A 431 5.45 -10.45 -18.14
CA LYS A 431 6.85 -10.29 -18.46
C LYS A 431 7.62 -9.96 -17.19
N LEU A 432 8.66 -10.75 -16.85
CA LEU A 432 9.46 -10.57 -15.63
C LEU A 432 10.96 -10.69 -15.89
N THR A 433 11.76 -10.40 -14.86
CA THR A 433 13.21 -10.57 -14.91
C THR A 433 13.55 -11.75 -14.01
N ALA A 434 14.44 -12.63 -14.52
CA ALA A 434 14.92 -13.81 -13.83
C ALA A 434 16.40 -14.01 -14.12
N LYS A 435 17.09 -14.76 -13.26
CA LYS A 435 18.50 -15.11 -13.45
C LYS A 435 18.62 -15.98 -14.70
N THR A 436 19.65 -15.71 -15.52
CA THR A 436 19.97 -16.48 -16.73
C THR A 436 20.24 -17.92 -16.23
N PRO A 437 19.48 -18.93 -16.70
CA PRO A 437 19.71 -20.32 -16.21
C PRO A 437 21.12 -20.82 -16.48
N GLY A 438 21.68 -21.54 -15.52
CA GLY A 438 22.99 -22.13 -15.67
C GLY A 438 24.05 -21.64 -14.72
N LEU A 439 25.31 -21.77 -15.16
CA LEU A 439 26.54 -21.43 -14.43
C LEU A 439 27.00 -19.94 -14.63
N LEU A 440 26.02 -19.02 -14.65
CA LEU A 440 26.28 -17.59 -14.83
C LEU A 440 25.34 -16.69 -14.02
N ASN A 441 25.91 -15.66 -13.35
CA ASN A 441 25.07 -14.71 -12.62
C ASN A 441 24.84 -13.42 -13.41
N ASP A 442 23.87 -13.51 -14.30
CA ASP A 442 23.38 -12.44 -15.17
C ASP A 442 21.85 -12.51 -15.11
N THR A 443 21.15 -11.53 -15.68
CA THR A 443 19.69 -11.57 -15.72
C THR A 443 19.20 -11.65 -17.17
N HIS A 444 17.94 -12.04 -17.37
CA HIS A 444 17.31 -12.11 -18.69
C HIS A 444 15.83 -11.87 -18.52
N GLN A 445 15.15 -11.50 -19.60
CA GLN A 445 13.72 -11.29 -19.50
C GLN A 445 12.98 -12.57 -19.84
N THR A 446 12.02 -12.91 -19.02
CA THR A 446 11.22 -14.11 -19.20
C THR A 446 9.72 -13.76 -19.13
N GLU A 447 8.86 -14.78 -19.27
CA GLU A 447 7.41 -14.64 -19.29
C GLU A 447 6.76 -15.78 -18.52
N LEU A 448 5.66 -15.51 -17.81
CA LEU A 448 4.83 -16.51 -17.16
C LEU A 448 3.63 -16.48 -18.09
N ASP A 449 3.59 -17.39 -19.04
CA ASP A 449 2.61 -17.40 -20.11
C ASP A 449 1.42 -18.33 -19.86
N LEU A 450 0.28 -17.95 -20.45
CA LEU A 450 -0.97 -18.71 -20.57
C LEU A 450 -1.46 -18.49 -22.01
N THR A 451 -1.29 -19.53 -22.88
CA THR A 451 -1.76 -19.45 -24.27
C THR A 451 -2.98 -20.36 -24.42
N TYR A 452 -4.15 -19.75 -24.68
CA TYR A 452 -5.44 -20.41 -24.78
C TYR A 452 -5.52 -21.52 -25.85
N GLU A 453 -4.80 -21.39 -27.00
CA GLU A 453 -4.80 -22.42 -28.06
C GLU A 453 -4.02 -23.66 -27.63
N ARG A 454 -2.98 -23.46 -26.78
CA ARG A 454 -2.12 -24.52 -26.24
C ARG A 454 -2.71 -25.21 -25.01
N ARG A 455 -3.35 -24.43 -24.11
CA ARG A 455 -3.88 -24.89 -22.83
C ARG A 455 -5.28 -25.50 -22.90
N TYR A 456 -6.13 -25.02 -23.83
CA TYR A 456 -7.51 -25.49 -23.93
C TYR A 456 -7.89 -26.05 -25.29
N ASP A 457 -8.77 -27.09 -25.27
CA ASP A 457 -9.31 -27.81 -26.42
C ASP A 457 -10.60 -27.12 -26.96
N VAL A 458 -11.17 -26.18 -26.19
CA VAL A 458 -12.40 -25.42 -26.47
C VAL A 458 -12.30 -24.53 -27.74
N THR A 459 -13.19 -24.75 -28.72
CA THR A 459 -13.28 -23.95 -29.94
C THR A 459 -14.20 -22.77 -29.58
N LEU A 460 -13.57 -21.68 -29.10
CA LEU A 460 -14.17 -20.42 -28.63
C LEU A 460 -15.30 -19.85 -29.53
N PRO A 461 -16.35 -19.18 -28.95
CA PRO A 461 -17.43 -18.64 -29.80
C PRO A 461 -17.09 -17.26 -30.33
N ASP A 462 -17.76 -16.88 -31.42
CA ASP A 462 -17.62 -15.57 -32.04
C ASP A 462 -18.22 -14.55 -31.06
N ALA A 463 -17.78 -13.30 -31.14
CA ALA A 463 -18.29 -12.24 -30.27
C ALA A 463 -19.82 -12.11 -30.35
N TYR A 464 -20.38 -12.33 -31.53
CA TYR A 464 -21.84 -12.20 -31.73
C TYR A 464 -22.64 -13.35 -31.14
N GLU A 465 -22.04 -14.54 -30.94
CA GLU A 465 -22.73 -15.66 -30.29
C GLU A 465 -23.02 -15.27 -28.83
N SER A 466 -21.99 -14.81 -28.08
CA SER A 466 -22.09 -14.36 -26.69
C SER A 466 -23.17 -13.31 -26.53
N LEU A 467 -22.97 -12.15 -27.14
CA LEU A 467 -23.91 -11.04 -27.05
C LEU A 467 -25.33 -11.42 -27.41
N ILE A 468 -25.58 -12.09 -28.57
CA ILE A 468 -26.95 -12.51 -28.95
C ILE A 468 -27.56 -13.37 -27.84
N HIS A 469 -26.76 -14.30 -27.26
CA HIS A 469 -27.17 -15.19 -26.18
C HIS A 469 -27.54 -14.39 -24.95
N GLU A 470 -26.64 -13.50 -24.50
CA GLU A 470 -26.85 -12.60 -23.37
C GLU A 470 -28.14 -11.77 -23.53
N ALA A 471 -28.44 -11.31 -24.77
CA ALA A 471 -29.65 -10.54 -25.09
C ALA A 471 -30.90 -11.40 -24.92
N LEU A 472 -30.82 -12.72 -25.23
CA LEU A 472 -31.93 -13.66 -25.07
C LEU A 472 -32.11 -13.97 -23.57
N LEU A 473 -30.98 -14.06 -22.81
CA LEU A 473 -30.90 -14.27 -21.35
C LEU A 473 -31.18 -12.96 -20.57
N GLY A 474 -31.49 -11.87 -21.28
CA GLY A 474 -31.78 -10.56 -20.71
C GLY A 474 -30.69 -9.92 -19.87
N ASN A 475 -29.44 -10.26 -20.16
CA ASN A 475 -28.26 -9.76 -19.47
C ASN A 475 -27.65 -8.55 -20.22
N SER A 476 -27.78 -7.35 -19.64
CA SER A 476 -27.35 -6.08 -20.24
C SER A 476 -25.91 -5.64 -19.99
N THR A 477 -25.11 -6.41 -19.19
CA THR A 477 -23.79 -5.98 -18.77
C THR A 477 -22.82 -5.70 -19.93
N ASN A 478 -22.89 -6.46 -21.03
CA ASN A 478 -21.97 -6.28 -22.16
C ASN A 478 -22.62 -5.55 -23.32
N PHE A 479 -23.45 -4.55 -22.97
CA PHE A 479 -24.19 -3.68 -23.90
C PHE A 479 -24.07 -2.21 -23.46
N VAL A 480 -23.72 -1.34 -24.40
CA VAL A 480 -23.53 0.09 -24.15
C VAL A 480 -24.84 0.76 -23.62
N ARG A 481 -24.78 1.34 -22.42
CA ARG A 481 -25.91 2.03 -21.78
C ARG A 481 -25.95 3.47 -22.31
N VAL A 482 -27.14 4.09 -22.36
CA VAL A 482 -27.35 5.45 -22.86
C VAL A 482 -26.32 6.44 -22.33
N ASP A 483 -26.05 6.44 -21.02
CA ASP A 483 -25.14 7.35 -20.36
C ASP A 483 -23.68 6.99 -20.60
N GLU A 484 -23.39 5.70 -20.76
CA GLU A 484 -22.07 5.11 -21.03
C GLU A 484 -21.60 5.57 -22.40
N LEU A 485 -22.55 5.75 -23.31
CA LEU A 485 -22.34 6.18 -24.68
C LEU A 485 -22.01 7.66 -24.66
N ASP A 486 -22.77 8.47 -23.88
CA ASP A 486 -22.56 9.92 -23.79
C ASP A 486 -21.19 10.22 -23.26
N ALA A 487 -20.81 9.53 -22.17
CA ALA A 487 -19.52 9.64 -21.53
C ALA A 487 -18.38 9.34 -22.49
N ALA A 488 -18.56 8.40 -23.45
CA ALA A 488 -17.54 8.04 -24.43
C ALA A 488 -17.32 9.15 -25.46
N TRP A 489 -18.41 9.71 -26.00
CA TRP A 489 -18.36 10.78 -27.01
C TRP A 489 -17.75 12.06 -26.47
N ARG A 490 -17.90 12.30 -25.14
CA ARG A 490 -17.41 13.49 -24.45
C ARG A 490 -15.89 13.56 -24.38
N ILE A 491 -15.23 12.41 -24.45
CA ILE A 491 -13.77 12.25 -24.43
C ILE A 491 -13.18 12.66 -25.81
N TYR A 492 -13.86 12.27 -26.91
CA TYR A 492 -13.33 12.45 -28.26
C TYR A 492 -13.89 13.60 -29.08
N THR A 493 -15.11 14.13 -28.77
CA THR A 493 -15.74 15.21 -29.55
C THR A 493 -14.84 16.47 -29.63
N PRO A 494 -14.30 17.10 -28.55
CA PRO A 494 -13.40 18.25 -28.77
C PRO A 494 -12.29 17.96 -29.80
N LEU A 495 -11.62 16.77 -29.70
CA LEU A 495 -10.60 16.31 -30.66
C LEU A 495 -11.15 16.10 -32.10
N LEU A 496 -12.28 15.39 -32.24
CA LEU A 496 -12.92 15.12 -33.54
C LEU A 496 -13.27 16.40 -34.33
N HIS A 497 -13.74 17.43 -33.58
CA HIS A 497 -14.11 18.76 -34.08
C HIS A 497 -12.90 19.54 -34.54
N ALA A 498 -11.79 19.49 -33.74
CA ALA A 498 -10.51 20.12 -34.06
C ALA A 498 -10.01 19.51 -35.38
N ILE A 499 -10.01 18.14 -35.50
CA ILE A 499 -9.64 17.39 -36.71
C ILE A 499 -10.47 17.86 -37.94
N ASP A 500 -11.82 17.89 -37.78
CA ASP A 500 -12.78 18.30 -38.81
C ASP A 500 -12.64 19.79 -39.23
N ARG A 501 -12.05 20.62 -38.34
CA ARG A 501 -11.79 22.04 -38.62
C ARG A 501 -10.41 22.23 -39.29
N GLY A 502 -9.68 21.13 -39.47
CA GLY A 502 -8.36 21.11 -40.07
C GLY A 502 -7.29 21.67 -39.15
N GLU A 503 -7.44 21.42 -37.85
CA GLU A 503 -6.51 21.91 -36.82
C GLU A 503 -5.40 20.93 -36.47
N VAL A 504 -5.60 19.62 -36.74
CA VAL A 504 -4.64 18.55 -36.41
C VAL A 504 -3.98 17.99 -37.68
N LYS A 505 -2.63 17.86 -37.70
CA LYS A 505 -1.86 17.36 -38.85
C LYS A 505 -1.98 15.85 -39.02
N VAL A 506 -2.26 15.40 -40.24
CA VAL A 506 -2.45 13.99 -40.61
C VAL A 506 -1.23 13.57 -41.45
N LEU A 507 -0.29 12.85 -40.81
CA LEU A 507 0.98 12.40 -41.40
C LEU A 507 0.86 11.17 -42.30
N PRO A 508 1.59 11.11 -43.43
CA PRO A 508 1.51 9.92 -44.28
C PRO A 508 2.39 8.76 -43.79
N TYR A 509 2.02 7.54 -44.18
CA TYR A 509 2.76 6.32 -43.86
C TYR A 509 2.51 5.26 -44.91
N ALA A 510 3.58 4.53 -45.31
CA ALA A 510 3.46 3.47 -46.31
C ALA A 510 2.62 2.32 -45.77
N ALA A 511 1.70 1.78 -46.60
CA ALA A 511 0.88 0.63 -46.19
C ALA A 511 1.83 -0.55 -45.88
N GLY A 512 1.60 -1.24 -44.78
CA GLY A 512 2.48 -2.33 -44.38
C GLY A 512 3.58 -1.91 -43.41
N SER A 513 3.83 -0.60 -43.27
CA SER A 513 4.81 -0.09 -42.31
C SER A 513 4.17 0.01 -40.92
N CYS A 514 4.92 0.49 -39.92
CA CYS A 514 4.43 0.60 -38.54
C CYS A 514 3.66 1.91 -38.27
N GLY A 515 3.54 2.75 -39.29
CA GLY A 515 2.87 4.04 -39.21
C GLY A 515 3.87 5.19 -39.21
N PRO A 516 3.45 6.47 -38.98
CA PRO A 516 4.43 7.57 -38.96
C PRO A 516 5.49 7.41 -37.87
N GLU A 517 6.74 7.85 -38.14
CA GLU A 517 7.86 7.76 -37.18
C GLU A 517 7.62 8.64 -35.92
N GLU A 518 6.83 9.72 -36.10
CA GLU A 518 6.44 10.69 -35.07
C GLU A 518 5.65 10.01 -33.94
N ALA A 519 4.91 8.93 -34.30
CA ALA A 519 4.06 8.16 -33.40
C ALA A 519 4.85 7.39 -32.34
N GLN A 520 5.99 6.79 -32.71
CA GLN A 520 6.80 6.02 -31.77
C GLN A 520 7.51 6.96 -30.77
N GLU A 521 7.92 8.16 -31.26
CA GLU A 521 8.55 9.16 -30.42
C GLU A 521 7.54 9.71 -29.42
N PHE A 522 6.28 9.91 -29.88
CA PHE A 522 5.18 10.37 -29.05
C PHE A 522 4.88 9.34 -27.96
N ILE A 523 4.83 8.04 -28.33
CA ILE A 523 4.60 6.92 -27.40
C ILE A 523 5.66 6.90 -26.33
N ARG A 524 6.95 7.06 -26.74
CA ARG A 524 8.11 7.09 -25.85
C ARG A 524 7.96 8.24 -24.85
N ILE A 525 7.77 9.46 -25.36
CA ILE A 525 7.60 10.70 -24.60
C ILE A 525 6.36 10.64 -23.70
N SER A 526 5.32 9.88 -24.10
CA SER A 526 4.06 9.72 -23.33
C SER A 526 4.24 8.89 -22.06
N GLY A 527 5.25 8.02 -22.02
CA GLY A 527 5.56 7.22 -20.85
C GLY A 527 5.83 5.75 -21.07
N TYR A 528 5.63 5.25 -22.31
CA TYR A 528 5.83 3.83 -22.57
C TYR A 528 7.29 3.47 -22.98
N LYS A 529 7.95 2.64 -22.14
CA LYS A 529 9.30 2.15 -22.37
C LYS A 529 9.30 0.88 -23.20
N THR A 530 9.90 0.98 -24.38
CA THR A 530 10.18 -0.03 -25.40
C THR A 530 11.25 -1.03 -24.89
N THR A 531 11.36 -2.20 -25.54
CA THR A 531 12.35 -3.25 -25.22
C THR A 531 13.28 -3.50 -26.42
N ILE B 42 23.57 20.45 43.03
CA ILE B 42 23.84 19.73 41.79
C ILE B 42 23.85 18.22 42.04
N PRO B 43 22.99 17.41 41.35
CA PRO B 43 22.99 15.96 41.59
C PRO B 43 24.22 15.24 41.04
N ASP B 44 24.40 13.99 41.49
CA ASP B 44 25.48 13.10 41.05
C ASP B 44 24.92 12.24 39.89
N ALA B 45 24.47 12.91 38.81
CA ALA B 45 23.87 12.26 37.63
C ALA B 45 24.92 11.99 36.52
N VAL B 46 26.18 11.85 36.97
CA VAL B 46 27.38 11.59 36.17
C VAL B 46 27.37 10.11 35.80
N SER B 47 27.61 9.80 34.52
CA SER B 47 27.68 8.42 34.02
C SER B 47 28.86 7.67 34.66
N PRO B 48 28.71 6.35 34.94
CA PRO B 48 29.78 5.64 35.69
C PRO B 48 31.14 5.53 34.98
N GLU B 49 31.16 5.59 33.63
CA GLU B 49 32.41 5.54 32.85
C GLU B 49 33.25 6.83 33.01
N LEU B 50 32.55 7.97 33.23
CA LEU B 50 33.16 9.29 33.45
C LEU B 50 33.72 9.42 34.87
N ARG B 51 33.26 8.57 35.81
CA ARG B 51 33.57 8.60 37.25
C ARG B 51 34.95 8.05 37.67
N SER B 52 35.25 6.79 37.31
CA SER B 52 36.47 6.06 37.70
C SER B 52 37.80 6.68 37.31
N ARG B 53 37.83 7.28 36.12
CA ARG B 53 38.98 7.89 35.47
C ARG B 53 38.83 9.41 35.47
N ALA B 54 39.94 10.15 35.31
CA ALA B 54 39.96 11.62 35.27
C ALA B 54 39.26 12.11 34.01
N LEU B 55 38.83 13.36 34.01
CA LEU B 55 38.22 13.92 32.81
C LEU B 55 38.80 15.27 32.54
N THR B 56 39.35 15.43 31.32
CA THR B 56 39.98 16.66 30.88
C THR B 56 39.34 17.02 29.57
N ILE B 57 38.60 18.15 29.56
CA ILE B 57 37.96 18.69 28.35
C ILE B 57 38.86 19.86 27.93
N VAL B 58 39.59 19.74 26.81
CA VAL B 58 40.48 20.78 26.34
C VAL B 58 39.78 21.53 25.21
N VAL B 59 39.51 22.85 25.39
CA VAL B 59 38.88 23.68 24.36
C VAL B 59 39.98 24.45 23.61
N LEU B 60 40.44 23.91 22.44
CA LEU B 60 41.46 24.53 21.59
C LEU B 60 40.74 25.62 20.81
N GLY B 61 41.18 26.86 21.00
CA GLY B 61 40.60 28.07 20.40
C GLY B 61 39.62 28.77 21.33
N ALA B 62 39.90 28.75 22.68
CA ALA B 62 39.10 29.33 23.79
C ALA B 62 38.78 30.82 23.67
N SER B 63 39.66 31.55 22.95
CA SER B 63 39.47 32.98 22.70
C SER B 63 38.52 33.22 21.55
N GLY B 64 38.20 32.16 20.81
CA GLY B 64 37.30 32.21 19.67
C GLY B 64 35.86 32.51 20.06
N ASP B 65 35.13 33.12 19.11
CA ASP B 65 33.72 33.50 19.24
C ASP B 65 32.83 32.31 19.50
N LEU B 66 33.10 31.15 18.85
CA LEU B 66 32.31 29.93 19.07
C LEU B 66 32.47 29.40 20.49
N ALA B 67 33.71 29.48 21.04
CA ALA B 67 34.02 28.98 22.39
C ALA B 67 33.24 29.69 23.50
N LYS B 68 33.25 31.06 23.50
CA LYS B 68 32.57 31.90 24.49
C LYS B 68 31.04 31.94 24.30
N LYS B 69 30.57 31.90 23.02
CA LYS B 69 29.14 31.97 22.71
C LYS B 69 28.39 30.62 22.79
N LYS B 70 29.06 29.47 22.51
CA LYS B 70 28.41 28.14 22.47
C LYS B 70 29.06 27.02 23.33
N THR B 71 30.40 26.89 23.34
CA THR B 71 31.08 25.80 24.07
C THR B 71 31.05 25.98 25.58
N PHE B 72 31.66 27.05 26.09
CA PHE B 72 31.68 27.25 27.53
C PHE B 72 30.23 27.32 28.11
N PRO B 73 29.22 28.01 27.49
CA PRO B 73 27.86 27.98 28.07
C PRO B 73 27.26 26.57 28.20
N ALA B 74 27.48 25.69 27.18
CA ALA B 74 26.99 24.30 27.16
C ALA B 74 27.65 23.48 28.27
N LEU B 75 28.97 23.68 28.49
CA LEU B 75 29.73 22.98 29.55
C LEU B 75 29.18 23.36 30.93
N PHE B 76 28.84 24.65 31.12
CA PHE B 76 28.23 25.17 32.34
C PHE B 76 26.93 24.48 32.63
N GLN B 77 26.09 24.29 31.60
CA GLN B 77 24.78 23.64 31.75
C GLN B 77 24.91 22.16 32.09
N LEU B 78 25.83 21.45 31.42
CA LEU B 78 26.09 20.05 31.72
C LEU B 78 26.69 19.88 33.13
N TYR B 79 27.52 20.87 33.63
CA TYR B 79 28.10 20.86 34.99
C TYR B 79 26.97 21.03 36.01
N CYS B 80 26.08 22.03 35.77
CA CYS B 80 24.90 22.35 36.58
C CYS B 80 23.89 21.22 36.65
N ASN B 81 23.70 20.50 35.52
CA ASN B 81 22.80 19.37 35.44
C ASN B 81 23.37 18.17 36.16
N GLY B 82 24.64 18.24 36.54
CA GLY B 82 25.33 17.14 37.22
C GLY B 82 25.67 16.01 36.27
N MET B 83 25.89 16.32 34.97
CA MET B 83 26.27 15.39 33.89
C MET B 83 27.79 15.28 33.71
N LEU B 84 28.53 16.24 34.31
CA LEU B 84 29.99 16.34 34.31
C LEU B 84 30.50 16.04 35.72
N PRO B 85 31.67 15.34 35.86
CA PRO B 85 32.24 15.11 37.21
C PRO B 85 32.45 16.46 37.92
N ARG B 86 32.33 16.52 39.24
CA ARG B 86 32.56 17.81 39.90
C ARG B 86 34.06 18.23 39.80
N ASP B 87 35.00 17.24 39.68
CA ASP B 87 36.45 17.48 39.53
C ASP B 87 36.92 17.41 38.05
N VAL B 88 36.16 18.04 37.16
CA VAL B 88 36.44 18.07 35.73
C VAL B 88 37.47 19.14 35.45
N ASN B 89 38.36 18.93 34.47
CA ASN B 89 39.32 19.95 34.14
C ASN B 89 39.06 20.54 32.76
N ILE B 90 38.56 21.78 32.73
CA ILE B 90 38.30 22.46 31.47
C ILE B 90 39.49 23.36 31.16
N LEU B 91 40.23 23.00 30.11
CA LEU B 91 41.45 23.70 29.74
C LEU B 91 41.31 24.43 28.43
N GLY B 92 41.31 25.75 28.53
CA GLY B 92 41.28 26.62 27.37
C GLY B 92 42.69 26.76 26.87
N TYR B 93 42.88 26.54 25.56
CA TYR B 93 44.16 26.63 24.88
C TYR B 93 43.97 27.55 23.68
N ALA B 94 44.64 28.72 23.66
CA ALA B 94 44.51 29.65 22.53
C ALA B 94 45.74 30.52 22.33
N ARG B 95 45.82 31.19 21.17
CA ARG B 95 46.93 32.08 20.86
C ARG B 95 46.88 33.39 21.67
N SER B 96 45.72 33.76 22.24
CA SER B 96 45.57 34.98 23.03
C SER B 96 46.46 34.98 24.26
N THR B 97 47.23 36.06 24.41
CA THR B 97 48.21 36.28 25.48
C THR B 97 47.60 37.00 26.69
N MET B 98 46.33 36.67 27.04
CA MET B 98 45.60 37.35 28.12
C MET B 98 46.28 37.26 29.46
N GLU B 99 46.20 38.40 30.15
CA GLU B 99 46.75 38.74 31.45
C GLU B 99 45.91 38.20 32.60
N ASP B 100 44.60 38.53 32.61
CA ASP B 100 43.66 38.20 33.67
C ASP B 100 42.62 37.21 33.20
N VAL B 101 42.85 35.94 33.54
CA VAL B 101 42.00 34.81 33.19
C VAL B 101 40.75 34.86 34.06
N GLU B 102 40.92 35.20 35.34
CA GLU B 102 39.80 35.27 36.28
C GLU B 102 38.79 36.33 35.87
N LYS B 103 39.26 37.48 35.30
CA LYS B 103 38.41 38.55 34.78
C LYS B 103 37.73 38.08 33.50
N TRP B 104 38.46 37.35 32.62
CA TRP B 104 37.93 36.81 31.36
C TRP B 104 36.82 35.83 31.67
N LYS B 105 37.03 34.96 32.67
CA LYS B 105 36.06 33.96 33.11
C LYS B 105 34.80 34.55 33.77
N LYS B 106 34.97 35.59 34.61
CA LYS B 106 33.87 36.26 35.31
C LYS B 106 33.08 37.22 34.41
N ASP B 107 33.79 38.12 33.69
CA ASP B 107 33.16 39.13 32.85
C ASP B 107 32.75 38.63 31.47
N THR B 108 33.72 38.16 30.66
CA THR B 108 33.47 37.70 29.30
C THR B 108 32.68 36.39 29.29
N LEU B 109 33.29 35.27 29.76
CA LEU B 109 32.72 33.94 29.71
C LEU B 109 31.36 33.81 30.36
N ALA B 110 31.26 34.12 31.68
CA ALA B 110 30.04 34.05 32.47
C ALA B 110 28.87 34.88 31.93
N GLY B 111 29.18 35.90 31.13
CA GLY B 111 28.19 36.74 30.49
C GLY B 111 27.27 35.99 29.53
N PHE B 112 27.78 34.90 28.91
CA PHE B 112 27.02 34.12 27.93
C PHE B 112 26.20 32.94 28.54
N PHE B 113 26.33 32.70 29.87
CA PHE B 113 25.63 31.65 30.62
C PHE B 113 24.16 32.08 30.72
N THR B 114 23.21 31.12 30.66
CA THR B 114 21.82 31.50 30.50
C THR B 114 20.88 31.38 31.73
N ARG B 115 20.69 30.19 32.32
CA ARG B 115 19.75 30.08 33.45
C ARG B 115 20.40 30.58 34.73
N LEU B 116 20.57 31.90 34.86
CA LEU B 116 21.25 32.51 36.00
C LEU B 116 20.29 32.88 37.16
N ASP B 117 18.97 32.69 36.94
CA ASP B 117 17.93 32.90 37.95
C ASP B 117 17.79 31.60 38.74
N GLU B 118 18.24 30.46 38.16
CA GLU B 118 18.18 29.11 38.74
C GLU B 118 19.56 28.53 39.06
N ARG B 119 20.58 28.87 38.24
CA ARG B 119 21.94 28.35 38.35
C ARG B 119 23.06 29.41 38.49
N GLY B 120 22.71 30.66 38.80
CA GLY B 120 23.66 31.74 38.99
C GLY B 120 24.67 31.52 40.10
N CYS B 121 24.28 30.77 41.14
CA CYS B 121 25.11 30.45 42.30
C CYS B 121 26.24 29.46 41.96
N HIS B 122 26.04 28.64 40.92
CA HIS B 122 27.02 27.63 40.52
C HIS B 122 28.09 28.17 39.59
N VAL B 123 27.93 29.42 39.10
CA VAL B 123 28.86 30.09 38.19
C VAL B 123 30.28 30.02 38.73
N GLY B 124 30.47 30.44 39.99
CA GLY B 124 31.77 30.45 40.67
C GLY B 124 32.46 29.10 40.71
N ASN B 125 31.73 28.07 41.17
CA ASN B 125 32.20 26.68 41.30
C ASN B 125 32.64 26.11 39.97
N PHE B 126 31.83 26.32 38.90
CA PHE B 126 32.10 25.86 37.53
C PHE B 126 33.33 26.56 36.96
N LEU B 127 33.39 27.91 37.07
CA LEU B 127 34.51 28.73 36.59
C LEU B 127 35.81 28.37 37.27
N ARG B 128 35.72 27.81 38.51
CA ARG B 128 36.88 27.37 39.30
C ARG B 128 37.55 26.18 38.62
N ARG B 129 36.80 25.46 37.78
CA ARG B 129 37.23 24.27 37.01
C ARG B 129 37.95 24.64 35.70
N ILE B 130 37.70 25.87 35.17
CA ILE B 130 38.33 26.37 33.96
C ILE B 130 39.71 26.98 34.23
N SER B 131 40.68 26.62 33.39
CA SER B 131 42.05 27.13 33.36
C SER B 131 42.33 27.54 31.91
N TYR B 132 43.29 28.46 31.70
CA TYR B 132 43.69 28.95 30.39
C TYR B 132 45.20 28.78 30.15
N MET B 133 45.63 28.64 28.87
CA MET B 133 47.00 28.35 28.45
C MET B 133 47.35 28.94 27.07
N THR B 134 48.17 30.01 27.01
CA THR B 134 48.61 30.62 25.73
C THR B 134 49.55 29.65 25.03
N GLY B 135 49.34 29.44 23.73
CA GLY B 135 50.14 28.53 22.94
C GLY B 135 49.83 28.57 21.45
N SER B 136 50.79 28.11 20.65
CA SER B 136 50.68 28.07 19.19
C SER B 136 49.98 26.81 18.69
N TYR B 137 49.55 26.81 17.42
CA TYR B 137 48.90 25.67 16.80
C TYR B 137 49.84 24.90 15.86
N ASP B 138 51.12 25.28 15.82
CA ASP B 138 52.11 24.69 14.93
C ASP B 138 53.45 24.28 15.61
N ARG B 139 53.66 24.69 16.89
CA ARG B 139 54.89 24.32 17.57
C ARG B 139 54.71 23.19 18.59
N ASP B 140 55.47 22.07 18.37
CA ASP B 140 55.48 20.83 19.16
C ASP B 140 55.71 21.09 20.63
N GLU B 141 56.55 22.09 20.97
CA GLU B 141 56.87 22.48 22.34
C GLU B 141 55.61 22.95 23.08
N ASP B 142 54.67 23.58 22.34
CA ASP B 142 53.43 24.09 22.91
C ASP B 142 52.42 22.99 23.14
N PHE B 143 52.45 21.93 22.34
CA PHE B 143 51.53 20.80 22.49
C PHE B 143 52.04 19.90 23.61
N ALA B 144 53.39 19.90 23.77
CA ALA B 144 54.13 19.19 24.83
C ALA B 144 53.78 19.87 26.15
N ARG B 145 53.71 21.21 26.12
CA ARG B 145 53.31 22.02 27.26
C ARG B 145 51.84 21.72 27.60
N LEU B 146 51.01 21.45 26.58
CA LEU B 146 49.62 21.08 26.77
C LEU B 146 49.59 19.69 27.43
N ASN B 147 50.29 18.69 26.83
CA ASN B 147 50.40 17.34 27.37
C ASN B 147 50.87 17.36 28.83
N GLU B 148 51.87 18.22 29.14
CA GLU B 148 52.43 18.43 30.47
C GLU B 148 51.37 18.84 31.47
N ARG B 149 50.51 19.82 31.10
CA ARG B 149 49.47 20.35 31.95
C ARG B 149 48.40 19.31 32.25
N ILE B 150 47.88 18.61 31.19
CA ILE B 150 46.86 17.55 31.29
C ILE B 150 47.33 16.46 32.26
N LEU B 151 48.61 16.05 32.15
CA LEU B 151 49.22 15.05 33.03
C LEU B 151 49.23 15.52 34.48
N ARG B 152 49.53 16.82 34.73
CA ARG B 152 49.53 17.38 36.08
C ARG B 152 48.13 17.35 36.66
N MET B 153 47.14 17.64 35.83
CA MET B 153 45.73 17.62 36.22
C MET B 153 45.26 16.20 36.51
N GLU B 154 45.70 15.22 35.68
CA GLU B 154 45.34 13.80 35.81
C GLU B 154 45.92 13.17 37.06
N GLU B 155 47.09 13.66 37.49
CA GLU B 155 47.79 13.22 38.68
C GLU B 155 47.09 13.73 39.96
N ALA B 156 46.35 14.85 39.84
CA ALA B 156 45.59 15.47 40.94
C ALA B 156 44.28 14.73 41.30
N PHE B 157 43.79 13.82 40.42
CA PHE B 157 42.57 13.03 40.57
C PHE B 157 42.56 12.17 41.83
N GLN B 158 41.45 12.20 42.58
CA GLN B 158 41.28 11.45 43.82
C GLN B 158 40.54 10.10 43.64
N GLY B 159 40.16 9.80 42.41
CA GLY B 159 39.40 8.59 42.08
C GLY B 159 40.22 7.31 42.00
N PRO B 160 39.56 6.19 41.60
CA PRO B 160 40.27 4.90 41.56
C PRO B 160 41.38 4.76 40.51
N GLU B 161 41.07 5.00 39.20
CA GLU B 161 42.04 4.84 38.11
C GLU B 161 43.18 5.88 38.11
N LYS B 162 44.31 5.50 37.49
CA LYS B 162 45.54 6.31 37.40
C LYS B 162 45.66 7.14 36.10
N GLY B 163 44.98 6.71 35.04
CA GLY B 163 45.01 7.42 33.76
C GLY B 163 44.12 8.65 33.74
N GLY B 164 43.47 8.89 32.61
CA GLY B 164 42.59 10.03 32.42
C GLY B 164 42.01 10.15 31.03
N ASN B 165 40.69 10.41 30.94
CA ASN B 165 39.97 10.57 29.69
C ASN B 165 40.14 11.98 29.11
N ARG B 166 40.55 12.09 27.83
CA ARG B 166 40.73 13.38 27.16
C ARG B 166 39.72 13.68 26.01
N LEU B 167 38.92 14.74 26.17
CA LEU B 167 38.04 15.20 25.09
C LEU B 167 38.62 16.53 24.58
N PHE B 168 39.03 16.60 23.30
CA PHE B 168 39.57 17.81 22.67
C PHE B 168 38.52 18.50 21.77
N TYR B 169 38.14 19.75 22.08
CA TYR B 169 37.19 20.53 21.31
C TYR B 169 37.99 21.50 20.43
N LEU B 170 38.05 21.20 19.12
CA LEU B 170 38.81 21.99 18.16
C LEU B 170 37.95 23.09 17.54
N ALA B 171 37.90 24.27 18.20
CA ALA B 171 37.15 25.44 17.72
C ALA B 171 38.19 26.42 17.14
N LEU B 172 38.87 25.99 16.06
CA LEU B 172 40.00 26.72 15.44
C LEU B 172 39.71 27.22 14.03
N PRO B 173 40.48 28.22 13.50
CA PRO B 173 40.28 28.60 12.08
C PRO B 173 40.76 27.46 11.17
N PRO B 174 40.08 27.17 10.02
CA PRO B 174 40.50 26.00 9.20
C PRO B 174 41.94 25.97 8.68
N SER B 175 42.70 27.08 8.74
CA SER B 175 44.08 27.06 8.23
C SER B 175 45.06 26.38 9.19
N VAL B 176 44.64 26.15 10.45
CA VAL B 176 45.51 25.57 11.49
C VAL B 176 45.08 24.15 11.88
N PHE B 177 43.93 23.66 11.34
CA PHE B 177 43.33 22.37 11.67
C PHE B 177 44.29 21.19 11.63
N VAL B 178 44.84 20.84 10.45
CA VAL B 178 45.76 19.72 10.29
C VAL B 178 47.03 19.90 11.17
N GLY B 179 47.46 21.15 11.37
CA GLY B 179 48.59 21.50 12.25
C GLY B 179 48.37 21.02 13.67
N VAL B 180 47.19 21.37 14.23
CA VAL B 180 46.73 20.97 15.57
C VAL B 180 46.60 19.44 15.65
N CYS B 181 45.87 18.82 14.71
CA CYS B 181 45.65 17.36 14.67
C CYS B 181 46.94 16.56 14.68
N ARG B 182 47.95 17.02 13.92
CA ARG B 182 49.26 16.38 13.85
C ARG B 182 49.98 16.52 15.20
N GLY B 183 49.91 17.72 15.79
CA GLY B 183 50.51 18.04 17.09
C GLY B 183 49.90 17.28 18.25
N LEU B 184 48.56 17.19 18.30
CA LEU B 184 47.79 16.46 19.33
C LEU B 184 48.06 14.98 19.22
N SER B 185 48.04 14.42 17.98
CA SER B 185 48.30 13.00 17.75
C SER B 185 49.75 12.65 18.10
N LYS B 186 50.71 13.54 17.76
CA LYS B 186 52.16 13.36 17.99
C LYS B 186 52.49 13.24 19.45
N GLY B 187 51.94 14.12 20.29
CA GLY B 187 52.24 14.08 21.72
C GLY B 187 51.32 14.81 22.68
N ALA B 188 50.02 14.46 22.68
CA ALA B 188 49.02 14.96 23.62
C ALA B 188 47.98 13.84 23.87
N MET B 189 48.31 12.63 23.39
CA MET B 189 47.53 11.41 23.50
C MET B 189 47.77 10.73 24.85
N GLN B 190 46.72 10.06 25.39
CA GLN B 190 46.76 9.32 26.64
C GLN B 190 47.35 7.92 26.36
N LYS B 191 48.17 7.42 27.30
CA LYS B 191 48.86 6.13 27.27
C LYS B 191 47.88 4.97 26.96
N PRO B 192 48.34 3.86 26.32
CA PRO B 192 47.41 2.74 26.07
C PRO B 192 46.90 2.10 27.37
N GLU B 193 45.58 1.76 27.39
CA GLU B 193 44.84 1.15 28.50
C GLU B 193 44.70 2.10 29.73
N LEU B 194 44.75 3.42 29.48
CA LEU B 194 44.64 4.43 30.55
C LEU B 194 43.59 5.55 30.29
N GLY B 195 42.70 5.33 29.34
CA GLY B 195 41.66 6.30 29.01
C GLY B 195 41.57 6.61 27.54
N TRP B 196 40.36 6.92 27.08
CA TRP B 196 40.06 7.27 25.68
C TRP B 196 40.45 8.71 25.34
N VAL B 197 40.69 8.97 24.04
CA VAL B 197 41.00 10.30 23.51
C VAL B 197 39.99 10.54 22.40
N ARG B 198 39.07 11.47 22.62
CA ARG B 198 38.03 11.81 21.64
C ARG B 198 38.19 13.26 21.16
N LEU B 199 38.05 13.49 19.85
CA LEU B 199 38.26 14.77 19.18
C LEU B 199 36.99 15.31 18.57
N ILE B 200 36.49 16.44 19.09
CA ILE B 200 35.33 17.14 18.54
C ILE B 200 35.85 18.13 17.51
N VAL B 201 35.39 17.97 16.26
CA VAL B 201 35.83 18.76 15.12
C VAL B 201 34.69 19.62 14.54
N GLU B 202 34.97 20.90 14.31
CA GLU B 202 34.02 21.88 13.78
C GLU B 202 34.19 22.13 12.26
N LYS B 203 33.08 22.53 11.60
CA LYS B 203 33.07 22.91 10.19
C LYS B 203 33.97 24.18 10.00
N PRO B 204 34.54 24.48 8.80
CA PRO B 204 34.34 23.82 7.49
C PRO B 204 35.12 22.53 7.29
N PHE B 205 34.50 21.57 6.60
CA PHE B 205 35.10 20.28 6.25
C PHE B 205 35.38 20.31 4.73
N GLY B 206 36.27 21.22 4.33
CA GLY B 206 36.62 21.46 2.94
C GLY B 206 35.63 22.43 2.30
N ARG B 207 35.76 22.59 0.98
CA ARG B 207 34.94 23.49 0.20
C ARG B 207 34.20 22.78 -0.93
N ASP B 208 34.52 21.50 -1.15
CA ASP B 208 33.97 20.59 -2.16
C ASP B 208 34.53 19.18 -1.89
N THR B 209 34.13 18.18 -2.69
CA THR B 209 34.56 16.78 -2.59
C THR B 209 36.09 16.61 -2.47
N GLU B 210 36.89 17.21 -3.41
CA GLU B 210 38.35 17.08 -3.46
C GLU B 210 39.08 17.62 -2.23
N THR B 211 38.73 18.84 -1.78
CA THR B 211 39.32 19.48 -0.62
C THR B 211 38.93 18.77 0.67
N SER B 212 37.71 18.25 0.74
CA SER B 212 37.20 17.51 1.89
C SER B 212 37.90 16.14 1.99
N GLU B 213 38.03 15.43 0.84
CA GLU B 213 38.67 14.10 0.69
C GLU B 213 40.10 14.20 1.14
N GLN B 214 40.77 15.32 0.76
CA GLN B 214 42.14 15.65 1.13
C GLN B 214 42.23 15.65 2.66
N LEU B 215 41.39 16.47 3.33
CA LEU B 215 41.35 16.60 4.77
C LEU B 215 41.09 15.29 5.49
N SER B 216 40.20 14.43 4.92
CA SER B 216 39.90 13.13 5.53
C SER B 216 41.09 12.19 5.48
N ASN B 217 41.86 12.25 4.36
CA ASN B 217 43.09 11.48 4.14
C ASN B 217 44.22 11.96 5.06
N GLN B 218 44.26 13.28 5.37
CA GLN B 218 45.27 13.90 6.22
C GLN B 218 45.08 13.49 7.67
N LEU B 219 43.83 13.16 8.04
CA LEU B 219 43.43 12.75 9.39
C LEU B 219 43.46 11.22 9.62
N LYS B 220 43.30 10.43 8.54
CA LYS B 220 43.27 8.97 8.55
C LYS B 220 44.47 8.35 9.34
N PRO B 221 45.76 8.71 9.07
CA PRO B 221 46.85 8.13 9.86
C PRO B 221 46.98 8.68 11.29
N LEU B 222 46.35 9.84 11.57
CA LEU B 222 46.43 10.55 12.85
C LEU B 222 45.53 9.98 13.93
N PHE B 223 44.26 9.67 13.58
CA PHE B 223 43.25 9.14 14.51
C PHE B 223 42.36 8.10 13.83
N ASN B 224 41.81 7.17 14.63
CA ASN B 224 40.85 6.17 14.16
C ASN B 224 39.53 6.92 14.09
N GLU B 225 38.71 6.65 13.06
CA GLU B 225 37.43 7.33 12.82
C GLU B 225 36.55 7.40 14.10
N ARG B 226 36.60 6.31 14.91
CA ARG B 226 35.98 6.03 16.21
C ARG B 226 36.15 7.22 17.20
N GLN B 227 37.35 7.85 17.17
CA GLN B 227 37.78 8.96 18.02
C GLN B 227 37.34 10.32 17.48
N VAL B 228 36.99 10.39 16.18
CA VAL B 228 36.64 11.65 15.52
C VAL B 228 35.13 11.93 15.63
N PHE B 229 34.78 13.10 16.20
CA PHE B 229 33.41 13.56 16.41
C PHE B 229 33.15 14.87 15.65
N ARG B 230 32.79 14.72 14.35
CA ARG B 230 32.51 15.82 13.43
C ARG B 230 31.17 16.44 13.76
N ILE B 231 31.21 17.67 14.28
CA ILE B 231 30.00 18.36 14.71
C ILE B 231 29.25 19.03 13.54
N ASP B 232 27.94 18.84 13.55
CA ASP B 232 26.92 19.51 12.77
C ASP B 232 25.83 19.71 13.85
N HIS B 233 25.71 20.95 14.38
CA HIS B 233 24.81 21.25 15.51
C HIS B 233 23.31 21.01 15.23
N TYR B 234 22.89 20.86 13.97
CA TYR B 234 21.49 20.58 13.69
C TYR B 234 21.07 19.23 14.25
N LEU B 235 22.02 18.25 14.33
CA LEU B 235 21.79 16.91 14.87
C LEU B 235 21.61 16.89 16.40
N GLY B 236 21.63 18.09 17.02
CA GLY B 236 21.45 18.30 18.45
C GLY B 236 20.22 19.11 18.79
N LYS B 237 19.44 19.52 17.78
CA LYS B 237 18.20 20.30 17.91
C LYS B 237 17.06 19.35 18.27
N GLU B 238 16.19 19.73 19.22
CA GLU B 238 15.11 18.88 19.72
C GLU B 238 14.23 18.30 18.59
N MET B 239 13.86 19.13 17.58
CA MET B 239 13.01 18.67 16.49
C MET B 239 13.74 17.79 15.50
N VAL B 240 15.06 17.96 15.33
CA VAL B 240 15.86 17.13 14.41
C VAL B 240 16.08 15.75 15.06
N GLN B 241 16.32 15.73 16.38
CA GLN B 241 16.49 14.49 17.15
C GLN B 241 15.18 13.62 17.20
N ASN B 242 14.01 14.23 16.95
CA ASN B 242 12.72 13.57 16.98
C ASN B 242 12.30 12.99 15.63
N ILE B 243 13.03 13.32 14.55
CA ILE B 243 12.68 12.84 13.19
C ILE B 243 12.59 11.32 13.18
N ILE B 244 13.65 10.66 13.65
CA ILE B 244 13.76 9.18 13.68
C ILE B 244 12.60 8.53 14.50
N VAL B 245 12.13 9.15 15.60
CA VAL B 245 11.02 8.64 16.40
C VAL B 245 9.72 8.87 15.64
N THR B 246 9.46 10.11 15.18
CA THR B 246 8.25 10.44 14.44
C THR B 246 7.95 9.45 13.35
N ARG B 247 8.98 9.10 12.58
CA ARG B 247 9.05 8.28 11.39
C ARG B 247 8.93 6.81 11.62
N PHE B 248 9.67 6.22 12.59
CA PHE B 248 9.78 4.75 12.74
C PHE B 248 9.17 4.15 14.03
N ALA B 249 8.56 4.97 14.90
CA ALA B 249 7.89 4.47 16.11
C ALA B 249 6.38 4.53 15.89
N ASN B 250 5.95 5.14 14.77
CA ASN B 250 4.56 5.37 14.44
C ASN B 250 4.12 4.82 13.08
N ARG B 251 3.04 3.95 13.05
CA ARG B 251 2.52 3.41 11.79
C ARG B 251 1.83 4.50 10.91
N VAL B 252 1.23 5.55 11.52
CA VAL B 252 0.60 6.66 10.81
C VAL B 252 1.58 7.31 9.82
N PHE B 253 2.82 7.61 10.28
CA PHE B 253 3.84 8.23 9.41
C PHE B 253 4.59 7.21 8.60
N SER B 254 4.84 6.01 9.17
CA SER B 254 5.53 4.91 8.49
C SER B 254 4.81 4.49 7.19
N ALA B 255 3.49 4.20 7.25
CA ALA B 255 2.67 3.84 6.09
C ALA B 255 2.62 4.90 4.97
N LEU B 256 2.65 6.18 5.38
CA LEU B 256 2.58 7.35 4.51
C LEU B 256 3.91 7.87 3.96
N TRP B 257 5.05 7.40 4.51
CA TRP B 257 6.37 7.92 4.16
C TRP B 257 7.01 7.31 2.91
N ASN B 258 6.40 7.56 1.73
CA ASN B 258 6.88 7.11 0.42
C ASN B 258 6.13 7.83 -0.74
N SER B 259 6.64 7.71 -1.99
CA SER B 259 6.09 8.33 -3.20
C SER B 259 4.59 8.12 -3.46
N ASN B 260 3.95 7.10 -2.89
CA ASN B 260 2.53 6.87 -3.14
C ASN B 260 1.63 7.91 -2.46
N SER B 261 2.05 8.42 -1.27
CA SER B 261 1.30 9.39 -0.45
C SER B 261 1.91 10.78 -0.47
N ILE B 262 3.26 10.89 -0.48
CA ILE B 262 3.95 12.19 -0.50
C ILE B 262 4.09 12.77 -1.93
N ALA B 263 3.66 14.03 -2.09
CA ALA B 263 3.74 14.77 -3.34
C ALA B 263 4.98 15.70 -3.36
N CYS B 264 5.32 16.36 -2.22
CA CYS B 264 6.43 17.28 -2.17
C CYS B 264 7.07 17.31 -0.77
N VAL B 265 8.39 17.43 -0.71
CA VAL B 265 9.08 17.63 0.57
C VAL B 265 9.86 18.93 0.47
N GLN B 266 9.59 19.86 1.38
CA GLN B 266 10.30 21.13 1.46
C GLN B 266 11.12 21.31 2.80
N ILE B 267 12.38 21.72 2.70
CA ILE B 267 13.25 22.02 3.86
C ILE B 267 13.60 23.50 3.77
N THR B 268 13.23 24.30 4.79
CA THR B 268 13.39 25.74 4.81
C THR B 268 14.25 26.27 5.93
N PHE B 269 15.14 27.20 5.57
CA PHE B 269 15.99 27.98 6.46
C PHE B 269 15.88 29.44 6.04
N LYS B 270 15.45 30.28 6.99
CA LYS B 270 15.27 31.72 6.82
C LYS B 270 15.92 32.42 7.98
N GLU B 271 16.54 33.54 7.71
CA GLU B 271 17.21 34.37 8.71
C GLU B 271 16.91 35.87 8.44
N LYS B 272 16.53 36.65 9.46
CA LYS B 272 16.30 38.08 9.27
C LYS B 272 17.66 38.77 9.16
N ILE B 273 18.67 38.23 9.88
CA ILE B 273 20.07 38.68 9.94
C ILE B 273 20.77 38.49 8.55
N GLY B 274 21.69 39.39 8.22
CA GLY B 274 22.51 39.27 7.02
C GLY B 274 23.89 38.80 7.39
N THR B 275 24.92 39.35 6.76
CA THR B 275 26.29 39.03 7.11
C THR B 275 26.64 39.92 8.33
N GLU B 276 26.14 41.19 8.27
CA GLU B 276 26.23 42.27 9.27
C GLU B 276 27.56 42.27 9.99
N GLY B 277 28.57 42.86 9.33
CA GLY B 277 29.93 42.95 9.83
C GLY B 277 30.88 41.92 9.25
N ARG B 278 30.47 40.61 9.31
CA ARG B 278 31.27 39.47 8.84
C ARG B 278 30.87 38.98 7.43
N GLY B 279 31.11 39.84 6.44
CA GLY B 279 30.83 39.60 5.03
C GLY B 279 31.93 38.91 4.25
N GLY B 280 33.18 39.30 4.51
CA GLY B 280 34.36 38.70 3.91
C GLY B 280 34.50 37.28 4.38
N TYR B 281 34.09 37.05 5.62
CA TYR B 281 34.05 35.77 6.31
C TYR B 281 33.09 34.79 5.60
N PHE B 282 32.02 35.33 4.98
CA PHE B 282 30.96 34.60 4.27
C PHE B 282 31.23 34.41 2.78
N ASP B 283 31.74 35.46 2.13
CA ASP B 283 32.03 35.60 0.70
C ASP B 283 32.70 34.38 0.06
N SER B 284 33.59 33.72 0.82
CA SER B 284 34.36 32.55 0.42
C SER B 284 33.58 31.23 0.52
N ILE B 285 32.45 31.23 1.27
CA ILE B 285 31.63 30.06 1.57
C ILE B 285 30.33 30.04 0.74
N GLY B 286 29.48 31.06 0.90
CA GLY B 286 28.19 31.11 0.23
C GLY B 286 27.14 30.38 1.03
N ILE B 287 25.84 30.52 0.64
CA ILE B 287 24.73 29.90 1.39
C ILE B 287 24.71 28.36 1.28
N ILE B 288 25.14 27.79 0.14
CA ILE B 288 25.12 26.33 -0.08
C ILE B 288 26.16 25.66 0.82
N ARG B 289 27.41 26.14 0.79
CA ARG B 289 28.49 25.59 1.62
C ARG B 289 28.24 25.77 3.13
N ASP B 290 27.60 26.89 3.54
CA ASP B 290 27.30 27.27 4.93
C ASP B 290 26.15 26.52 5.59
N VAL B 291 24.99 26.42 4.90
CA VAL B 291 23.75 25.87 5.44
C VAL B 291 23.27 24.62 4.75
N ILE B 292 23.17 24.66 3.40
CA ILE B 292 22.57 23.57 2.60
C ILE B 292 23.39 22.28 2.62
N GLN B 293 24.70 22.32 2.33
CA GLN B 293 25.57 21.11 2.27
C GLN B 293 25.61 20.29 3.59
N ASN B 294 25.62 20.98 4.74
CA ASN B 294 25.77 20.38 6.06
C ASN B 294 24.45 20.22 6.77
N HIS B 295 23.91 21.32 7.32
CA HIS B 295 22.69 21.36 8.13
C HIS B 295 21.48 20.76 7.48
N LEU B 296 21.04 21.30 6.32
CA LEU B 296 19.80 20.85 5.66
C LEU B 296 19.94 19.50 4.97
N THR B 297 21.17 19.07 4.64
CA THR B 297 21.40 17.74 4.08
C THR B 297 21.27 16.69 5.21
N GLN B 298 21.61 17.05 6.49
CA GLN B 298 21.43 16.16 7.66
C GLN B 298 19.92 15.88 7.84
N ILE B 299 19.10 16.95 7.76
CA ILE B 299 17.64 16.88 7.83
C ILE B 299 17.16 16.03 6.65
N LEU B 300 17.73 16.27 5.46
CA LEU B 300 17.38 15.48 4.26
C LEU B 300 17.66 13.99 4.48
N SER B 301 18.81 13.63 5.08
CA SER B 301 19.17 12.22 5.32
C SER B 301 18.25 11.54 6.31
N LEU B 302 17.83 12.26 7.35
CA LEU B 302 16.93 11.69 8.38
C LEU B 302 15.49 11.53 7.90
N LEU B 303 15.07 12.43 6.97
CA LEU B 303 13.73 12.41 6.38
C LEU B 303 13.58 11.35 5.29
N THR B 304 14.70 10.96 4.61
CA THR B 304 14.70 10.08 3.43
C THR B 304 15.26 8.68 3.66
N MET B 305 16.04 8.48 4.73
CA MET B 305 16.65 7.18 5.05
C MET B 305 15.62 6.05 5.22
N GLU B 306 16.10 4.80 5.05
CA GLU B 306 15.28 3.60 5.25
C GLU B 306 15.24 3.33 6.76
N LYS B 307 14.41 2.36 7.19
CA LYS B 307 14.33 2.05 8.60
C LYS B 307 15.63 1.37 9.04
N PRO B 308 16.28 1.86 10.14
CA PRO B 308 17.54 1.25 10.59
C PRO B 308 17.38 -0.18 11.15
N ARG B 309 18.45 -0.99 11.04
CA ARG B 309 18.49 -2.38 11.52
C ARG B 309 18.34 -2.44 13.03
N SER B 310 18.74 -1.37 13.73
CA SER B 310 18.62 -1.15 15.18
C SER B 310 18.82 0.35 15.48
N LEU B 311 18.75 0.73 16.78
CA LEU B 311 19.01 2.14 17.12
C LEU B 311 20.48 2.40 17.44
N SER B 312 21.39 1.49 17.03
CA SER B 312 22.83 1.67 17.23
C SER B 312 23.37 2.81 16.32
N ALA B 313 24.54 3.39 16.68
CA ALA B 313 25.10 4.51 15.90
C ALA B 313 25.36 4.13 14.46
N GLU B 314 26.10 3.03 14.25
CA GLU B 314 26.45 2.58 12.90
C GLU B 314 25.27 2.10 12.11
N ASP B 315 24.24 1.53 12.76
CA ASP B 315 23.03 1.14 12.04
C ASP B 315 22.25 2.35 11.54
N ILE B 316 22.26 3.47 12.29
CA ILE B 316 21.59 4.72 11.90
C ILE B 316 22.42 5.42 10.84
N ARG B 317 23.74 5.60 11.09
CA ARG B 317 24.68 6.26 10.17
C ARG B 317 24.83 5.52 8.84
N ASP B 318 24.63 4.19 8.81
CA ASP B 318 24.66 3.38 7.58
C ASP B 318 23.46 3.69 6.67
N GLU B 319 22.31 4.01 7.26
CA GLU B 319 21.12 4.35 6.48
C GLU B 319 21.22 5.77 5.93
N LYS B 320 21.87 6.68 6.70
CA LYS B 320 22.11 8.07 6.32
C LYS B 320 23.02 8.12 5.09
N VAL B 321 24.16 7.38 5.13
CA VAL B 321 25.11 7.31 4.01
C VAL B 321 24.42 6.71 2.79
N GLN B 322 23.67 5.62 3.00
CA GLN B 322 22.93 4.89 1.96
C GLN B 322 22.01 5.78 1.12
N VAL B 323 21.19 6.62 1.77
CA VAL B 323 20.29 7.50 1.03
C VAL B 323 21.08 8.62 0.33
N LEU B 324 22.02 9.27 1.06
CA LEU B 324 22.82 10.34 0.47
C LEU B 324 23.57 9.88 -0.77
N ARG B 325 23.90 8.59 -0.84
CA ARG B 325 24.60 8.01 -1.98
C ARG B 325 23.68 7.80 -3.19
N GLN B 326 22.37 8.05 -3.02
CA GLN B 326 21.33 7.90 -4.04
C GLN B 326 20.69 9.24 -4.42
N VAL B 327 21.22 10.36 -3.89
CA VAL B 327 20.69 11.68 -4.22
C VAL B 327 21.42 12.08 -5.49
N VAL B 328 20.65 12.42 -6.55
CA VAL B 328 21.27 12.82 -7.81
C VAL B 328 21.95 14.21 -7.59
N PRO B 329 23.20 14.42 -8.05
CA PRO B 329 23.86 15.71 -7.81
C PRO B 329 23.03 16.89 -8.32
N ALA B 330 22.84 17.89 -7.47
CA ALA B 330 22.09 19.09 -7.79
C ALA B 330 22.60 19.69 -9.10
N ASN B 331 21.66 20.01 -9.99
CA ASN B 331 21.97 20.54 -11.32
C ASN B 331 21.69 22.04 -11.41
N PRO B 332 22.61 22.81 -12.03
CA PRO B 332 22.45 24.28 -12.13
C PRO B 332 21.15 24.80 -12.73
N ALA B 333 20.52 24.01 -13.63
CA ALA B 333 19.24 24.35 -14.27
C ALA B 333 18.10 24.30 -13.24
N GLU B 334 18.19 23.37 -12.26
CA GLU B 334 17.18 23.17 -11.21
C GLU B 334 17.57 23.86 -9.90
N CYS B 335 17.76 25.21 -9.96
CA CYS B 335 18.10 26.05 -8.80
C CYS B 335 17.90 27.54 -9.07
N VAL B 336 17.74 28.35 -8.00
CA VAL B 336 17.60 29.82 -8.03
C VAL B 336 18.52 30.39 -6.94
N LEU B 337 19.32 31.42 -7.30
CA LEU B 337 20.27 32.04 -6.37
C LEU B 337 19.97 33.52 -6.19
N GLY B 338 20.24 34.01 -4.99
CA GLY B 338 20.06 35.42 -4.66
C GLY B 338 21.19 36.00 -3.85
N GLN B 339 21.33 37.34 -3.88
CA GLN B 339 22.28 38.14 -3.11
C GLN B 339 21.53 39.41 -2.67
N TYR B 340 21.41 39.63 -1.35
CA TYR B 340 20.61 40.74 -0.83
C TYR B 340 21.21 42.12 -1.09
N THR B 341 20.31 43.05 -1.42
CA THR B 341 20.55 44.46 -1.64
C THR B 341 20.02 45.17 -0.37
N ALA B 342 20.09 46.52 -0.32
CA ALA B 342 19.62 47.27 0.85
C ALA B 342 18.09 47.16 0.99
N SER B 343 17.62 47.17 2.26
CA SER B 343 16.20 47.08 2.61
C SER B 343 15.44 48.32 2.09
N ALA B 344 14.15 48.13 1.73
CA ALA B 344 13.22 49.14 1.22
C ALA B 344 13.37 50.53 1.85
N ASP B 345 13.62 50.57 3.18
CA ASP B 345 13.76 51.80 3.96
C ASP B 345 15.22 52.28 4.13
N GLY B 346 16.14 51.35 4.34
CA GLY B 346 17.56 51.66 4.54
C GLY B 346 18.17 51.08 5.81
N SER B 347 17.33 50.52 6.72
CA SER B 347 17.74 49.91 8.00
C SER B 347 18.89 48.92 7.79
N THR B 348 18.66 47.85 6.99
CA THR B 348 19.65 46.83 6.68
C THR B 348 20.39 47.19 5.39
N PRO B 349 21.73 47.44 5.44
CA PRO B 349 22.45 47.75 4.19
C PRO B 349 22.61 46.52 3.28
N GLY B 350 22.94 46.78 2.01
CA GLY B 350 23.16 45.75 1.00
C GLY B 350 24.35 44.87 1.33
N TYR B 351 24.39 43.64 0.74
CA TYR B 351 25.48 42.70 0.98
C TYR B 351 26.84 43.31 0.57
N LEU B 352 26.87 44.01 -0.58
CA LEU B 352 28.05 44.61 -1.14
C LEU B 352 28.50 45.91 -0.42
N ASP B 353 27.61 46.49 0.44
CA ASP B 353 27.90 47.70 1.23
C ASP B 353 28.91 47.42 2.35
N ASP B 354 29.11 46.13 2.69
CA ASP B 354 30.06 45.66 3.69
C ASP B 354 31.49 45.85 3.16
N PRO B 355 32.40 46.56 3.90
CA PRO B 355 33.78 46.75 3.40
C PRO B 355 34.63 45.48 3.32
N SER B 356 34.28 44.44 4.10
CA SER B 356 34.97 43.15 4.14
C SER B 356 34.68 42.35 2.85
N VAL B 357 33.52 42.64 2.22
CA VAL B 357 33.04 42.02 0.99
C VAL B 357 33.78 42.62 -0.22
N PRO B 358 34.46 41.79 -1.06
CA PRO B 358 35.14 42.32 -2.26
C PRO B 358 34.19 42.95 -3.27
N LYS B 359 34.70 43.93 -4.03
CA LYS B 359 33.95 44.66 -5.05
C LYS B 359 33.49 43.73 -6.18
N GLY B 360 32.21 43.80 -6.51
CA GLY B 360 31.58 43.02 -7.56
C GLY B 360 31.46 41.53 -7.30
N SER B 361 31.33 41.15 -6.01
CA SER B 361 31.18 39.75 -5.60
C SER B 361 29.84 39.13 -6.02
N HIS B 362 29.87 37.91 -6.60
CA HIS B 362 28.67 37.19 -7.04
C HIS B 362 28.27 36.06 -6.06
N CYS B 363 28.62 36.25 -4.76
CA CYS B 363 28.35 35.29 -3.69
C CYS B 363 26.87 35.17 -3.38
N PRO B 364 26.26 33.94 -3.42
CA PRO B 364 24.84 33.83 -3.09
C PRO B 364 24.56 33.80 -1.60
N THR B 365 23.69 34.71 -1.14
CA THR B 365 23.21 34.78 0.24
C THR B 365 21.88 34.04 0.35
N PHE B 366 21.38 33.54 -0.80
CA PHE B 366 20.12 32.81 -0.97
C PHE B 366 20.22 31.70 -2.02
N ALA B 367 19.56 30.56 -1.78
CA ALA B 367 19.47 29.46 -2.72
C ALA B 367 18.26 28.57 -2.46
N VAL B 368 17.52 28.25 -3.54
CA VAL B 368 16.45 27.25 -3.60
C VAL B 368 16.87 26.21 -4.64
N LEU B 369 16.70 24.92 -4.32
CA LEU B 369 17.16 23.79 -5.12
C LEU B 369 16.12 22.71 -5.17
N ARG B 370 16.00 22.04 -6.32
CA ARG B 370 15.12 20.87 -6.47
C ARG B 370 16.08 19.69 -6.47
N LEU B 371 15.90 18.74 -5.53
CA LEU B 371 16.73 17.54 -5.45
C LEU B 371 15.92 16.29 -5.71
N HIS B 372 16.52 15.28 -6.36
CA HIS B 372 15.89 14.00 -6.65
C HIS B 372 16.64 12.85 -5.96
N VAL B 373 15.91 11.98 -5.26
CA VAL B 373 16.47 10.79 -4.57
C VAL B 373 16.12 9.59 -5.46
N ASN B 374 17.11 9.01 -6.12
CA ASN B 374 16.91 7.92 -7.07
C ASN B 374 16.76 6.53 -6.42
N ASN B 375 15.64 6.30 -5.72
CA ASN B 375 15.36 4.98 -5.17
C ASN B 375 13.88 4.73 -5.23
N ASP B 376 13.45 3.49 -4.99
CA ASP B 376 12.05 3.08 -5.10
C ASP B 376 11.08 3.76 -4.09
N ARG B 377 11.57 4.27 -2.92
CA ARG B 377 10.71 5.00 -1.95
C ARG B 377 10.45 6.42 -2.39
N TRP B 378 11.47 7.05 -3.00
CA TRP B 378 11.43 8.46 -3.35
C TRP B 378 11.39 8.79 -4.85
N HIS B 379 11.12 7.81 -5.71
CA HIS B 379 11.10 8.08 -7.13
C HIS B 379 9.94 8.99 -7.50
N GLY B 380 10.25 10.13 -8.11
CA GLY B 380 9.24 11.08 -8.52
C GLY B 380 8.89 12.12 -7.48
N VAL B 381 9.35 11.94 -6.21
CA VAL B 381 9.09 12.93 -5.14
C VAL B 381 10.11 14.07 -5.26
N PRO B 382 9.65 15.33 -5.52
CA PRO B 382 10.59 16.47 -5.53
C PRO B 382 10.98 16.94 -4.12
N PHE B 383 12.27 17.26 -3.93
CA PHE B 383 12.78 17.77 -2.65
C PHE B 383 13.18 19.21 -2.88
N ILE B 384 12.56 20.17 -2.18
CA ILE B 384 12.88 21.58 -2.38
C ILE B 384 13.63 22.07 -1.18
N ILE B 385 14.92 22.41 -1.34
CA ILE B 385 15.77 22.87 -0.23
C ILE B 385 16.02 24.39 -0.36
N ARG B 386 15.60 25.13 0.68
CA ARG B 386 15.66 26.59 0.76
C ARG B 386 16.51 27.09 1.92
N ALA B 387 17.41 28.03 1.62
CA ALA B 387 18.26 28.68 2.60
C ALA B 387 18.60 30.08 2.11
N GLY B 388 18.36 31.07 2.97
CA GLY B 388 18.65 32.46 2.68
C GLY B 388 18.82 33.35 3.89
N LYS B 389 19.61 34.42 3.74
CA LYS B 389 19.88 35.42 4.76
C LYS B 389 19.17 36.71 4.34
N ALA B 390 18.91 37.63 5.32
CA ALA B 390 18.21 38.92 5.12
C ALA B 390 16.79 38.72 4.52
N LEU B 391 16.05 37.76 5.08
CA LEU B 391 14.71 37.52 4.59
C LEU B 391 13.65 38.14 5.51
N GLU B 392 12.36 37.79 5.31
CA GLU B 392 11.21 38.32 6.03
C GLU B 392 11.07 37.80 7.48
N GLU B 393 11.57 36.58 7.75
CA GLU B 393 11.43 36.00 9.08
C GLU B 393 12.53 35.00 9.42
N ARG B 394 12.63 34.62 10.71
CA ARG B 394 13.56 33.58 11.17
C ARG B 394 12.71 32.31 11.11
N LEU B 395 13.18 31.31 10.35
CA LEU B 395 12.47 30.04 10.19
C LEU B 395 13.41 28.89 9.93
N LEU B 396 13.05 27.71 10.46
CA LEU B 396 13.65 26.43 10.20
C LEU B 396 12.55 25.44 10.38
N ASP B 397 12.02 24.93 9.25
CA ASP B 397 10.95 23.94 9.27
C ASP B 397 11.08 22.93 8.14
N ILE B 398 10.35 21.83 8.31
CA ILE B 398 10.26 20.72 7.38
C ILE B 398 8.79 20.65 6.99
N ARG B 399 8.51 20.53 5.67
CA ARG B 399 7.14 20.41 5.18
C ARG B 399 6.96 19.18 4.29
N ILE B 400 6.16 18.22 4.75
CA ILE B 400 5.84 17.02 3.96
C ILE B 400 4.45 17.23 3.45
N GLN B 401 4.34 17.54 2.16
CA GLN B 401 3.05 17.81 1.51
C GLN B 401 2.56 16.50 0.80
N PHE B 402 1.44 15.94 1.28
CA PHE B 402 0.84 14.72 0.75
C PHE B 402 0.03 14.98 -0.51
N LYS B 403 -0.23 13.95 -1.31
CA LYS B 403 -0.99 14.09 -2.56
C LYS B 403 -2.41 14.51 -2.26
N ASP B 404 -3.03 15.18 -3.22
CA ASP B 404 -4.41 15.62 -3.10
C ASP B 404 -5.39 14.41 -3.14
N GLU B 405 -6.55 14.54 -2.45
CA GLU B 405 -7.62 13.55 -2.56
C GLU B 405 -8.59 14.20 -3.52
N ILE B 406 -8.46 13.86 -4.81
CA ILE B 406 -9.22 14.42 -5.94
C ILE B 406 -10.72 14.34 -5.74
N ARG B 407 -11.22 13.16 -5.41
CA ARG B 407 -12.66 12.91 -5.27
C ARG B 407 -12.95 12.36 -3.89
N PRO B 408 -14.12 12.68 -3.27
CA PRO B 408 -15.27 13.44 -3.77
C PRO B 408 -15.29 14.95 -3.53
N PHE B 409 -14.23 15.52 -2.92
CA PHE B 409 -14.26 16.94 -2.52
C PHE B 409 -13.68 17.95 -3.53
N GLY B 410 -12.81 17.51 -4.44
CA GLY B 410 -12.20 18.38 -5.44
C GLY B 410 -11.64 19.68 -4.89
N GLU B 411 -12.21 20.83 -5.33
CA GLU B 411 -11.82 22.18 -4.88
C GLU B 411 -12.17 22.47 -3.41
N SER B 412 -13.07 21.66 -2.82
CA SER B 412 -13.45 21.79 -1.41
C SER B 412 -12.34 21.22 -0.48
N THR B 413 -11.22 20.77 -1.07
CA THR B 413 -10.11 20.25 -0.31
C THR B 413 -8.78 20.65 -0.93
N GLN B 414 -7.70 20.47 -0.18
CA GLN B 414 -6.35 20.78 -0.56
C GLN B 414 -5.40 19.83 0.20
N ARG B 415 -4.28 19.48 -0.46
CA ARG B 415 -3.23 18.60 0.04
C ARG B 415 -3.02 18.71 1.55
N ASN B 416 -2.93 17.57 2.22
CA ASN B 416 -2.61 17.56 3.65
C ASN B 416 -1.15 17.90 3.74
N GLU B 417 -0.72 18.37 4.89
CA GLU B 417 0.65 18.73 5.07
C GLU B 417 1.13 18.44 6.50
N LEU B 418 2.26 17.70 6.66
CA LEU B 418 2.84 17.52 7.98
C LEU B 418 3.98 18.50 8.10
N VAL B 419 3.82 19.50 8.97
CA VAL B 419 4.80 20.55 9.22
C VAL B 419 5.51 20.30 10.54
N ILE B 420 6.84 20.22 10.50
CA ILE B 420 7.69 20.09 11.70
C ILE B 420 8.50 21.38 11.76
N ARG B 421 8.15 22.28 12.68
CA ARG B 421 8.90 23.54 12.87
C ARG B 421 9.92 23.42 14.01
N ALA B 422 11.21 23.49 13.65
CA ALA B 422 12.31 23.33 14.58
C ALA B 422 12.64 24.60 15.38
N GLN B 423 12.22 25.78 14.91
CA GLN B 423 12.36 27.12 15.50
C GLN B 423 11.67 28.13 14.60
N PRO B 424 11.14 29.30 15.06
CA PRO B 424 11.20 29.90 16.41
C PRO B 424 10.47 29.16 17.52
N SER B 425 9.35 28.47 17.23
CA SER B 425 8.62 27.83 18.31
C SER B 425 8.43 26.33 18.07
N GLU B 426 9.46 25.56 18.48
CA GLU B 426 9.55 24.09 18.35
C GLU B 426 8.15 23.44 18.45
N ALA B 427 7.61 22.99 17.29
CA ALA B 427 6.28 22.40 17.16
C ALA B 427 6.13 21.40 16.00
N MET B 428 4.99 20.71 15.96
CA MET B 428 4.64 19.71 14.97
C MET B 428 3.15 19.77 14.79
N TYR B 429 2.74 19.98 13.54
CA TYR B 429 1.32 20.06 13.23
C TYR B 429 0.98 19.48 11.86
N LEU B 430 -0.17 18.81 11.80
CA LEU B 430 -0.65 18.21 10.59
C LEU B 430 -1.87 18.97 10.11
N LYS B 431 -1.72 19.56 8.91
CA LYS B 431 -2.72 20.37 8.25
C LYS B 431 -3.69 19.49 7.52
N LEU B 432 -5.00 19.61 7.84
CA LEU B 432 -6.07 18.78 7.24
C LEU B 432 -7.28 19.60 6.83
N THR B 433 -8.24 18.93 6.18
CA THR B 433 -9.52 19.53 5.80
C THR B 433 -10.59 18.91 6.71
N ALA B 434 -11.47 19.79 7.21
CA ALA B 434 -12.58 19.41 8.08
C ALA B 434 -13.81 20.24 7.73
N LYS B 435 -14.99 19.73 8.11
CA LYS B 435 -16.24 20.46 7.91
C LYS B 435 -16.24 21.73 8.77
N THR B 436 -16.74 22.85 8.20
CA THR B 436 -16.84 24.12 8.89
C THR B 436 -17.80 23.89 10.07
N PRO B 437 -17.34 24.12 11.32
CA PRO B 437 -18.22 23.88 12.47
C PRO B 437 -19.51 24.71 12.43
N GLY B 438 -20.61 24.10 12.82
CA GLY B 438 -21.90 24.77 12.88
C GLY B 438 -22.96 24.21 11.95
N LEU B 439 -23.88 25.08 11.51
CA LEU B 439 -25.00 24.79 10.61
C LEU B 439 -24.66 25.07 9.12
N LEU B 440 -23.41 24.75 8.73
CA LEU B 440 -22.79 25.00 7.43
C LEU B 440 -22.01 23.74 6.97
N ASN B 441 -21.80 23.58 5.65
N ASN B 441 -21.93 23.51 5.61
CA ASN B 441 -21.10 22.43 5.05
CA ASN B 441 -21.25 22.37 4.96
C ASN B 441 -20.85 22.59 3.53
C ASN B 441 -20.92 22.65 3.46
N ASP B 442 -19.81 23.31 3.00
CA ASP B 442 -18.67 24.08 3.54
C ASP B 442 -17.63 23.31 4.34
N THR B 443 -16.37 23.30 3.80
CA THR B 443 -15.15 22.73 4.38
C THR B 443 -14.21 23.89 4.72
N HIS B 444 -13.20 23.65 5.58
CA HIS B 444 -12.19 24.66 5.97
C HIS B 444 -10.89 23.96 6.29
N GLN B 445 -9.78 24.67 6.30
CA GLN B 445 -8.52 24.02 6.63
C GLN B 445 -8.26 24.13 8.12
N THR B 446 -7.89 23.02 8.73
CA THR B 446 -7.61 22.97 10.16
C THR B 446 -6.22 22.31 10.40
N GLU B 447 -5.81 22.20 11.68
CA GLU B 447 -4.52 21.66 12.12
C GLU B 447 -4.72 20.79 13.36
N LEU B 448 -3.97 19.69 13.47
CA LEU B 448 -3.92 18.86 14.67
C LEU B 448 -2.55 19.22 15.16
N ASP B 449 -2.48 20.13 16.09
CA ASP B 449 -1.23 20.73 16.57
C ASP B 449 -0.66 20.08 17.85
N LEU B 450 0.68 20.20 18.01
CA LEU B 450 1.49 19.89 19.18
C LEU B 450 2.53 21.02 19.31
N THR B 451 2.34 21.94 20.29
CA THR B 451 3.26 23.07 20.55
C THR B 451 4.00 22.82 21.88
N TYR B 452 5.32 22.53 21.78
CA TYR B 452 6.21 22.18 22.88
C TYR B 452 6.28 23.20 24.02
N GLU B 453 6.18 24.53 23.73
CA GLU B 453 6.20 25.53 24.81
C GLU B 453 4.89 25.60 25.57
N ARG B 454 3.76 25.16 24.95
CA ARG B 454 2.43 25.11 25.56
C ARG B 454 2.22 23.84 26.39
N ARG B 455 2.61 22.67 25.84
CA ARG B 455 2.41 21.34 26.42
C ARG B 455 3.46 20.87 27.42
N TYR B 456 4.72 21.38 27.34
CA TYR B 456 5.78 20.96 28.26
C TYR B 456 6.43 22.09 29.06
N ASP B 457 6.73 21.84 30.36
CA ASP B 457 7.39 22.78 31.28
C ASP B 457 8.92 22.62 31.18
N VAL B 458 9.36 21.76 30.27
CA VAL B 458 10.77 21.45 30.00
C VAL B 458 11.45 22.68 29.34
N THR B 459 12.61 23.10 29.86
CA THR B 459 13.42 24.17 29.28
C THR B 459 14.58 23.46 28.59
N LEU B 460 14.32 23.09 27.31
CA LEU B 460 15.18 22.33 26.39
C LEU B 460 16.65 22.73 26.39
N PRO B 461 17.59 21.75 26.22
CA PRO B 461 19.01 22.09 26.20
C PRO B 461 19.40 22.64 24.85
N ASP B 462 20.52 23.36 24.81
CA ASP B 462 21.10 23.90 23.58
C ASP B 462 21.62 22.69 22.77
N ALA B 463 21.73 22.83 21.45
CA ALA B 463 22.23 21.77 20.58
C ALA B 463 23.62 21.28 21.03
N TYR B 464 24.46 22.19 21.54
CA TYR B 464 25.80 21.82 21.97
C TYR B 464 25.85 21.06 23.28
N GLU B 465 24.84 21.17 24.14
CA GLU B 465 24.78 20.39 25.38
C GLU B 465 24.65 18.91 25.04
N SER B 466 23.67 18.56 24.18
CA SER B 466 23.40 17.20 23.72
C SER B 466 24.67 16.58 23.16
N LEU B 467 25.15 17.08 22.03
CA LEU B 467 26.31 16.56 21.33
C LEU B 467 27.55 16.45 22.21
N ILE B 468 27.91 17.51 23.02
CA ILE B 468 29.09 17.41 23.92
C ILE B 468 28.92 16.22 24.86
N HIS B 469 27.69 16.04 25.40
CA HIS B 469 27.32 14.96 26.29
C HIS B 469 27.51 13.62 25.61
N GLU B 470 26.88 13.46 24.42
CA GLU B 470 26.99 12.26 23.58
C GLU B 470 28.46 11.88 23.29
N ALA B 471 29.33 12.87 23.07
CA ALA B 471 30.77 12.67 22.83
C ALA B 471 31.46 12.13 24.08
N LEU B 472 31.02 12.56 25.27
CA LEU B 472 31.57 12.08 26.55
C LEU B 472 31.07 10.64 26.81
N LEU B 473 29.79 10.36 26.42
CA LEU B 473 29.11 9.05 26.49
C LEU B 473 29.53 8.11 25.32
N GLY B 474 30.46 8.55 24.47
CA GLY B 474 30.99 7.82 23.32
C GLY B 474 29.98 7.40 22.27
N ASN B 475 28.87 8.15 22.15
CA ASN B 475 27.78 7.92 21.21
C ASN B 475 27.96 8.74 19.90
N SER B 476 28.28 8.07 18.79
CA SER B 476 28.59 8.70 17.51
C SER B 476 27.43 8.96 16.56
N THR B 477 26.18 8.57 16.93
CA THR B 477 25.03 8.65 16.01
C THR B 477 24.75 10.07 15.48
N ASN B 478 24.93 11.11 16.30
CA ASN B 478 24.63 12.49 15.85
C ASN B 478 25.89 13.26 15.51
N PHE B 479 26.84 12.54 14.85
CA PHE B 479 28.13 13.06 14.39
C PHE B 479 28.38 12.60 12.95
N VAL B 480 28.77 13.52 12.07
CA VAL B 480 29.05 13.25 10.67
C VAL B 480 30.22 12.22 10.50
N ARG B 481 29.92 11.09 9.84
CA ARG B 481 30.88 10.02 9.57
C ARG B 481 31.66 10.36 8.30
N VAL B 482 32.90 9.91 8.20
CA VAL B 482 33.79 10.20 7.07
C VAL B 482 33.11 10.02 5.70
N ASP B 483 32.39 8.90 5.50
CA ASP B 483 31.71 8.57 4.26
C ASP B 483 30.42 9.37 4.06
N GLU B 484 29.74 9.72 5.17
CA GLU B 484 28.50 10.52 5.24
C GLU B 484 28.80 11.93 4.75
N LEU B 485 30.02 12.39 5.00
CA LEU B 485 30.53 13.70 4.64
C LEU B 485 30.80 13.72 3.14
N ASP B 486 31.45 12.65 2.62
CA ASP B 486 31.77 12.54 1.20
C ASP B 486 30.51 12.55 0.37
N ALA B 487 29.53 11.72 0.78
CA ALA B 487 28.22 11.60 0.16
C ALA B 487 27.50 12.94 0.07
N ALA B 488 27.67 13.83 1.08
CA ALA B 488 27.05 15.15 1.10
C ALA B 488 27.67 16.10 0.08
N TRP B 489 29.00 16.16 -0.01
CA TRP B 489 29.74 17.01 -0.95
C TRP B 489 29.50 16.65 -2.39
N ARG B 490 29.21 15.36 -2.65
CA ARG B 490 29.00 14.81 -3.99
C ARG B 490 27.72 15.31 -4.62
N ILE B 491 26.75 15.71 -3.80
CA ILE B 491 25.46 16.25 -4.21
C ILE B 491 25.63 17.70 -4.71
N TYR B 492 26.47 18.50 -4.02
CA TYR B 492 26.60 19.94 -4.27
C TYR B 492 27.81 20.39 -5.09
N THR B 493 28.92 19.60 -5.15
CA THR B 493 30.16 19.99 -5.85
C THR B 493 29.90 20.32 -7.33
N PRO B 494 29.27 19.47 -8.20
CA PRO B 494 29.05 19.92 -9.60
C PRO B 494 28.39 21.31 -9.66
N LEU B 495 27.33 21.58 -8.85
CA LEU B 495 26.66 22.88 -8.73
C LEU B 495 27.60 24.01 -8.22
N LEU B 496 28.34 23.77 -7.10
CA LEU B 496 29.26 24.76 -6.51
C LEU B 496 30.34 25.26 -7.50
N HIS B 497 30.82 24.33 -8.36
CA HIS B 497 31.81 24.54 -9.41
C HIS B 497 31.23 25.36 -10.56
N ALA B 498 29.95 25.08 -10.97
CA ALA B 498 29.23 25.82 -12.02
C ALA B 498 29.00 27.28 -11.55
N ILE B 499 28.67 27.45 -10.24
CA ILE B 499 28.51 28.76 -9.60
C ILE B 499 29.86 29.53 -9.62
N ASP B 500 30.96 28.88 -9.17
CA ASP B 500 32.32 29.44 -9.10
C ASP B 500 32.92 29.78 -10.50
N ARG B 501 32.39 29.12 -11.56
CA ARG B 501 32.81 29.39 -12.95
C ARG B 501 31.97 30.52 -13.56
N GLY B 502 31.02 31.05 -12.80
CA GLY B 502 30.13 32.12 -13.25
C GLY B 502 29.07 31.62 -14.23
N GLU B 503 28.60 30.37 -14.05
CA GLU B 503 27.63 29.76 -14.94
C GLU B 503 26.17 29.91 -14.49
N VAL B 504 25.96 30.15 -13.18
CA VAL B 504 24.62 30.27 -12.57
C VAL B 504 24.33 31.73 -12.17
N LYS B 505 23.16 32.28 -12.59
CA LYS B 505 22.77 33.68 -12.32
C LYS B 505 22.37 33.90 -10.87
N VAL B 506 22.92 34.95 -10.25
CA VAL B 506 22.67 35.34 -8.84
C VAL B 506 21.82 36.60 -8.84
N LEU B 507 20.50 36.42 -8.59
CA LEU B 507 19.48 37.48 -8.62
C LEU B 507 19.46 38.35 -7.37
N PRO B 508 19.23 39.69 -7.50
CA PRO B 508 19.16 40.53 -6.30
C PRO B 508 17.80 40.49 -5.61
N TYR B 509 17.79 40.78 -4.31
CA TYR B 509 16.59 40.87 -3.49
C TYR B 509 16.79 41.84 -2.33
N ALA B 510 15.78 42.68 -2.03
CA ALA B 510 15.85 43.63 -0.93
C ALA B 510 15.91 42.88 0.41
N ALA B 511 16.79 43.35 1.33
CA ALA B 511 16.89 42.74 2.66
C ALA B 511 15.53 42.92 3.36
N GLY B 512 15.04 41.87 4.01
CA GLY B 512 13.73 41.91 4.65
C GLY B 512 12.60 41.40 3.77
N SER B 513 12.84 41.28 2.43
CA SER B 513 11.83 40.74 1.53
C SER B 513 11.89 39.19 1.56
N CYS B 514 11.06 38.53 0.75
CA CYS B 514 10.98 37.06 0.71
C CYS B 514 12.02 36.42 -0.22
N GLY B 515 12.83 37.25 -0.87
CA GLY B 515 13.87 36.82 -1.82
C GLY B 515 13.45 37.10 -3.26
N PRO B 516 14.21 36.63 -4.28
CA PRO B 516 13.80 36.90 -5.68
C PRO B 516 12.42 36.31 -6.03
N GLU B 517 11.64 36.99 -6.90
CA GLU B 517 10.31 36.53 -7.31
C GLU B 517 10.37 35.21 -8.10
N GLU B 518 11.53 35.00 -8.81
CA GLU B 518 11.83 33.84 -9.65
C GLU B 518 11.82 32.54 -8.81
N ALA B 519 12.18 32.67 -7.51
CA ALA B 519 12.26 31.58 -6.54
C ALA B 519 10.90 30.96 -6.21
N GLN B 520 9.88 31.79 -6.03
CA GLN B 520 8.53 31.35 -5.71
C GLN B 520 7.93 30.55 -6.88
N GLU B 521 8.18 31.05 -8.13
CA GLU B 521 7.71 30.44 -9.38
C GLU B 521 8.40 29.11 -9.57
N PHE B 522 9.73 29.05 -9.27
CA PHE B 522 10.53 27.83 -9.34
C PHE B 522 9.97 26.79 -8.37
N ILE B 523 9.65 27.22 -7.12
CA ILE B 523 9.07 26.35 -6.07
C ILE B 523 7.76 25.76 -6.54
N ARG B 524 6.89 26.61 -7.14
CA ARG B 524 5.58 26.21 -7.69
C ARG B 524 5.79 25.15 -8.78
N ILE B 525 6.60 25.46 -9.79
CA ILE B 525 6.94 24.61 -10.93
C ILE B 525 7.65 23.32 -10.48
N SER B 526 8.37 23.35 -9.34
CA SER B 526 9.07 22.18 -8.77
C SER B 526 8.12 21.13 -8.18
N GLY B 527 6.93 21.56 -7.77
CA GLY B 527 5.93 20.64 -7.25
C GLY B 527 5.21 21.04 -6.00
N TYR B 528 5.59 22.17 -5.38
CA TYR B 528 4.94 22.61 -4.14
C TYR B 528 3.77 23.58 -4.36
N LYS B 529 2.62 23.31 -3.70
CA LYS B 529 1.40 24.15 -3.75
C LYS B 529 1.16 24.83 -2.39
N THR B 530 0.83 26.14 -2.39
CA THR B 530 0.43 26.85 -1.15
C THR B 530 -1.07 27.26 -1.30
N THR B 531 -1.58 28.20 -0.45
CA THR B 531 -2.95 28.73 -0.54
C THR B 531 -2.97 30.21 -0.19
N VAL C 38 -26.36 40.41 24.89
CA VAL C 38 -27.19 41.56 24.59
C VAL C 38 -28.06 41.29 23.35
N CYS C 39 -29.39 41.58 23.44
CA CYS C 39 -30.47 41.45 22.46
C CYS C 39 -30.20 42.12 21.10
N GLU C 40 -30.40 41.37 19.97
CA GLU C 40 -30.15 41.86 18.60
C GLU C 40 -31.13 41.32 17.57
N ARG C 41 -31.38 42.11 16.49
CA ARG C 41 -32.28 41.80 15.37
C ARG C 41 -31.95 40.47 14.68
N ILE C 42 -33.01 39.75 14.24
CA ILE C 42 -32.89 38.45 13.56
C ILE C 42 -32.84 38.71 12.05
N PRO C 43 -31.83 38.18 11.31
CA PRO C 43 -31.80 38.42 9.85
C PRO C 43 -32.85 37.63 9.10
N ASP C 44 -33.12 37.99 7.83
CA ASP C 44 -34.08 37.25 6.98
C ASP C 44 -33.28 36.24 6.13
N ALA C 45 -32.51 35.35 6.81
CA ALA C 45 -31.59 34.37 6.22
C ALA C 45 -32.22 33.01 5.91
N VAL C 46 -33.52 33.00 5.61
CA VAL C 46 -34.27 31.78 5.26
C VAL C 46 -33.78 31.30 3.89
N SER C 47 -33.65 29.98 3.71
CA SER C 47 -33.23 29.50 2.42
C SER C 47 -34.24 29.92 1.34
N PRO C 48 -33.76 30.43 0.16
CA PRO C 48 -34.67 30.97 -0.87
C PRO C 48 -35.80 30.07 -1.36
N GLU C 49 -35.59 28.75 -1.28
CA GLU C 49 -36.56 27.74 -1.70
C GLU C 49 -37.75 27.66 -0.74
N LEU C 50 -37.60 28.20 0.48
CA LEU C 50 -38.63 28.20 1.53
C LEU C 50 -39.33 29.56 1.61
N ARG C 51 -38.76 30.56 0.93
CA ARG C 51 -39.26 31.92 0.87
C ARG C 51 -40.55 32.06 0.06
N SER C 52 -40.57 31.44 -1.13
CA SER C 52 -41.62 31.48 -2.15
C SER C 52 -43.04 31.08 -1.73
N ARG C 53 -43.17 30.05 -0.91
CA ARG C 53 -44.43 29.41 -0.50
C ARG C 53 -44.52 29.36 1.03
N ALA C 54 -45.75 29.33 1.56
CA ALA C 54 -46.03 29.24 3.00
C ALA C 54 -45.39 27.97 3.65
N LEU C 55 -45.07 28.04 4.97
CA LEU C 55 -44.46 26.95 5.71
C LEU C 55 -45.18 26.69 7.01
N THR C 56 -45.59 25.44 7.15
CA THR C 56 -46.32 24.93 8.31
C THR C 56 -45.57 23.75 8.86
N ILE C 57 -45.03 23.90 10.08
CA ILE C 57 -44.31 22.82 10.78
C ILE C 57 -45.29 22.31 11.82
N VAL C 58 -45.80 21.07 11.64
CA VAL C 58 -46.77 20.48 12.56
C VAL C 58 -46.05 19.50 13.47
N VAL C 59 -46.02 19.78 14.78
CA VAL C 59 -45.38 18.88 15.77
C VAL C 59 -46.47 17.97 16.40
N LEU C 60 -46.63 16.73 15.87
CA LEU C 60 -47.62 15.76 16.37
C LEU C 60 -46.98 15.14 17.61
N GLY C 61 -47.63 15.30 18.76
CA GLY C 61 -47.10 14.85 20.04
C GLY C 61 -46.36 15.97 20.75
N ALA C 62 -46.93 17.20 20.69
CA ALA C 62 -46.44 18.45 21.29
C ALA C 62 -46.38 18.42 22.81
N SER C 63 -47.22 17.58 23.43
CA SER C 63 -47.29 17.41 24.88
C SER C 63 -46.18 16.51 25.36
N GLY C 64 -45.63 15.74 24.41
CA GLY C 64 -44.54 14.81 24.63
C GLY C 64 -43.26 15.42 25.15
N ASP C 65 -42.51 14.58 25.88
CA ASP C 65 -41.21 14.89 26.48
C ASP C 65 -40.16 15.23 25.43
N LEU C 66 -40.19 14.56 24.27
CA LEU C 66 -39.26 14.84 23.17
C LEU C 66 -39.50 16.22 22.53
N ALA C 67 -40.77 16.61 22.29
CA ALA C 67 -41.08 17.90 21.71
C ALA C 67 -40.68 19.05 22.63
N LYS C 68 -41.09 19.04 23.93
CA LYS C 68 -40.75 20.12 24.89
C LYS C 68 -39.23 20.21 25.23
N LYS C 69 -38.51 19.04 25.23
CA LYS C 69 -37.07 18.97 25.52
C LYS C 69 -36.13 19.13 24.31
N LYS C 70 -36.57 18.74 23.09
CA LYS C 70 -35.70 18.78 21.91
C LYS C 70 -36.24 19.50 20.67
N THR C 71 -37.55 19.32 20.33
CA THR C 71 -38.13 19.91 19.10
C THR C 71 -38.37 21.41 19.20
N PHE C 72 -39.20 21.83 20.13
CA PHE C 72 -39.47 23.24 20.25
C PHE C 72 -38.15 24.04 20.54
N PRO C 73 -37.20 23.60 21.42
CA PRO C 73 -35.96 24.37 21.59
C PRO C 73 -35.14 24.55 20.29
N ALA C 74 -35.05 23.50 19.42
CA ALA C 74 -34.35 23.55 18.13
C ALA C 74 -35.03 24.53 17.16
N LEU C 75 -36.38 24.57 17.14
CA LEU C 75 -37.17 25.47 16.31
C LEU C 75 -36.90 26.91 16.72
N PHE C 76 -36.82 27.17 18.04
CA PHE C 76 -36.50 28.48 18.60
C PHE C 76 -35.14 28.95 18.12
N GLN C 77 -34.13 28.06 18.12
CA GLN C 77 -32.79 28.42 17.65
C GLN C 77 -32.75 28.68 16.14
N LEU C 78 -33.48 27.87 15.34
CA LEU C 78 -33.62 28.05 13.90
C LEU C 78 -34.36 29.39 13.59
N TYR C 79 -35.32 29.79 14.44
CA TYR C 79 -36.06 31.05 14.29
C TYR C 79 -35.14 32.24 14.61
N CYS C 80 -34.38 32.14 15.71
CA CYS C 80 -33.39 33.13 16.17
C CYS C 80 -32.24 33.32 15.18
N ASN C 81 -31.82 32.25 14.51
CA ASN C 81 -30.76 32.28 13.49
C ASN C 81 -31.29 32.94 12.20
N GLY C 82 -32.61 33.10 12.12
CA GLY C 82 -33.27 33.65 10.95
C GLY C 82 -33.29 32.65 9.83
N MET C 83 -33.27 31.35 10.16
CA MET C 83 -33.27 30.25 9.18
C MET C 83 -34.65 29.73 8.78
N LEU C 84 -35.73 30.16 9.51
CA LEU C 84 -37.12 29.81 9.24
C LEU C 84 -37.75 31.07 8.71
N PRO C 85 -38.84 31.02 7.90
CA PRO C 85 -39.49 32.27 7.43
C PRO C 85 -39.97 33.20 8.55
N ARG C 86 -40.26 34.48 8.24
CA ARG C 86 -40.73 35.41 9.28
C ARG C 86 -42.13 35.02 9.79
N ASP C 87 -42.91 34.40 8.89
CA ASP C 87 -44.30 33.97 9.02
C ASP C 87 -44.50 32.44 9.01
N VAL C 88 -43.69 31.68 9.80
CA VAL C 88 -43.84 30.21 9.88
C VAL C 88 -45.03 29.93 10.76
N ASN C 89 -45.63 28.76 10.59
CA ASN C 89 -46.71 28.38 11.47
C ASN C 89 -46.36 27.10 12.18
N ILE C 90 -46.07 27.19 13.49
CA ILE C 90 -45.75 26.00 14.26
C ILE C 90 -47.02 25.52 14.95
N LEU C 91 -47.49 24.34 14.54
CA LEU C 91 -48.73 23.78 15.05
C LEU C 91 -48.50 22.53 15.88
N GLY C 92 -48.74 22.67 17.17
CA GLY C 92 -48.67 21.56 18.09
C GLY C 92 -49.98 20.81 18.02
N TYR C 93 -49.92 19.49 17.86
CA TYR C 93 -51.10 18.67 17.82
C TYR C 93 -50.91 17.50 18.79
N ALA C 94 -51.87 17.28 19.72
CA ALA C 94 -51.81 16.16 20.68
C ALA C 94 -53.19 15.80 21.30
N ARG C 95 -53.24 14.73 22.09
CA ARG C 95 -54.46 14.26 22.75
C ARG C 95 -54.77 15.06 24.03
N SER C 96 -53.71 15.53 24.69
CA SER C 96 -53.73 16.27 25.94
C SER C 96 -54.57 17.55 25.87
N THR C 97 -55.67 17.60 26.63
CA THR C 97 -56.52 18.80 26.66
C THR C 97 -55.71 19.98 27.21
N MET C 98 -55.93 21.18 26.65
CA MET C 98 -55.23 22.39 27.08
C MET C 98 -56.12 23.27 27.87
N GLU C 99 -55.58 23.83 28.91
CA GLU C 99 -56.35 24.74 29.75
C GLU C 99 -55.90 26.19 29.55
N ASP C 100 -54.67 26.37 29.01
CA ASP C 100 -54.02 27.65 28.74
C ASP C 100 -52.75 27.36 27.93
N VAL C 101 -52.81 27.62 26.61
CA VAL C 101 -51.72 27.42 25.67
C VAL C 101 -50.66 28.46 25.93
N GLU C 102 -51.06 29.70 26.17
CA GLU C 102 -50.12 30.79 26.41
C GLU C 102 -49.26 30.54 27.64
N LYS C 103 -49.83 29.92 28.70
CA LYS C 103 -49.12 29.56 29.92
C LYS C 103 -48.19 28.37 29.64
N TRP C 104 -48.66 27.37 28.85
CA TRP C 104 -47.87 26.20 28.47
C TRP C 104 -46.64 26.63 27.67
N LYS C 105 -46.86 27.54 26.69
CA LYS C 105 -45.86 28.17 25.84
C LYS C 105 -44.80 28.94 26.67
N LYS C 106 -45.23 29.83 27.59
CA LYS C 106 -44.37 30.67 28.42
C LYS C 106 -43.64 29.92 29.55
N ASP C 107 -44.37 29.11 30.34
CA ASP C 107 -43.81 28.38 31.48
C ASP C 107 -43.13 27.09 31.10
N THR C 108 -43.89 26.14 30.49
CA THR C 108 -43.36 24.82 30.15
C THR C 108 -42.36 24.90 29.00
N LEU C 109 -42.81 25.26 27.78
CA LEU C 109 -42.01 25.28 26.56
C LEU C 109 -40.76 26.14 26.65
N ALA C 110 -40.92 27.46 26.91
CA ALA C 110 -39.83 28.45 27.02
C ALA C 110 -38.76 28.11 28.05
N GLY C 111 -39.11 27.30 29.04
CA GLY C 111 -38.19 26.84 30.08
C GLY C 111 -37.04 26.01 29.53
N PHE C 112 -37.24 25.31 28.40
CA PHE C 112 -36.22 24.44 27.79
C PHE C 112 -35.32 25.14 26.74
N PHE C 113 -35.60 26.43 26.42
CA PHE C 113 -34.83 27.26 25.48
C PHE C 113 -33.48 27.59 26.14
N THR C 114 -32.38 27.67 25.35
CA THR C 114 -31.05 27.73 25.94
C THR C 114 -30.30 29.07 25.92
N ARG C 115 -30.02 29.68 24.75
CA ARG C 115 -29.23 30.95 24.77
C ARG C 115 -30.12 32.12 25.14
N LEU C 116 -30.50 32.23 26.43
CA LEU C 116 -31.45 33.26 26.87
C LEU C 116 -30.76 34.56 27.33
N ASP C 117 -29.42 34.55 27.35
CA ASP C 117 -28.63 35.73 27.67
C ASP C 117 -28.37 36.52 26.38
N GLU C 118 -28.56 35.85 25.21
CA GLU C 118 -28.38 36.45 23.89
C GLU C 118 -29.70 36.56 23.11
N ARG C 119 -30.61 35.57 23.32
CA ARG C 119 -31.87 35.42 22.57
C ARG C 119 -33.14 35.40 23.43
N GLY C 120 -33.04 35.77 24.71
CA GLY C 120 -34.20 35.81 25.61
C GLY C 120 -35.33 36.74 25.15
N CYS C 121 -34.98 37.81 24.44
CA CYS C 121 -35.91 38.82 23.93
C CYS C 121 -36.80 38.29 22.78
N HIS C 122 -36.28 37.29 22.05
CA HIS C 122 -36.99 36.74 20.91
C HIS C 122 -37.99 35.67 21.28
N VAL C 123 -37.97 35.23 22.57
CA VAL C 123 -38.87 34.19 23.10
C VAL C 123 -40.32 34.50 22.78
N GLY C 124 -40.76 35.72 23.08
CA GLY C 124 -42.13 36.19 22.84
C GLY C 124 -42.57 36.13 21.40
N ASN C 125 -41.74 36.68 20.49
CA ASN C 125 -41.97 36.71 19.04
C ASN C 125 -42.11 35.31 18.46
N PHE C 126 -41.21 34.39 18.87
CA PHE C 126 -41.18 32.99 18.42
C PHE C 126 -42.41 32.25 18.92
N LEU C 127 -42.75 32.38 20.22
CA LEU C 127 -43.92 31.74 20.85
C LEU C 127 -45.21 32.23 20.23
N ARG C 128 -45.20 33.46 19.63
CA ARG C 128 -46.34 34.05 18.94
C ARG C 128 -46.68 33.27 17.67
N ARG C 129 -45.69 32.50 17.15
CA ARG C 129 -45.79 31.65 15.96
C ARG C 129 -46.38 30.28 16.26
N ILE C 130 -46.30 29.83 17.52
CA ILE C 130 -46.82 28.54 17.97
C ILE C 130 -48.33 28.60 18.31
N SER C 131 -49.06 27.58 17.84
CA SER C 131 -50.49 27.35 18.10
C SER C 131 -50.62 25.87 18.55
N TYR C 132 -51.69 25.52 19.29
CA TYR C 132 -51.92 24.16 19.77
C TYR C 132 -53.31 23.62 19.33
N MET C 133 -53.44 22.28 19.18
CA MET C 133 -54.63 21.58 18.70
C MET C 133 -54.80 20.23 19.38
N THR C 134 -55.89 20.09 20.18
CA THR C 134 -56.28 18.83 20.81
C THR C 134 -57.01 17.99 19.76
N GLY C 135 -56.66 16.71 19.74
CA GLY C 135 -57.21 15.74 18.82
C GLY C 135 -56.56 14.38 18.96
N SER C 136 -57.31 13.37 18.47
CA SER C 136 -56.91 11.96 18.51
C SER C 136 -55.84 11.62 17.47
N TYR C 137 -55.31 10.42 17.58
CA TYR C 137 -54.35 9.87 16.64
C TYR C 137 -54.98 8.78 15.79
N ASP C 138 -56.33 8.59 15.89
CA ASP C 138 -57.01 7.54 15.14
C ASP C 138 -58.32 7.95 14.41
N ARG C 139 -58.96 9.08 14.78
CA ARG C 139 -60.23 9.48 14.16
C ARG C 139 -60.05 10.55 13.07
N ASP C 140 -60.43 10.22 11.80
CA ASP C 140 -60.35 11.05 10.55
C ASP C 140 -60.82 12.47 10.73
N GLU C 141 -61.91 12.60 11.54
CA GLU C 141 -62.63 13.78 12.03
C GLU C 141 -61.63 14.86 12.44
N ASP C 142 -60.67 14.47 13.28
CA ASP C 142 -59.63 15.34 13.80
C ASP C 142 -58.48 15.58 12.79
N PHE C 143 -58.27 14.69 11.78
CA PHE C 143 -57.26 14.93 10.72
C PHE C 143 -57.79 15.95 9.69
N ALA C 144 -59.15 16.08 9.60
CA ALA C 144 -59.87 17.02 8.72
C ALA C 144 -59.72 18.42 9.31
N ARG C 145 -59.73 18.49 10.64
CA ARG C 145 -59.52 19.71 11.42
C ARG C 145 -58.08 20.18 11.23
N LEU C 146 -57.12 19.24 11.36
CA LEU C 146 -55.69 19.52 11.15
C LEU C 146 -55.50 20.08 9.73
N ASN C 147 -56.01 19.39 8.67
CA ASN C 147 -55.93 19.92 7.30
C ASN C 147 -56.61 21.30 7.15
N GLU C 148 -57.78 21.50 7.82
CA GLU C 148 -58.55 22.75 7.78
C GLU C 148 -57.76 23.92 8.31
N ARG C 149 -57.12 23.75 9.49
CA ARG C 149 -56.26 24.79 10.09
C ARG C 149 -55.06 25.15 9.24
N ILE C 150 -54.41 24.14 8.61
CA ILE C 150 -53.22 24.32 7.77
C ILE C 150 -53.53 25.15 6.52
N LEU C 151 -54.65 24.83 5.86
CA LEU C 151 -55.07 25.57 4.68
C LEU C 151 -55.34 26.99 5.06
N ARG C 152 -56.05 27.22 6.21
CA ARG C 152 -56.35 28.56 6.76
C ARG C 152 -55.06 29.40 6.88
N MET C 153 -53.97 28.82 7.46
CA MET C 153 -52.65 29.42 7.66
C MET C 153 -51.95 29.68 6.34
N GLU C 154 -52.08 28.71 5.39
CA GLU C 154 -51.49 28.77 4.04
C GLU C 154 -52.10 29.86 3.17
N GLU C 155 -53.39 30.14 3.38
CA GLU C 155 -54.15 31.15 2.68
C GLU C 155 -53.72 32.56 3.16
N ALA C 156 -53.17 32.66 4.41
CA ALA C 156 -52.72 33.91 5.03
C ALA C 156 -51.41 34.44 4.45
N PHE C 157 -50.63 33.59 3.74
CA PHE C 157 -49.35 33.90 3.11
C PHE C 157 -49.37 35.08 2.14
N GLN C 158 -48.42 36.02 2.31
CA GLN C 158 -48.30 37.23 1.48
C GLN C 158 -47.25 37.09 0.36
N GLY C 159 -46.59 35.93 0.29
CA GLY C 159 -45.56 35.65 -0.70
C GLY C 159 -46.05 35.36 -2.11
N PRO C 160 -45.12 34.98 -3.03
CA PRO C 160 -45.52 34.77 -4.44
C PRO C 160 -46.42 33.57 -4.73
N GLU C 161 -45.88 32.36 -4.52
CA GLU C 161 -46.53 31.09 -4.81
C GLU C 161 -47.66 30.75 -3.85
N LYS C 162 -48.78 30.23 -4.42
CA LYS C 162 -49.97 29.78 -3.70
C LYS C 162 -49.73 28.33 -3.23
N GLY C 163 -50.50 27.89 -2.24
CA GLY C 163 -50.37 26.55 -1.65
C GLY C 163 -49.48 26.60 -0.43
N GLY C 164 -48.80 25.49 -0.17
CA GLY C 164 -47.88 25.47 0.97
C GLY C 164 -47.12 24.20 1.20
N ASN C 165 -45.90 24.37 1.73
CA ASN C 165 -45.00 23.31 2.16
C ASN C 165 -45.33 23.01 3.63
N ARG C 166 -45.63 21.72 3.92
CA ARG C 166 -46.01 21.22 5.24
C ARG C 166 -45.01 20.13 5.77
N LEU C 167 -44.24 20.42 6.85
CA LEU C 167 -43.32 19.48 7.50
C LEU C 167 -43.99 18.93 8.76
N PHE C 168 -44.19 17.57 8.84
CA PHE C 168 -44.83 16.89 9.98
C PHE C 168 -43.80 16.18 10.86
N TYR C 169 -43.69 16.57 12.14
CA TYR C 169 -42.76 15.98 13.09
C TYR C 169 -43.57 15.05 13.99
N LEU C 170 -43.39 13.75 13.78
CA LEU C 170 -44.12 12.70 14.51
C LEU C 170 -43.36 12.28 15.79
N ALA C 171 -43.60 12.98 16.90
CA ALA C 171 -43.02 12.69 18.21
C ALA C 171 -44.11 12.01 19.06
N LEU C 172 -44.55 10.81 18.61
CA LEU C 172 -45.63 10.04 19.22
C LEU C 172 -45.18 8.70 19.84
N PRO C 173 -46.02 8.08 20.73
CA PRO C 173 -45.67 6.72 21.22
C PRO C 173 -45.83 5.71 20.05
N PRO C 174 -44.95 4.68 19.90
CA PRO C 174 -45.07 3.76 18.74
C PRO C 174 -46.41 2.99 18.55
N SER C 175 -47.31 2.99 19.55
CA SER C 175 -48.59 2.30 19.41
C SER C 175 -49.60 3.09 18.53
N VAL C 176 -49.28 4.38 18.23
CA VAL C 176 -50.18 5.23 17.47
C VAL C 176 -49.60 5.62 16.09
N PHE C 177 -48.35 5.22 15.83
CA PHE C 177 -47.59 5.58 14.62
C PHE C 177 -48.36 5.34 13.30
N VAL C 178 -48.66 4.07 12.96
CA VAL C 178 -49.35 3.73 11.71
C VAL C 178 -50.75 4.42 11.64
N GLY C 179 -51.38 4.64 12.79
CA GLY C 179 -52.66 5.34 12.91
C GLY C 179 -52.57 6.75 12.39
N VAL C 180 -51.56 7.49 12.86
CA VAL C 180 -51.24 8.86 12.46
C VAL C 180 -50.88 8.93 10.98
N CYS C 181 -49.94 8.09 10.53
CA CYS C 181 -49.50 8.03 9.13
C CYS C 181 -50.64 7.81 8.15
N ARG C 182 -51.60 6.92 8.49
CA ARG C 182 -52.77 6.64 7.67
C ARG C 182 -53.68 7.87 7.62
N GLY C 183 -53.90 8.50 8.76
CA GLY C 183 -54.72 9.70 8.91
C GLY C 183 -54.19 10.91 8.17
N LEU C 184 -52.86 11.16 8.29
CA LEU C 184 -52.14 12.26 7.64
C LEU C 184 -52.14 12.06 6.12
N SER C 185 -51.85 10.83 5.66
CA SER C 185 -51.85 10.49 4.24
C SER C 185 -53.25 10.59 3.63
N LYS C 186 -54.29 10.15 4.38
CA LYS C 186 -55.69 10.14 3.95
C LYS C 186 -56.23 11.53 3.69
N GLY C 187 -55.93 12.49 4.57
CA GLY C 187 -56.43 13.84 4.38
C GLY C 187 -55.80 14.97 5.17
N ALA C 188 -54.47 15.14 5.06
CA ALA C 188 -53.73 16.26 5.66
C ALA C 188 -52.58 16.63 4.71
N MET C 189 -52.62 16.03 3.49
CA MET C 189 -51.67 16.22 2.40
C MET C 189 -52.03 17.45 1.57
N GLN C 190 -51.00 18.11 1.05
CA GLN C 190 -51.16 19.29 0.20
C GLN C 190 -51.69 18.85 -1.18
N LYS C 191 -52.36 19.80 -1.88
CA LYS C 191 -52.88 19.59 -3.25
C LYS C 191 -51.69 19.31 -4.19
N PRO C 192 -51.87 18.53 -5.29
CA PRO C 192 -50.73 18.27 -6.20
C PRO C 192 -50.20 19.55 -6.87
N GLU C 193 -48.86 19.66 -6.94
CA GLU C 193 -48.08 20.76 -7.54
C GLU C 193 -48.24 22.09 -6.75
N LEU C 194 -48.54 21.99 -5.43
CA LEU C 194 -48.71 23.18 -4.59
C LEU C 194 -47.85 23.18 -3.30
N GLY C 195 -46.82 22.33 -3.27
CA GLY C 195 -45.90 22.30 -2.13
C GLY C 195 -45.64 20.93 -1.60
N TRP C 196 -44.42 20.70 -1.14
CA TRP C 196 -43.98 19.40 -0.63
C TRP C 196 -44.54 19.06 0.75
N VAL C 197 -44.67 17.76 1.03
CA VAL C 197 -45.13 17.24 2.33
C VAL C 197 -44.03 16.32 2.80
N ARG C 198 -43.32 16.72 3.85
CA ARG C 198 -42.22 15.92 4.39
C ARG C 198 -42.58 15.46 5.80
N LEU C 199 -42.29 14.18 6.11
CA LEU C 199 -42.59 13.53 7.38
C LEU C 199 -41.31 13.15 8.14
N ILE C 200 -41.06 13.78 9.30
CA ILE C 200 -39.96 13.44 10.19
C ILE C 200 -40.49 12.38 11.14
N VAL C 201 -39.85 11.24 11.13
CA VAL C 201 -40.26 10.07 11.88
C VAL C 201 -39.19 9.71 12.92
N GLU C 202 -39.65 9.49 14.15
CA GLU C 202 -38.80 9.16 15.28
C GLU C 202 -38.76 7.65 15.58
N LYS C 203 -37.65 7.19 16.18
CA LYS C 203 -37.51 5.80 16.63
C LYS C 203 -38.59 5.52 17.77
N PRO C 204 -39.00 4.26 18.05
CA PRO C 204 -38.51 2.99 17.50
C PRO C 204 -39.05 2.62 16.09
N PHE C 205 -38.17 2.00 15.29
CA PHE C 205 -38.45 1.52 13.96
C PHE C 205 -38.51 -0.04 14.03
N GLY C 206 -39.46 -0.52 14.81
CA GLY C 206 -39.61 -1.95 15.07
C GLY C 206 -38.73 -2.39 16.21
N ARG C 207 -38.65 -3.68 16.42
CA ARG C 207 -37.88 -4.27 17.50
C ARG C 207 -36.87 -5.31 17.01
N ASP C 208 -36.94 -5.63 15.69
CA ASP C 208 -36.10 -6.56 14.94
C ASP C 208 -36.46 -6.45 13.45
N THR C 209 -35.77 -7.22 12.58
CA THR C 209 -35.96 -7.22 11.12
C THR C 209 -37.43 -7.34 10.68
N GLU C 210 -38.16 -8.37 11.18
CA GLU C 210 -39.55 -8.66 10.83
C GLU C 210 -40.52 -7.55 11.19
N THR C 211 -40.46 -7.03 12.43
CA THR C 211 -41.35 -5.96 12.91
C THR C 211 -41.07 -4.63 12.20
N SER C 212 -39.81 -4.38 11.87
CA SER C 212 -39.37 -3.19 11.17
C SER C 212 -39.87 -3.24 9.71
N GLU C 213 -39.69 -4.40 9.03
CA GLU C 213 -40.09 -4.68 7.65
C GLU C 213 -41.58 -4.49 7.48
N GLN C 214 -42.40 -4.96 8.48
CA GLN C 214 -43.87 -4.80 8.46
CA GLN C 214 -43.87 -4.81 8.49
C GLN C 214 -44.23 -3.32 8.54
N LEU C 215 -43.53 -2.53 9.40
CA LEU C 215 -43.77 -1.09 9.51
C LEU C 215 -43.40 -0.36 8.21
N SER C 216 -42.30 -0.76 7.54
CA SER C 216 -41.89 -0.13 6.28
C SER C 216 -42.89 -0.43 5.14
N ASN C 217 -43.47 -1.66 5.15
CA ASN C 217 -44.48 -2.09 4.19
C ASN C 217 -45.82 -1.40 4.45
N GLN C 218 -46.11 -1.07 5.73
CA GLN C 218 -47.36 -0.40 6.13
C GLN C 218 -47.35 1.06 5.70
N LEU C 219 -46.12 1.63 5.57
CA LEU C 219 -45.89 3.02 5.16
C LEU C 219 -45.68 3.22 3.65
N LYS C 220 -45.25 2.15 2.92
CA LYS C 220 -45.00 2.13 1.47
C LYS C 220 -46.19 2.69 0.65
N PRO C 221 -47.46 2.24 0.84
CA PRO C 221 -48.55 2.83 0.07
C PRO C 221 -48.98 4.23 0.52
N LEU C 222 -48.60 4.62 1.76
CA LEU C 222 -48.96 5.90 2.38
C LEU C 222 -48.14 7.09 1.90
N PHE C 223 -46.80 6.94 1.79
CA PHE C 223 -45.88 8.00 1.37
C PHE C 223 -44.74 7.44 0.51
N ASN C 224 -44.09 8.30 -0.30
CA ASN C 224 -42.92 7.94 -1.10
C ASN C 224 -41.73 7.97 -0.17
N GLU C 225 -40.66 7.20 -0.45
CA GLU C 225 -39.45 7.12 0.38
C GLU C 225 -38.80 8.50 0.58
N ARG C 226 -38.77 9.33 -0.52
CA ARG C 226 -38.25 10.72 -0.58
C ARG C 226 -38.88 11.67 0.47
N GLN C 227 -40.18 11.50 0.77
CA GLN C 227 -40.97 12.31 1.70
C GLN C 227 -40.79 11.90 3.17
N VAL C 228 -40.23 10.71 3.42
CA VAL C 228 -40.02 10.20 4.79
C VAL C 228 -38.58 10.54 5.24
N PHE C 229 -38.47 11.15 6.43
CA PHE C 229 -37.20 11.58 7.06
C PHE C 229 -37.05 10.90 8.43
N ARG C 230 -36.50 9.68 8.41
CA ARG C 230 -36.28 8.87 9.59
C ARG C 230 -35.09 9.45 10.40
N ILE C 231 -35.43 10.00 11.58
CA ILE C 231 -34.46 10.64 12.42
C ILE C 231 -33.67 9.64 13.27
N ASP C 232 -32.35 9.86 13.25
CA ASP C 232 -31.34 9.28 14.11
C ASP C 232 -30.49 10.51 14.40
N HIS C 233 -30.65 11.11 15.60
CA HIS C 233 -30.01 12.38 15.98
C HIS C 233 -28.47 12.35 15.99
N TYR C 234 -27.84 11.15 15.99
CA TYR C 234 -26.39 11.08 15.93
C TYR C 234 -25.84 11.67 14.63
N LEU C 235 -26.62 11.56 13.52
CA LEU C 235 -26.26 12.08 12.21
C LEU C 235 -26.32 13.61 12.11
N GLY C 236 -26.62 14.26 13.24
CA GLY C 236 -26.68 15.71 13.40
C GLY C 236 -25.64 16.28 14.34
N LYS C 237 -24.80 15.40 14.95
CA LYS C 237 -23.72 15.74 15.88
C LYS C 237 -22.54 16.24 15.07
N GLU C 238 -21.91 17.33 15.53
CA GLU C 238 -20.79 17.92 14.80
C GLU C 238 -19.74 16.90 14.40
N MET C 239 -19.32 16.04 15.34
CA MET C 239 -18.23 15.09 15.09
C MET C 239 -18.65 13.93 14.21
N VAL C 240 -19.94 13.56 14.20
CA VAL C 240 -20.43 12.50 13.31
C VAL C 240 -20.51 13.05 11.88
N GLN C 241 -20.94 14.29 11.72
CA GLN C 241 -21.02 14.95 10.42
C GLN C 241 -19.64 15.19 9.78
N ASN C 242 -18.56 15.22 10.59
CA ASN C 242 -17.19 15.43 10.13
C ASN C 242 -16.47 14.14 9.71
N ILE C 243 -17.01 12.95 10.03
CA ILE C 243 -16.43 11.66 9.65
C ILE C 243 -16.10 11.61 8.15
N ILE C 244 -17.11 11.87 7.31
CA ILE C 244 -17.00 11.82 5.85
C ILE C 244 -15.92 12.76 5.32
N VAL C 245 -15.76 13.98 5.92
CA VAL C 245 -14.72 14.94 5.52
C VAL C 245 -13.34 14.44 5.95
N THR C 246 -13.19 14.08 7.25
CA THR C 246 -11.96 13.54 7.81
C THR C 246 -11.36 12.46 6.95
N ARG C 247 -12.20 11.51 6.49
CA ARG C 247 -11.86 10.30 5.77
C ARG C 247 -11.57 10.46 4.28
N PHE C 248 -12.35 11.30 3.57
CA PHE C 248 -12.25 11.36 2.10
C PHE C 248 -11.77 12.69 1.49
N ALA C 249 -11.44 13.69 2.36
CA ALA C 249 -10.91 14.98 1.89
C ALA C 249 -9.42 15.05 2.19
N ASN C 250 -8.93 14.04 2.92
CA ASN C 250 -7.55 13.96 3.38
C ASN C 250 -6.83 12.67 2.99
N ARG C 251 -5.65 12.78 2.31
CA ARG C 251 -4.85 11.60 1.93
C ARG C 251 -4.23 10.89 3.16
N VAL C 252 -3.92 11.65 4.26
CA VAL C 252 -3.33 11.11 5.50
C VAL C 252 -4.24 10.02 6.07
N PHE C 253 -5.55 10.26 6.15
CA PHE C 253 -6.50 9.27 6.67
C PHE C 253 -6.95 8.28 5.61
N SER C 254 -7.10 8.72 4.36
CA SER C 254 -7.48 7.88 3.22
C SER C 254 -6.51 6.71 3.04
N ALA C 255 -5.20 6.98 2.94
CA ALA C 255 -4.15 5.94 2.78
C ALA C 255 -4.10 4.91 3.93
N LEU C 256 -4.40 5.37 5.15
CA LEU C 256 -4.35 4.59 6.37
C LEU C 256 -5.63 3.84 6.72
N TRP C 257 -6.77 4.17 6.06
CA TRP C 257 -8.08 3.65 6.43
C TRP C 257 -8.42 2.27 5.84
N ASN C 258 -7.66 1.22 6.27
CA ASN C 258 -7.87 -0.16 5.84
C ASN C 258 -7.05 -1.14 6.72
N SER C 259 -7.32 -2.48 6.62
CA SER C 259 -6.68 -3.55 7.37
C SER C 259 -5.14 -3.56 7.38
N ASN C 260 -4.46 -2.91 6.43
CA ASN C 260 -3.00 -2.91 6.42
C ASN C 260 -2.41 -2.07 7.53
N SER C 261 -3.08 -0.95 7.92
CA SER C 261 -2.64 0.00 8.95
C SER C 261 -3.45 -0.08 10.23
N ILE C 262 -4.78 -0.30 10.16
CA ILE C 262 -5.66 -0.38 11.33
C ILE C 262 -5.67 -1.80 11.95
N ALA C 263 -5.47 -1.86 13.27
CA ALA C 263 -5.47 -3.07 14.10
C ALA C 263 -6.80 -3.29 14.78
N CYS C 264 -7.46 -2.22 15.25
CA CYS C 264 -8.74 -2.26 15.95
C CYS C 264 -9.51 -0.95 15.84
N VAL C 265 -10.85 -1.03 15.85
CA VAL C 265 -11.76 0.13 15.82
C VAL C 265 -12.75 -0.04 16.96
N GLN C 266 -12.80 0.94 17.87
CA GLN C 266 -13.71 0.98 19.02
C GLN C 266 -14.69 2.17 18.96
N ILE C 267 -15.99 1.89 19.20
CA ILE C 267 -17.08 2.89 19.25
C ILE C 267 -17.67 2.79 20.67
N THR C 268 -17.62 3.90 21.42
CA THR C 268 -18.02 3.95 22.83
C THR C 268 -19.12 4.93 23.12
N PHE C 269 -20.10 4.48 23.92
CA PHE C 269 -21.20 5.23 24.47
C PHE C 269 -21.27 4.91 25.96
N LYS C 270 -21.12 5.94 26.79
CA LYS C 270 -21.17 5.85 28.25
C LYS C 270 -22.11 6.89 28.77
N GLU C 271 -22.91 6.53 29.78
CA GLU C 271 -23.86 7.44 30.41
C GLU C 271 -23.80 7.27 31.92
N LYS C 272 -23.79 8.39 32.66
CA LYS C 272 -23.77 8.31 34.13
C LYS C 272 -25.18 8.00 34.63
N ILE C 273 -26.21 8.49 33.89
CA ILE C 273 -27.63 8.29 34.17
C ILE C 273 -28.07 6.82 33.95
N GLY C 274 -29.09 6.43 34.71
CA GLY C 274 -29.73 5.13 34.61
C GLY C 274 -31.07 5.23 33.91
N THR C 275 -32.01 4.35 34.31
CA THR C 275 -33.39 4.31 33.80
C THR C 275 -34.29 4.77 34.96
N GLU C 276 -33.94 5.92 35.52
CA GLU C 276 -34.53 6.56 36.68
C GLU C 276 -35.97 6.97 36.42
N GLY C 277 -36.90 6.37 37.16
CA GLY C 277 -38.34 6.60 37.07
C GLY C 277 -39.01 5.84 35.96
N ARG C 278 -38.57 6.11 34.69
CA ARG C 278 -39.07 5.44 33.48
C ARG C 278 -38.15 4.29 33.02
N GLY C 279 -38.36 3.12 33.65
CA GLY C 279 -37.63 1.88 33.38
C GLY C 279 -38.47 0.89 32.62
N GLY C 280 -39.78 0.99 32.80
CA GLY C 280 -40.78 0.17 32.14
C GLY C 280 -40.64 0.24 30.63
N TYR C 281 -40.43 1.48 30.09
CA TYR C 281 -40.21 1.61 28.66
C TYR C 281 -38.86 0.99 28.25
N PHE C 282 -37.77 1.24 29.03
CA PHE C 282 -36.46 0.69 28.71
C PHE C 282 -36.42 -0.84 28.68
N ASP C 283 -37.09 -1.49 29.65
CA ASP C 283 -37.15 -2.95 29.79
C ASP C 283 -37.51 -3.68 28.49
N SER C 284 -38.39 -3.08 27.68
CA SER C 284 -38.93 -3.55 26.42
C SER C 284 -37.95 -3.30 25.29
N ILE C 285 -37.01 -2.38 25.50
CA ILE C 285 -36.08 -1.96 24.47
C ILE C 285 -34.68 -2.60 24.64
N GLY C 286 -33.98 -2.34 25.75
CA GLY C 286 -32.62 -2.84 26.04
C GLY C 286 -31.57 -1.90 25.46
N ILE C 287 -30.28 -2.07 25.84
CA ILE C 287 -29.23 -1.17 25.35
C ILE C 287 -28.91 -1.35 23.86
N ILE C 288 -29.04 -2.59 23.29
CA ILE C 288 -28.75 -2.84 21.88
C ILE C 288 -29.78 -2.16 20.99
N ARG C 289 -31.07 -2.38 21.26
CA ARG C 289 -32.13 -1.76 20.47
C ARG C 289 -32.18 -0.21 20.60
N ASP C 290 -31.81 0.32 21.76
CA ASP C 290 -31.84 1.75 22.10
C ASP C 290 -30.69 2.56 21.50
N VAL C 291 -29.44 2.07 21.65
CA VAL C 291 -28.23 2.79 21.27
C VAL C 291 -27.42 2.13 20.16
N ILE C 292 -27.11 0.83 20.30
CA ILE C 292 -26.22 0.09 19.39
C ILE C 292 -26.80 -0.08 17.97
N GLN C 293 -28.03 -0.61 17.80
CA GLN C 293 -28.64 -0.85 16.48
C GLN C 293 -28.75 0.40 15.60
N ASN C 294 -29.06 1.56 16.21
CA ASN C 294 -29.31 2.81 15.50
C ASN C 294 -28.10 3.74 15.51
N HIS C 295 -27.88 4.43 16.65
CA HIS C 295 -26.84 5.42 16.84
C HIS C 295 -25.44 4.95 16.47
N LEU C 296 -24.92 3.90 17.14
CA LEU C 296 -23.54 3.46 16.94
C LEU C 296 -23.33 2.68 15.64
N THR C 297 -24.41 2.15 15.03
CA THR C 297 -24.31 1.49 13.73
C THR C 297 -24.20 2.60 12.64
N GLN C 298 -24.79 3.81 12.86
CA GLN C 298 -24.66 4.94 11.94
C GLN C 298 -23.18 5.35 11.88
N ILE C 299 -22.53 5.48 13.07
CA ILE C 299 -21.11 5.78 13.22
C ILE C 299 -20.31 4.64 12.54
N LEU C 300 -20.71 3.38 12.77
CA LEU C 300 -20.05 2.25 12.14
C LEU C 300 -20.11 2.35 10.61
N SER C 301 -21.27 2.72 10.02
CA SER C 301 -21.44 2.82 8.57
C SER C 301 -20.59 3.91 7.97
N LEU C 302 -20.45 5.05 8.69
CA LEU C 302 -19.66 6.17 8.19
C LEU C 302 -18.17 5.94 8.26
N LEU C 303 -17.74 5.16 9.26
CA LEU C 303 -16.34 4.79 9.50
C LEU C 303 -15.84 3.69 8.55
N THR C 304 -16.76 2.82 8.06
CA THR C 304 -16.41 1.62 7.27
C THR C 304 -16.75 1.68 5.76
N MET C 305 -17.65 2.61 5.37
CA MET C 305 -18.09 2.76 3.98
C MET C 305 -16.93 3.04 3.03
N GLU C 306 -17.17 2.78 1.71
CA GLU C 306 -16.23 3.05 0.64
C GLU C 306 -16.38 4.52 0.30
N LYS C 307 -15.49 5.04 -0.54
CA LYS C 307 -15.59 6.44 -0.93
C LYS C 307 -16.81 6.62 -1.85
N PRO C 308 -17.68 7.61 -1.52
CA PRO C 308 -18.86 7.85 -2.34
C PRO C 308 -18.56 8.39 -3.75
N ARG C 309 -19.45 8.06 -4.72
CA ARG C 309 -19.32 8.48 -6.15
C ARG C 309 -19.39 9.99 -6.28
N SER C 310 -20.06 10.66 -5.32
CA SER C 310 -20.24 12.11 -5.19
C SER C 310 -20.72 12.43 -3.78
N LEU C 311 -20.92 13.71 -3.46
CA LEU C 311 -21.42 14.06 -2.13
C LEU C 311 -22.97 14.21 -2.10
N SER C 312 -23.66 13.60 -3.10
CA SER C 312 -25.12 13.57 -3.15
C SER C 312 -25.68 12.64 -2.06
N ALA C 313 -26.95 12.84 -1.63
CA ALA C 313 -27.56 12.03 -0.58
C ALA C 313 -27.55 10.56 -0.92
N GLU C 314 -28.09 10.16 -2.10
CA GLU C 314 -28.16 8.76 -2.51
C GLU C 314 -26.80 8.14 -2.77
N ASP C 315 -25.79 8.93 -3.21
CA ASP C 315 -24.42 8.42 -3.37
C ASP C 315 -23.78 8.08 -2.01
N ILE C 316 -24.08 8.88 -0.97
CA ILE C 316 -23.58 8.64 0.38
C ILE C 316 -24.36 7.48 1.04
N ARG C 317 -25.70 7.54 1.00
CA ARG C 317 -26.59 6.53 1.57
C ARG C 317 -26.42 5.14 0.91
N ASP C 318 -26.00 5.09 -0.38
CA ASP C 318 -25.73 3.84 -1.11
C ASP C 318 -24.49 3.15 -0.57
N GLU C 319 -23.50 3.93 -0.11
CA GLU C 319 -22.27 3.36 0.44
C GLU C 319 -22.50 2.86 1.87
N LYS C 320 -23.38 3.57 2.61
CA LYS C 320 -23.77 3.19 3.98
C LYS C 320 -24.47 1.84 3.96
N VAL C 321 -25.49 1.66 3.08
CA VAL C 321 -26.23 0.39 2.91
C VAL C 321 -25.25 -0.71 2.50
N GLN C 322 -24.38 -0.43 1.53
CA GLN C 322 -23.39 -1.36 0.98
C GLN C 322 -22.51 -2.02 2.03
N VAL C 323 -21.93 -1.22 2.97
CA VAL C 323 -21.07 -1.78 4.01
C VAL C 323 -21.92 -2.53 5.04
N LEU C 324 -23.06 -1.96 5.48
CA LEU C 324 -23.94 -2.61 6.45
C LEU C 324 -24.40 -3.97 5.96
N ARG C 325 -24.51 -4.13 4.65
CA ARG C 325 -24.93 -5.39 4.04
C ARG C 325 -23.81 -6.47 4.06
N GLN C 326 -22.61 -6.10 4.53
CA GLN C 326 -21.40 -6.92 4.61
C GLN C 326 -20.92 -7.11 6.06
N VAL C 327 -21.72 -6.64 7.04
CA VAL C 327 -21.35 -6.82 8.45
C VAL C 327 -21.90 -8.18 8.81
N VAL C 328 -21.07 -9.09 9.32
CA VAL C 328 -21.56 -10.42 9.71
C VAL C 328 -22.47 -10.23 10.95
N PRO C 329 -23.66 -10.89 10.99
CA PRO C 329 -24.55 -10.70 12.14
C PRO C 329 -23.88 -11.02 13.46
N ALA C 330 -23.98 -10.10 14.41
CA ALA C 330 -23.39 -10.24 15.74
C ALA C 330 -23.79 -11.61 16.33
N ASN C 331 -22.77 -12.32 16.85
CA ASN C 331 -22.94 -13.65 17.43
C ASN C 331 -22.92 -13.62 18.95
N PRO C 332 -23.84 -14.37 19.62
CA PRO C 332 -23.90 -14.37 21.10
C PRO C 332 -22.63 -14.69 21.86
N ALA C 333 -21.75 -15.49 21.25
CA ALA C 333 -20.47 -15.89 21.84
C ALA C 333 -19.51 -14.72 21.90
N GLU C 334 -19.58 -13.80 20.89
CA GLU C 334 -18.75 -12.60 20.77
C GLU C 334 -19.46 -11.35 21.30
N CYS C 335 -19.85 -11.35 22.60
CA CYS C 335 -20.49 -10.23 23.28
C CYS C 335 -20.50 -10.39 24.80
N VAL C 336 -20.65 -9.27 25.55
CA VAL C 336 -20.73 -9.21 27.02
C VAL C 336 -21.90 -8.28 27.36
N LEU C 337 -22.78 -8.71 28.26
CA LEU C 337 -23.97 -7.94 28.67
C LEU C 337 -23.95 -7.67 30.17
N GLY C 338 -24.50 -6.51 30.53
CA GLY C 338 -24.60 -6.10 31.92
C GLY C 338 -25.94 -5.48 32.26
N GLN C 339 -26.29 -5.49 33.55
CA GLN C 339 -27.49 -4.87 34.12
C GLN C 339 -27.05 -4.27 35.47
N TYR C 340 -27.19 -2.94 35.62
CA TYR C 340 -26.71 -2.25 36.81
C TYR C 340 -27.50 -2.57 38.09
N THR C 341 -26.73 -2.71 39.17
CA THR C 341 -27.17 -2.92 40.54
C THR C 341 -27.00 -1.56 41.25
N ALA C 342 -27.29 -1.47 42.55
CA ALA C 342 -27.17 -0.21 43.29
C ALA C 342 -25.71 0.22 43.41
N SER C 343 -25.47 1.56 43.40
CA SER C 343 -24.15 2.18 43.52
C SER C 343 -23.54 1.87 44.89
N ALA C 344 -22.20 1.75 44.96
CA ALA C 344 -21.39 1.47 46.15
C ALA C 344 -21.89 2.13 47.43
N ASP C 345 -22.36 3.39 47.33
CA ASP C 345 -22.86 4.18 48.46
C ASP C 345 -24.38 4.09 48.67
N GLY C 346 -25.15 4.07 47.58
CA GLY C 346 -26.61 4.00 47.64
C GLY C 346 -27.35 5.09 46.88
N SER C 347 -26.61 6.12 46.39
CA SER C 347 -27.15 7.26 45.63
C SER C 347 -28.04 6.80 44.49
N THR C 348 -27.48 6.02 43.54
CA THR C 348 -28.22 5.48 42.40
C THR C 348 -28.76 4.07 42.74
N PRO C 349 -30.11 3.87 42.78
CA PRO C 349 -30.62 2.52 43.07
C PRO C 349 -30.42 1.54 41.91
N GLY C 350 -30.55 0.25 42.20
CA GLY C 350 -30.40 -0.81 41.21
C GLY C 350 -31.46 -0.74 40.13
N TYR C 351 -31.17 -1.33 38.95
CA TYR C 351 -32.11 -1.35 37.83
C TYR C 351 -33.45 -2.00 38.22
N LEU C 352 -33.39 -3.12 38.96
CA LEU C 352 -34.53 -3.88 39.38
C LEU C 352 -35.32 -3.24 40.57
N ASP C 353 -34.73 -2.21 41.23
CA ASP C 353 -35.36 -1.47 42.34
C ASP C 353 -36.53 -0.59 41.85
N ASP C 354 -36.56 -0.32 40.53
CA ASP C 354 -37.61 0.45 39.85
C ASP C 354 -38.91 -0.37 39.79
N PRO C 355 -40.06 0.17 40.29
CA PRO C 355 -41.32 -0.61 40.27
C PRO C 355 -41.90 -0.87 38.86
N SER C 356 -41.51 -0.03 37.86
CA SER C 356 -41.94 -0.12 36.45
C SER C 356 -41.28 -1.33 35.80
N VAL C 357 -40.10 -1.71 36.32
CA VAL C 357 -39.28 -2.83 35.85
C VAL C 357 -39.88 -4.16 36.37
N PRO C 358 -40.24 -5.11 35.48
CA PRO C 358 -40.77 -6.41 35.95
C PRO C 358 -39.80 -7.22 36.80
N LYS C 359 -40.33 -8.04 37.71
CA LYS C 359 -39.55 -8.90 38.62
C LYS C 359 -38.73 -9.93 37.83
N GLY C 360 -37.44 -10.01 38.15
CA GLY C 360 -36.49 -10.93 37.53
C GLY C 360 -36.18 -10.67 36.07
N SER C 361 -36.21 -9.39 35.67
CA SER C 361 -35.92 -8.97 34.30
C SER C 361 -34.44 -9.14 33.97
N HIS C 362 -34.14 -9.74 32.80
CA HIS C 362 -32.76 -9.91 32.36
C HIS C 362 -32.43 -8.93 31.21
N CYS C 363 -33.00 -7.70 31.29
CA CYS C 363 -32.78 -6.63 30.31
C CYS C 363 -31.36 -6.05 30.43
N PRO C 364 -30.58 -6.03 29.35
CA PRO C 364 -29.22 -5.47 29.46
C PRO C 364 -29.18 -3.94 29.38
N THR C 365 -28.57 -3.32 30.39
CA THR C 365 -28.36 -1.87 30.46
C THR C 365 -26.95 -1.55 29.92
N PHE C 366 -26.18 -2.61 29.60
CA PHE C 366 -24.81 -2.58 29.09
C PHE C 366 -24.55 -3.67 28.07
N ALA C 367 -23.75 -3.36 27.04
CA ALA C 367 -23.34 -4.32 26.02
C ALA C 367 -22.06 -3.91 25.33
N VAL C 368 -21.17 -4.88 25.14
CA VAL C 368 -19.95 -4.78 24.36
C VAL C 368 -20.00 -5.92 23.34
N LEU C 369 -19.82 -5.60 22.05
CA LEU C 369 -19.86 -6.56 20.95
C LEU C 369 -18.61 -6.46 20.11
N ARG C 370 -18.20 -7.59 19.51
CA ARG C 370 -17.12 -7.67 18.54
C ARG C 370 -17.83 -7.89 17.22
N LEU C 371 -17.65 -6.97 16.25
CA LEU C 371 -18.26 -7.07 14.92
C LEU C 371 -17.20 -7.26 13.83
N HIS C 372 -17.54 -8.05 12.78
CA HIS C 372 -16.67 -8.30 11.63
C HIS C 372 -17.32 -7.79 10.36
N VAL C 373 -16.57 -7.02 9.55
CA VAL C 373 -17.01 -6.49 8.24
C VAL C 373 -16.35 -7.38 7.16
N ASN C 374 -17.12 -8.20 6.47
CA ASN C 374 -16.60 -9.16 5.52
C ASN C 374 -16.31 -8.56 4.13
N ASN C 375 -15.30 -7.70 4.05
CA ASN C 375 -14.89 -7.15 2.76
C ASN C 375 -13.37 -6.99 2.76
N ASP C 376 -12.76 -6.76 1.58
CA ASP C 376 -11.31 -6.67 1.43
C ASP C 376 -10.67 -5.45 2.15
N ARG C 377 -11.42 -4.37 2.51
CA ARG C 377 -10.86 -3.24 3.27
C ARG C 377 -10.74 -3.59 4.78
N TRP C 378 -11.74 -4.33 5.28
CA TRP C 378 -11.90 -4.61 6.69
C TRP C 378 -11.70 -6.04 7.12
N HIS C 379 -11.12 -6.88 6.26
CA HIS C 379 -10.90 -8.26 6.59
C HIS C 379 -9.88 -8.44 7.72
N GLY C 380 -10.36 -9.04 8.82
CA GLY C 380 -9.52 -9.26 9.98
C GLY C 380 -9.54 -8.13 10.99
N VAL C 381 -10.03 -6.91 10.63
CA VAL C 381 -10.10 -5.78 11.57
C VAL C 381 -11.28 -5.97 12.54
N PRO C 382 -11.00 -6.07 13.87
CA PRO C 382 -12.10 -6.19 14.85
C PRO C 382 -12.74 -4.85 15.13
N PHE C 383 -14.09 -4.85 15.25
CA PHE C 383 -14.89 -3.66 15.58
C PHE C 383 -15.47 -3.88 16.94
N ILE C 384 -15.16 -3.02 17.88
CA ILE C 384 -15.65 -3.13 19.26
C ILE C 384 -16.68 -2.06 19.51
N ILE C 385 -17.96 -2.47 19.71
CA ILE C 385 -19.05 -1.55 19.95
C ILE C 385 -19.51 -1.64 21.42
N ARG C 386 -19.41 -0.51 22.14
CA ARG C 386 -19.72 -0.39 23.56
C ARG C 386 -20.81 0.63 23.85
N ALA C 387 -21.80 0.23 24.66
CA ALA C 387 -22.91 1.08 25.10
C ALA C 387 -23.41 0.60 26.42
N GLY C 388 -23.48 1.52 27.38
CA GLY C 388 -23.94 1.25 28.73
C GLY C 388 -24.46 2.45 29.49
N LYS C 389 -25.39 2.19 30.43
CA LYS C 389 -26.00 3.18 31.32
C LYS C 389 -25.46 2.94 32.72
N ALA C 390 -25.55 3.97 33.61
CA ALA C 390 -25.05 3.93 34.99
C ALA C 390 -23.55 3.60 35.07
N LEU C 391 -22.76 4.24 34.21
CA LEU C 391 -21.31 4.06 34.14
C LEU C 391 -20.54 5.18 34.87
N GLU C 392 -19.20 5.12 34.83
CA GLU C 392 -18.32 6.09 35.51
C GLU C 392 -18.36 7.52 34.91
N GLU C 393 -18.64 7.65 33.60
CA GLU C 393 -18.63 8.95 32.94
C GLU C 393 -19.58 9.03 31.74
N ARG C 394 -19.83 10.25 31.25
CA ARG C 394 -20.58 10.50 30.03
C ARG C 394 -19.52 10.54 28.94
N LEU C 395 -19.66 9.66 27.95
CA LEU C 395 -18.72 9.59 26.83
C LEU C 395 -19.38 9.13 25.56
N LEU C 396 -18.89 9.68 24.42
CA LEU C 396 -19.20 9.29 23.04
C LEU C 396 -17.96 9.54 22.20
N ASP C 397 -17.19 8.48 21.91
CA ASP C 397 -15.98 8.63 21.13
C ASP C 397 -15.76 7.46 20.21
N ILE C 398 -14.88 7.69 19.22
CA ILE C 398 -14.46 6.75 18.19
C ILE C 398 -12.97 6.60 18.35
N ARG C 399 -12.46 5.38 18.39
CA ARG C 399 -11.03 5.11 18.54
C ARG C 399 -10.47 4.22 17.41
N ILE C 400 -9.65 4.81 16.56
CA ILE C 400 -9.03 4.10 15.44
C ILE C 400 -7.57 3.79 15.83
N GLN C 401 -7.37 2.58 16.38
CA GLN C 401 -6.08 2.06 16.81
C GLN C 401 -5.33 1.35 15.65
N PHE C 402 -4.18 1.93 15.27
CA PHE C 402 -3.29 1.45 14.21
C PHE C 402 -2.34 0.34 14.68
N LYS C 403 -1.77 -0.42 13.76
CA LYS C 403 -0.86 -1.51 14.09
C LYS C 403 0.39 -0.98 14.76
N ASP C 404 1.02 -1.79 15.59
N ASP C 404 1.07 -1.83 15.56
CA ASP C 404 2.26 -1.41 16.23
CA ASP C 404 2.30 -1.54 16.31
C ASP C 404 3.33 -1.39 15.13
C ASP C 404 3.57 -1.71 15.47
N GLU C 405 4.40 -0.63 15.36
CA GLU C 405 5.63 -0.59 14.57
C GLU C 405 6.62 -1.35 15.45
N ILE C 406 6.74 -2.65 15.17
CA ILE C 406 7.57 -3.61 15.90
C ILE C 406 9.02 -3.15 16.05
N ARG C 407 9.64 -2.78 14.94
CA ARG C 407 11.06 -2.42 14.90
C ARG C 407 11.23 -1.04 14.32
N PRO C 408 12.24 -0.26 14.76
CA PRO C 408 13.33 -0.56 15.71
C PRO C 408 13.07 -0.23 17.17
N PHE C 409 11.87 0.25 17.54
CA PHE C 409 11.60 0.74 18.91
C PHE C 409 11.02 -0.30 19.88
N GLY C 410 10.34 -1.35 19.38
CA GLY C 410 9.74 -2.39 20.21
C GLY C 410 8.93 -1.86 21.36
N GLU C 411 9.36 -2.18 22.58
CA GLU C 411 8.72 -1.75 23.84
C GLU C 411 8.78 -0.22 24.06
N SER C 412 9.71 0.49 23.38
CA SER C 412 9.85 1.94 23.47
C SER C 412 8.74 2.64 22.67
N THR C 413 7.79 1.88 22.09
CA THR C 413 6.68 2.47 21.35
C THR C 413 5.40 1.69 21.61
N GLN C 414 4.27 2.26 21.17
CA GLN C 414 2.94 1.68 21.30
C GLN C 414 2.05 2.17 20.17
N ARG C 415 1.03 1.37 19.81
CA ARG C 415 0.05 1.65 18.75
C ARG C 415 -0.40 3.11 18.69
N ASN C 416 -0.36 3.68 17.49
CA ASN C 416 -0.88 5.02 17.30
C ASN C 416 -2.40 4.87 17.37
N GLU C 417 -3.10 5.95 17.60
CA GLU C 417 -4.55 5.89 17.67
C GLU C 417 -5.09 7.18 17.16
N LEU C 418 -6.21 7.16 16.46
CA LEU C 418 -6.97 8.36 16.07
C LEU C 418 -8.24 8.41 16.95
N VAL C 419 -8.30 9.40 17.78
CA VAL C 419 -9.45 9.52 18.68
C VAL C 419 -10.33 10.68 18.26
N ILE C 420 -11.60 10.40 18.00
CA ILE C 420 -12.60 11.42 17.66
C ILE C 420 -13.61 11.37 18.80
N ARG C 421 -13.61 12.36 19.72
CA ARG C 421 -14.54 12.44 20.87
C ARG C 421 -15.67 13.41 20.52
N ALA C 422 -16.85 12.85 20.32
CA ALA C 422 -18.06 13.57 19.89
C ALA C 422 -18.78 14.36 20.98
N GLN C 423 -18.47 14.05 22.27
CA GLN C 423 -18.96 14.66 23.52
C GLN C 423 -18.31 13.95 24.72
N PRO C 424 -18.11 14.56 25.91
CA PRO C 424 -18.53 15.92 26.36
C PRO C 424 -17.92 17.11 25.66
N SER C 425 -16.60 17.06 25.36
CA SER C 425 -15.87 18.15 24.71
C SER C 425 -15.48 17.68 23.35
N GLU C 426 -15.80 18.43 22.31
CA GLU C 426 -15.54 17.98 20.95
C GLU C 426 -14.10 18.15 20.48
N ALA C 427 -13.29 17.13 20.69
CA ALA C 427 -11.91 17.12 20.25
C ALA C 427 -11.59 15.95 19.29
N MET C 428 -10.63 16.16 18.41
CA MET C 428 -10.07 15.16 17.54
C MET C 428 -8.57 15.21 17.79
N TYR C 429 -7.98 14.05 18.11
CA TYR C 429 -6.56 13.97 18.38
C TYR C 429 -5.96 12.64 17.94
N LEU C 430 -4.75 12.72 17.45
CA LEU C 430 -3.97 11.60 17.01
C LEU C 430 -2.88 11.38 18.04
N LYS C 431 -2.83 10.17 18.60
CA LYS C 431 -1.88 9.75 19.62
C LYS C 431 -0.67 9.16 18.93
N LEU C 432 0.54 9.66 19.28
CA LEU C 432 1.81 9.23 18.66
C LEU C 432 2.93 9.08 19.68
N THR C 433 4.08 8.57 19.21
CA THR C 433 5.28 8.43 20.01
C THR C 433 6.30 9.46 19.53
N ALA C 434 6.96 10.11 20.48
CA ALA C 434 7.98 11.11 20.24
C ALA C 434 9.09 10.99 21.27
N LYS C 435 10.27 11.53 20.96
CA LYS C 435 11.40 11.57 21.90
C LYS C 435 11.03 12.47 23.09
N THR C 436 11.41 12.03 24.32
CA THR C 436 11.19 12.79 25.54
C THR C 436 11.97 14.09 25.40
N PRO C 437 11.29 15.25 25.50
CA PRO C 437 11.99 16.54 25.35
C PRO C 437 13.15 16.73 26.34
N GLY C 438 14.26 17.21 25.78
CA GLY C 438 15.47 17.53 26.53
C GLY C 438 16.66 16.64 26.29
N LEU C 439 17.60 16.64 27.27
CA LEU C 439 18.80 15.82 27.27
C LEU C 439 18.37 14.34 27.15
N LEU C 440 17.37 13.92 27.97
CA LEU C 440 16.82 12.55 28.02
C LEU C 440 16.51 11.90 26.62
N ASN C 441 17.21 10.80 26.30
CA ASN C 441 17.02 10.07 25.04
C ASN C 441 16.22 8.77 25.22
N ASP C 442 14.95 8.98 25.51
CA ASP C 442 13.92 7.98 25.76
C ASP C 442 12.71 8.39 24.88
N THR C 443 11.60 7.64 24.96
CA THR C 443 10.39 7.98 24.20
C THR C 443 9.23 8.25 25.17
N HIS C 444 8.19 8.92 24.69
CA HIS C 444 6.98 9.21 25.48
C HIS C 444 5.79 9.29 24.55
N GLN C 445 4.58 9.16 25.07
CA GLN C 445 3.41 9.27 24.21
C GLN C 445 2.92 10.72 24.19
N THR C 446 2.66 11.23 22.99
CA THR C 446 2.17 12.57 22.78
C THR C 446 0.89 12.54 21.90
N GLU C 447 0.31 13.73 21.61
CA GLU C 447 -0.94 13.92 20.86
C GLU C 447 -0.82 15.13 19.95
N LEU C 448 -1.42 15.03 18.75
CA LEU C 448 -1.52 16.17 17.82
C LEU C 448 -3.00 16.45 17.94
N ASP C 449 -3.34 17.42 18.79
CA ASP C 449 -4.71 17.72 19.17
C ASP C 449 -5.34 18.87 18.40
N LEU C 450 -6.67 18.82 18.29
CA LEU C 450 -7.58 19.83 17.77
C LEU C 450 -8.81 19.84 18.74
N THR C 451 -8.93 20.84 19.62
CA THR C 451 -10.09 20.98 20.53
C THR C 451 -10.96 22.15 20.01
N TYR C 452 -12.21 21.83 19.65
CA TYR C 452 -13.18 22.77 19.06
C TYR C 452 -13.59 23.96 19.94
N GLU C 453 -13.65 23.79 21.28
CA GLU C 453 -14.02 24.90 22.19
C GLU C 453 -12.85 25.90 22.34
N ARG C 454 -11.63 25.40 22.16
CA ARG C 454 -10.38 26.14 22.27
C ARG C 454 -9.82 26.66 20.92
N ARG C 455 -10.49 26.35 19.78
CA ARG C 455 -10.02 26.79 18.44
C ARG C 455 -11.09 27.55 17.64
N TYR C 456 -12.35 27.39 18.04
CA TYR C 456 -13.47 28.11 17.42
C TYR C 456 -14.32 28.85 18.45
N ASP C 457 -14.85 30.01 18.05
CA ASP C 457 -15.68 30.92 18.87
C ASP C 457 -17.18 30.55 18.78
N VAL C 458 -17.53 29.70 17.79
CA VAL C 458 -18.88 29.29 17.40
C VAL C 458 -19.60 28.46 18.48
N THR C 459 -20.81 28.94 18.88
CA THR C 459 -21.71 28.25 19.80
C THR C 459 -22.49 27.25 18.95
N LEU C 460 -21.93 26.04 18.81
CA LEU C 460 -22.41 24.88 18.03
C LEU C 460 -23.94 24.58 18.17
N PRO C 461 -24.60 24.09 17.09
CA PRO C 461 -26.04 23.83 17.20
C PRO C 461 -26.29 22.43 17.72
N ASP C 462 -27.48 22.21 18.26
CA ASP C 462 -27.94 20.92 18.77
C ASP C 462 -28.14 20.05 17.55
N ALA C 463 -28.06 18.74 17.73
CA ALA C 463 -28.27 17.78 16.63
C ALA C 463 -29.62 18.01 15.93
N TYR C 464 -30.66 18.39 16.68
CA TYR C 464 -31.99 18.57 16.11
C TYR C 464 -32.13 19.83 15.28
N GLU C 465 -31.30 20.87 15.50
CA GLU C 465 -31.30 22.10 14.69
C GLU C 465 -30.88 21.75 13.26
N SER C 466 -29.71 21.06 13.10
CA SER C 466 -29.19 20.58 11.82
C SER C 466 -30.24 19.75 11.07
N LEU C 467 -30.70 18.67 11.70
CA LEU C 467 -31.60 17.71 11.12
C LEU C 467 -32.91 18.33 10.68
N ILE C 468 -33.53 19.19 11.50
CA ILE C 468 -34.78 19.87 11.14
C ILE C 468 -34.53 20.78 9.93
N HIS C 469 -33.39 21.46 9.91
CA HIS C 469 -32.96 22.36 8.84
C HIS C 469 -32.81 21.60 7.55
N GLU C 470 -31.99 20.53 7.56
CA GLU C 470 -31.78 19.64 6.41
C GLU C 470 -33.12 19.12 5.81
N ALA C 471 -34.11 18.81 6.68
CA ALA C 471 -35.43 18.33 6.29
C ALA C 471 -36.21 19.44 5.56
N LEU C 472 -36.02 20.69 5.97
CA LEU C 472 -36.66 21.84 5.31
C LEU C 472 -35.96 22.10 3.96
N LEU C 473 -34.61 21.93 3.92
CA LEU C 473 -33.74 22.06 2.73
C LEU C 473 -33.82 20.80 1.81
N GLY C 474 -34.68 19.82 2.16
CA GLY C 474 -34.92 18.57 1.43
C GLY C 474 -33.73 17.66 1.23
N ASN C 475 -32.77 17.73 2.14
CA ASN C 475 -31.52 16.97 2.11
C ASN C 475 -31.64 15.70 2.96
N SER C 476 -31.69 14.52 2.28
CA SER C 476 -31.89 13.21 2.91
C SER C 476 -30.66 12.48 3.40
N THR C 477 -29.44 13.01 3.16
CA THR C 477 -28.17 12.31 3.49
C THR C 477 -28.06 11.85 4.96
N ASN C 478 -28.53 12.67 5.92
CA ASN C 478 -28.41 12.36 7.36
C ASN C 478 -29.71 11.85 7.93
N PHE C 479 -30.42 11.03 7.14
CA PHE C 479 -31.69 10.40 7.49
C PHE C 479 -31.65 8.91 7.08
N VAL C 480 -32.05 8.03 7.98
CA VAL C 480 -32.07 6.59 7.76
C VAL C 480 -33.00 6.22 6.57
N ARG C 481 -32.46 5.56 5.53
CA ARG C 481 -33.19 5.10 4.34
C ARG C 481 -33.80 3.74 4.65
N VAL C 482 -34.93 3.40 4.00
CA VAL C 482 -35.68 2.16 4.23
C VAL C 482 -34.77 0.90 4.22
N ASP C 483 -33.85 0.81 3.26
CA ASP C 483 -32.93 -0.31 3.10
C ASP C 483 -31.78 -0.27 4.10
N GLU C 484 -31.35 0.93 4.49
CA GLU C 484 -30.28 1.22 5.47
C GLU C 484 -30.73 0.73 6.84
N LEU C 485 -32.01 0.79 7.08
CA LEU C 485 -32.66 0.39 8.31
C LEU C 485 -32.70 -1.13 8.35
N ASP C 486 -33.05 -1.78 7.23
CA ASP C 486 -33.13 -3.25 7.15
C ASP C 486 -31.76 -3.85 7.41
N ALA C 487 -30.75 -3.32 6.74
CA ALA C 487 -29.36 -3.72 6.86
C ALA C 487 -28.86 -3.64 8.31
N ALA C 488 -29.35 -2.65 9.10
CA ALA C 488 -28.97 -2.47 10.50
C ALA C 488 -29.56 -3.55 11.40
N TRP C 489 -30.85 -3.84 11.24
CA TRP C 489 -31.56 -4.84 12.02
C TRP C 489 -31.04 -6.24 11.80
N ARG C 490 -30.52 -6.52 10.58
CA ARG C 490 -30.00 -7.82 10.16
C ARG C 490 -28.74 -8.23 10.90
N ILE C 491 -27.98 -7.25 11.40
CA ILE C 491 -26.75 -7.41 12.17
C ILE C 491 -27.09 -7.85 13.60
N TYR C 492 -28.14 -7.28 14.21
CA TYR C 492 -28.46 -7.50 15.62
C TYR C 492 -29.60 -8.49 15.92
N THR C 493 -30.55 -8.75 14.99
CA THR C 493 -31.72 -9.62 15.23
C THR C 493 -31.30 -11.03 15.69
N PRO C 494 -30.43 -11.83 15.03
CA PRO C 494 -30.07 -13.13 15.62
C PRO C 494 -29.65 -13.04 17.11
N LEU C 495 -28.79 -12.04 17.47
CA LEU C 495 -28.36 -11.75 18.84
C LEU C 495 -29.52 -11.33 19.76
N LEU C 496 -30.36 -10.37 19.32
CA LEU C 496 -31.51 -9.89 20.11
C LEU C 496 -32.50 -11.01 20.52
N HIS C 497 -32.73 -11.95 19.59
CA HIS C 497 -33.58 -13.11 19.73
C HIS C 497 -32.98 -14.13 20.71
N ALA C 498 -31.63 -14.35 20.64
CA ALA C 498 -30.89 -15.23 21.56
C ALA C 498 -31.04 -14.68 22.97
N ILE C 499 -30.81 -13.34 23.13
CA ILE C 499 -30.97 -12.60 24.41
C ILE C 499 -32.40 -12.79 24.97
N ASP C 500 -33.44 -12.54 24.13
CA ASP C 500 -34.85 -12.66 24.48
C ASP C 500 -35.29 -14.11 24.84
N ARG C 501 -34.52 -15.11 24.34
CA ARG C 501 -34.77 -16.53 24.62
C ARG C 501 -34.06 -16.95 25.92
N GLY C 502 -33.29 -16.04 26.51
CA GLY C 502 -32.53 -16.26 27.73
C GLY C 502 -31.29 -17.10 27.49
N GLU C 503 -30.67 -16.94 26.31
CA GLU C 503 -29.49 -17.70 25.90
C GLU C 503 -28.17 -17.02 26.20
N VAL C 504 -28.17 -15.68 26.40
CA VAL C 504 -26.95 -14.90 26.67
C VAL C 504 -26.95 -14.40 28.13
N LYS C 505 -25.82 -14.58 28.87
CA LYS C 505 -25.71 -14.18 30.28
C LYS C 505 -25.57 -12.68 30.44
N VAL C 506 -26.39 -12.10 31.35
CA VAL C 506 -26.44 -10.68 31.68
C VAL C 506 -25.81 -10.49 33.08
N LEU C 507 -24.55 -10.02 33.10
CA LEU C 507 -23.74 -9.83 34.30
C LEU C 507 -24.06 -8.56 35.08
N PRO C 508 -24.01 -8.60 36.43
CA PRO C 508 -24.31 -7.38 37.18
C PRO C 508 -23.10 -6.46 37.34
N TYR C 509 -23.38 -5.16 37.55
CA TYR C 509 -22.37 -4.14 37.78
C TYR C 509 -22.94 -3.01 38.62
N ALA C 510 -22.15 -2.48 39.58
CA ALA C 510 -22.59 -1.39 40.44
C ALA C 510 -22.75 -0.12 39.61
N ALA C 511 -23.83 0.64 39.83
CA ALA C 511 -24.06 1.91 39.14
C ALA C 511 -22.88 2.86 39.49
N GLY C 512 -22.33 3.53 38.49
CA GLY C 512 -21.18 4.40 38.69
C GLY C 512 -19.84 3.72 38.45
N SER C 513 -19.81 2.37 38.41
CA SER C 513 -18.59 1.62 38.11
C SER C 513 -18.35 1.58 36.57
N CYS C 514 -17.27 0.92 36.12
CA CYS C 514 -16.94 0.84 34.70
C CYS C 514 -17.69 -0.27 33.93
N GLY C 515 -18.53 -1.03 34.66
CA GLY C 515 -19.31 -2.15 34.12
C GLY C 515 -18.72 -3.48 34.55
N PRO C 516 -19.20 -4.64 34.03
CA PRO C 516 -18.61 -5.94 34.45
C PRO C 516 -17.13 -6.07 34.09
N GLU C 517 -16.33 -6.76 34.96
CA GLU C 517 -14.89 -6.95 34.74
C GLU C 517 -14.60 -7.83 33.52
N GLU C 518 -15.57 -8.72 33.18
CA GLU C 518 -15.54 -9.65 32.05
C GLU C 518 -15.45 -8.90 30.72
N ALA C 519 -16.03 -7.68 30.68
CA ALA C 519 -16.07 -6.78 29.52
C ALA C 519 -14.69 -6.27 29.10
N GLN C 520 -13.82 -5.91 30.07
CA GLN C 520 -12.49 -5.40 29.77
C GLN C 520 -11.57 -6.50 29.25
N GLU C 521 -11.77 -7.74 29.77
CA GLU C 521 -11.04 -8.91 29.32
C GLU C 521 -11.45 -9.29 27.91
N PHE C 522 -12.76 -9.20 27.62
CA PHE C 522 -13.33 -9.43 26.30
C PHE C 522 -12.76 -8.42 25.29
N ILE C 523 -12.72 -7.12 25.68
CA ILE C 523 -12.18 -6.04 24.85
C ILE C 523 -10.73 -6.32 24.51
N ARG C 524 -9.92 -6.73 25.53
CA ARG C 524 -8.49 -7.07 25.39
C ARG C 524 -8.34 -8.21 24.37
N ILE C 525 -9.03 -9.33 24.62
CA ILE C 525 -9.04 -10.54 23.80
C ILE C 525 -9.58 -10.26 22.38
N SER C 526 -10.46 -9.25 22.22
CA SER C 526 -11.04 -8.88 20.92
C SER C 526 -10.06 -8.18 20.00
N GLY C 527 -9.01 -7.57 20.58
CA GLY C 527 -7.97 -6.90 19.80
C GLY C 527 -7.58 -5.50 20.22
N TYR C 528 -8.28 -4.89 21.20
CA TYR C 528 -7.97 -3.53 21.63
C TYR C 528 -6.93 -3.49 22.77
N LYS C 529 -5.76 -2.89 22.46
CA LYS C 529 -4.67 -2.69 23.43
C LYS C 529 -4.85 -1.35 24.20
N THR C 530 -5.04 -1.48 25.51
CA THR C 530 -5.30 -0.40 26.46
C THR C 530 -4.17 0.64 26.51
N THR C 531 -4.56 1.91 26.80
CA THR C 531 -3.74 3.14 26.90
C THR C 531 -2.41 2.94 27.62
N VAL D 38 27.96 -36.31 -29.24
CA VAL D 38 29.22 -36.44 -29.97
C VAL D 38 30.30 -35.55 -29.32
N CYS D 39 31.50 -36.14 -29.07
CA CYS D 39 32.72 -35.60 -28.46
C CYS D 39 33.24 -34.30 -29.10
N GLU D 40 33.49 -33.25 -28.24
CA GLU D 40 33.96 -31.93 -28.66
C GLU D 40 34.95 -31.27 -27.73
N ARG D 41 35.86 -30.43 -28.27
CA ARG D 41 36.92 -29.73 -27.54
C ARG D 41 36.41 -28.87 -26.41
N ILE D 42 37.20 -28.83 -25.33
CA ILE D 42 36.94 -28.07 -24.10
C ILE D 42 37.61 -26.70 -24.26
N PRO D 43 36.87 -25.57 -24.09
CA PRO D 43 37.51 -24.26 -24.20
C PRO D 43 38.41 -23.92 -23.00
N ASP D 44 39.28 -22.91 -23.16
CA ASP D 44 40.14 -22.42 -22.06
C ASP D 44 39.39 -21.23 -21.40
N ALA D 45 38.17 -21.51 -20.84
CA ALA D 45 37.26 -20.54 -20.25
C ALA D 45 37.41 -20.35 -18.75
N VAL D 46 38.60 -20.60 -18.21
CA VAL D 46 38.85 -20.41 -16.76
C VAL D 46 38.75 -18.91 -16.41
N SER D 47 38.24 -18.60 -15.21
CA SER D 47 38.16 -17.19 -14.85
C SER D 47 39.56 -16.57 -14.76
N PRO D 48 39.77 -15.37 -15.36
CA PRO D 48 41.13 -14.78 -15.40
C PRO D 48 41.84 -14.58 -14.07
N GLU D 49 41.08 -14.59 -12.96
CA GLU D 49 41.59 -14.49 -11.59
C GLU D 49 42.18 -15.84 -11.11
N LEU D 50 42.12 -16.87 -11.96
CA LEU D 50 42.61 -18.21 -11.62
C LEU D 50 43.68 -18.67 -12.59
N ARG D 51 44.01 -17.79 -13.54
CA ARG D 51 44.97 -18.05 -14.61
C ARG D 51 46.43 -17.81 -14.26
N SER D 52 46.72 -16.71 -13.56
CA SER D 52 48.06 -16.23 -13.24
C SER D 52 48.89 -17.09 -12.29
N ARG D 53 48.23 -17.83 -11.40
CA ARG D 53 48.85 -18.63 -10.36
C ARG D 53 48.32 -20.06 -10.45
N ALA D 54 49.06 -21.03 -9.88
CA ALA D 54 48.67 -22.44 -9.87
C ALA D 54 47.30 -22.68 -9.15
N LEU D 55 46.76 -23.91 -9.25
CA LEU D 55 45.50 -24.28 -8.60
C LEU D 55 45.52 -25.72 -8.16
N THR D 56 45.31 -25.92 -6.87
CA THR D 56 45.30 -27.21 -6.23
C THR D 56 43.99 -27.34 -5.47
N ILE D 57 43.13 -28.28 -5.91
CA ILE D 57 41.87 -28.57 -5.24
C ILE D 57 42.12 -29.87 -4.46
N VAL D 58 42.17 -29.81 -3.13
CA VAL D 58 42.42 -30.98 -2.28
C VAL D 58 41.10 -31.49 -1.71
N VAL D 59 40.67 -32.71 -2.09
CA VAL D 59 39.43 -33.30 -1.57
C VAL D 59 39.77 -34.24 -0.38
N LEU D 60 39.67 -33.72 0.88
CA LEU D 60 39.95 -34.48 2.10
C LEU D 60 38.72 -35.33 2.34
N GLY D 61 38.87 -36.65 2.35
CA GLY D 61 37.75 -37.59 2.47
C GLY D 61 37.29 -38.08 1.11
N ALA D 62 38.26 -38.28 0.18
CA ALA D 62 38.09 -38.76 -1.20
C ALA D 62 37.47 -40.15 -1.28
N SER D 63 37.61 -40.94 -0.23
CA SER D 63 37.07 -42.29 -0.13
C SER D 63 35.56 -42.25 0.18
N GLY D 64 35.15 -41.20 0.87
CA GLY D 64 33.78 -40.98 1.31
C GLY D 64 32.74 -40.91 0.22
N ASP D 65 31.53 -41.31 0.57
CA ASP D 65 30.31 -41.34 -0.23
C ASP D 65 30.00 -40.01 -0.90
N LEU D 66 30.17 -38.88 -0.19
CA LEU D 66 29.92 -37.55 -0.71
C LEU D 66 30.88 -37.15 -1.82
N ALA D 67 32.19 -37.43 -1.65
CA ALA D 67 33.21 -37.14 -2.63
C ALA D 67 32.96 -37.91 -3.93
N LYS D 68 32.72 -39.25 -3.84
CA LYS D 68 32.49 -40.09 -5.02
C LYS D 68 31.16 -39.77 -5.75
N LYS D 69 30.08 -39.47 -4.99
CA LYS D 69 28.74 -39.21 -5.51
C LYS D 69 28.46 -37.77 -5.93
N LYS D 70 29.15 -36.77 -5.32
CA LYS D 70 28.87 -35.35 -5.60
C LYS D 70 30.09 -34.47 -5.97
N THR D 71 31.24 -34.62 -5.28
CA THR D 71 32.42 -33.75 -5.51
C THR D 71 33.14 -34.05 -6.82
N PHE D 72 33.68 -35.26 -6.95
CA PHE D 72 34.39 -35.58 -8.17
C PHE D 72 33.47 -35.40 -9.41
N PRO D 73 32.15 -35.81 -9.43
CA PRO D 73 31.32 -35.57 -10.63
C PRO D 73 31.20 -34.08 -11.01
N ALA D 74 31.05 -33.17 -10.01
CA ALA D 74 30.95 -31.71 -10.22
C ALA D 74 32.26 -31.14 -10.79
N LEU D 75 33.43 -31.63 -10.30
CA LEU D 75 34.75 -31.23 -10.79
C LEU D 75 34.91 -31.61 -12.24
N PHE D 76 34.44 -32.82 -12.60
CA PHE D 76 34.46 -33.33 -13.98
C PHE D 76 33.65 -32.42 -14.89
N GLN D 77 32.47 -31.97 -14.46
CA GLN D 77 31.63 -31.08 -15.27
C GLN D 77 32.25 -29.70 -15.42
N LEU D 78 32.81 -29.15 -14.33
CA LEU D 78 33.51 -27.87 -14.35
C LEU D 78 34.75 -27.98 -15.29
N TYR D 79 35.50 -29.12 -15.28
CA TYR D 79 36.66 -29.37 -16.17
C TYR D 79 36.20 -29.41 -17.64
N CYS D 80 35.10 -30.12 -17.92
CA CYS D 80 34.48 -30.26 -19.24
C CYS D 80 33.95 -28.92 -19.77
N ASN D 81 33.43 -28.06 -18.88
CA ASN D 81 32.93 -26.73 -19.24
C ASN D 81 34.13 -25.78 -19.53
N GLY D 82 35.33 -26.21 -19.18
CA GLY D 82 36.54 -25.45 -19.33
C GLY D 82 36.60 -24.32 -18.32
N MET D 83 35.96 -24.51 -17.15
CA MET D 83 35.91 -23.51 -16.08
C MET D 83 37.03 -23.60 -15.05
N LEU D 84 37.82 -24.70 -15.11
CA LEU D 84 38.98 -24.95 -14.26
C LEU D 84 40.21 -24.79 -15.17
N PRO D 85 41.41 -24.45 -14.66
CA PRO D 85 42.60 -24.35 -15.54
C PRO D 85 42.92 -25.64 -16.29
N ARG D 86 43.76 -25.56 -17.35
CA ARG D 86 44.12 -26.76 -18.12
C ARG D 86 44.97 -27.73 -17.26
N ASP D 87 45.75 -27.15 -16.32
CA ASP D 87 46.71 -27.76 -15.40
C ASP D 87 46.32 -27.73 -13.92
N VAL D 88 45.07 -28.10 -13.57
CA VAL D 88 44.62 -28.13 -12.17
C VAL D 88 45.19 -29.37 -11.50
N ASN D 89 45.32 -29.35 -10.19
CA ASN D 89 45.74 -30.53 -9.48
C ASN D 89 44.70 -30.96 -8.50
N ILE D 90 44.00 -32.07 -8.78
CA ILE D 90 42.97 -32.58 -7.88
C ILE D 90 43.60 -33.67 -7.01
N LEU D 91 43.69 -33.38 -5.72
CA LEU D 91 44.34 -34.29 -4.78
C LEU D 91 43.38 -34.87 -3.79
N GLY D 92 43.16 -36.17 -3.91
CA GLY D 92 42.37 -36.91 -2.95
C GLY D 92 43.23 -37.29 -1.76
N TYR D 93 42.69 -37.17 -0.54
CA TYR D 93 43.42 -37.54 0.68
C TYR D 93 42.47 -38.19 1.68
N ALA D 94 42.74 -39.43 2.08
CA ALA D 94 41.92 -40.10 3.09
C ALA D 94 42.72 -41.13 3.86
N ARG D 95 42.08 -41.81 4.82
CA ARG D 95 42.68 -42.87 5.64
C ARG D 95 42.65 -44.20 4.87
N SER D 96 41.82 -44.29 3.79
CA SER D 96 41.70 -45.49 2.98
C SER D 96 43.01 -45.84 2.29
N THR D 97 43.44 -47.07 2.47
CA THR D 97 44.64 -47.51 1.78
C THR D 97 44.18 -47.75 0.32
N MET D 98 45.02 -47.44 -0.68
CA MET D 98 44.67 -47.64 -2.09
C MET D 98 45.68 -48.44 -2.81
N GLU D 99 45.29 -49.65 -3.20
CA GLU D 99 46.13 -50.58 -3.93
C GLU D 99 46.31 -50.16 -5.39
N ASP D 100 45.24 -49.61 -6.03
CA ASP D 100 45.28 -49.18 -7.42
C ASP D 100 44.41 -47.94 -7.54
N VAL D 101 45.06 -46.76 -7.57
CA VAL D 101 44.38 -45.47 -7.70
C VAL D 101 43.76 -45.32 -9.07
N GLU D 102 44.38 -45.94 -10.10
CA GLU D 102 43.91 -45.83 -11.49
C GLU D 102 42.65 -46.68 -11.74
N LYS D 103 42.51 -47.81 -11.02
CA LYS D 103 41.33 -48.67 -11.05
C LYS D 103 40.21 -47.97 -10.27
N TRP D 104 40.53 -47.32 -9.13
CA TRP D 104 39.57 -46.56 -8.32
C TRP D 104 38.98 -45.40 -9.14
N LYS D 105 39.86 -44.66 -9.83
CA LYS D 105 39.52 -43.54 -10.70
C LYS D 105 38.60 -44.00 -11.89
N LYS D 106 39.01 -45.06 -12.62
CA LYS D 106 38.30 -45.59 -13.78
C LYS D 106 36.97 -46.28 -13.44
N ASP D 107 36.98 -47.23 -12.47
CA ASP D 107 35.80 -48.00 -12.10
C ASP D 107 34.88 -47.29 -11.13
N THR D 108 35.39 -46.95 -9.93
CA THR D 108 34.58 -46.31 -8.88
C THR D 108 34.20 -44.88 -9.25
N LEU D 109 35.18 -43.96 -9.32
CA LEU D 109 34.98 -42.54 -9.56
C LEU D 109 34.20 -42.20 -10.83
N ALA D 110 34.73 -42.62 -12.01
CA ALA D 110 34.14 -42.38 -13.32
C ALA D 110 32.72 -42.90 -13.50
N GLY D 111 32.34 -43.90 -12.69
CA GLY D 111 30.99 -44.45 -12.69
C GLY D 111 29.90 -43.45 -12.31
N PHE D 112 30.24 -42.43 -11.50
CA PHE D 112 29.29 -41.41 -11.03
C PHE D 112 29.15 -40.16 -11.95
N PHE D 113 30.00 -40.07 -13.01
CA PHE D 113 30.00 -38.99 -14.00
C PHE D 113 28.72 -39.12 -14.85
N THR D 114 28.11 -37.99 -15.25
CA THR D 114 26.78 -38.02 -15.85
C THR D 114 26.66 -37.82 -17.39
N ARG D 115 27.10 -36.66 -17.96
CA ARG D 115 26.90 -36.47 -19.42
C ARG D 115 27.96 -37.24 -20.20
N LEU D 116 27.83 -38.59 -20.25
CA LEU D 116 28.84 -39.43 -20.90
C LEU D 116 28.54 -39.70 -22.38
N ASP D 117 27.38 -39.20 -22.86
CA ASP D 117 26.98 -39.28 -24.26
C ASP D 117 27.56 -38.07 -24.99
N GLU D 118 27.95 -37.01 -24.24
CA GLU D 118 28.54 -35.77 -24.77
C GLU D 118 30.00 -35.57 -24.32
N ARG D 119 30.32 -36.03 -23.08
CA ARG D 119 31.62 -35.81 -22.43
C ARG D 119 32.37 -37.08 -21.99
N GLY D 120 31.95 -38.24 -22.47
CA GLY D 120 32.59 -39.51 -22.13
C GLY D 120 34.06 -39.58 -22.54
N CYS D 121 34.42 -38.88 -23.62
CA CYS D 121 35.79 -38.83 -24.15
C CYS D 121 36.78 -38.08 -23.25
N HIS D 122 36.26 -37.13 -22.46
CA HIS D 122 37.07 -36.31 -21.58
C HIS D 122 37.39 -36.96 -20.27
N VAL D 123 36.73 -38.08 -19.95
CA VAL D 123 36.91 -38.83 -18.70
C VAL D 123 38.40 -39.10 -18.42
N GLY D 124 39.11 -39.66 -19.40
CA GLY D 124 40.53 -39.98 -19.29
C GLY D 124 41.44 -38.79 -18.97
N ASN D 125 41.27 -37.71 -19.73
CA ASN D 125 42.01 -36.46 -19.58
C ASN D 125 41.83 -35.84 -18.20
N PHE D 126 40.56 -35.82 -17.70
CA PHE D 126 40.17 -35.28 -16.41
C PHE D 126 40.75 -36.12 -15.28
N LEU D 127 40.60 -37.46 -15.36
CA LEU D 127 41.12 -38.42 -14.38
C LEU D 127 42.64 -38.36 -14.30
N ARG D 128 43.30 -37.90 -15.38
CA ARG D 128 44.76 -37.73 -15.46
C ARG D 128 45.23 -36.62 -14.50
N ARG D 129 44.29 -35.69 -14.14
CA ARG D 129 44.49 -34.57 -13.22
C ARG D 129 44.36 -34.96 -11.74
N ILE D 130 43.65 -36.07 -11.46
CA ILE D 130 43.45 -36.59 -10.10
C ILE D 130 44.63 -37.49 -9.63
N SER D 131 45.04 -37.26 -8.37
CA SER D 131 46.06 -38.04 -7.63
C SER D 131 45.44 -38.39 -6.25
N TYR D 132 45.92 -39.45 -5.58
CA TYR D 132 45.43 -39.90 -4.26
C TYR D 132 46.58 -40.01 -3.23
N MET D 133 46.26 -39.91 -1.93
CA MET D 133 47.21 -39.92 -0.84
C MET D 133 46.59 -40.53 0.43
N THR D 134 47.13 -41.65 0.94
CA THR D 134 46.70 -42.26 2.22
C THR D 134 47.38 -41.46 3.35
N GLY D 135 46.60 -40.97 4.29
CA GLY D 135 47.07 -40.19 5.42
C GLY D 135 46.03 -40.06 6.51
N SER D 136 46.50 -39.85 7.75
CA SER D 136 45.63 -39.72 8.91
C SER D 136 45.00 -38.33 9.00
N TYR D 137 43.99 -38.18 9.86
CA TYR D 137 43.34 -36.89 10.07
C TYR D 137 43.79 -36.23 11.36
N ASP D 138 44.80 -36.81 12.05
CA ASP D 138 45.29 -36.28 13.31
C ASP D 138 46.84 -36.17 13.42
N ARG D 139 47.61 -36.78 12.50
CA ARG D 139 49.08 -36.77 12.60
C ARG D 139 49.73 -35.72 11.71
N ASP D 140 50.54 -34.81 12.34
CA ASP D 140 51.26 -33.68 11.73
C ASP D 140 52.14 -34.04 10.55
N GLU D 141 52.92 -35.18 10.62
CA GLU D 141 53.79 -35.63 9.52
C GLU D 141 52.96 -35.87 8.26
N ASP D 142 51.82 -36.56 8.41
CA ASP D 142 50.89 -36.81 7.32
C ASP D 142 50.36 -35.50 6.70
N PHE D 143 50.29 -34.40 7.52
CA PHE D 143 49.91 -33.06 7.07
C PHE D 143 51.08 -32.29 6.42
N ALA D 144 52.35 -32.66 6.80
CA ALA D 144 53.60 -32.11 6.22
C ALA D 144 53.78 -32.72 4.84
N ARG D 145 53.36 -34.00 4.68
CA ARG D 145 53.39 -34.79 3.44
C ARG D 145 52.51 -34.11 2.40
N LEU D 146 51.22 -33.85 2.77
CA LEU D 146 50.21 -33.23 1.94
C LEU D 146 50.69 -31.87 1.41
N ASN D 147 51.23 -30.99 2.28
CA ASN D 147 51.78 -29.67 1.91
C ASN D 147 52.97 -29.79 0.94
N GLU D 148 53.86 -30.77 1.17
CA GLU D 148 55.05 -31.00 0.35
C GLU D 148 54.67 -31.41 -1.05
N ARG D 149 53.54 -32.12 -1.20
CA ARG D 149 52.99 -32.55 -2.50
C ARG D 149 52.43 -31.34 -3.19
N ILE D 150 51.72 -30.46 -2.41
CA ILE D 150 51.09 -29.21 -2.88
C ILE D 150 52.14 -28.23 -3.39
N LEU D 151 53.27 -28.16 -2.70
CA LEU D 151 54.40 -27.33 -3.09
C LEU D 151 55.01 -27.86 -4.38
N ARG D 152 55.11 -29.22 -4.50
CA ARG D 152 55.66 -29.95 -5.65
C ARG D 152 54.89 -29.69 -6.96
N MET D 153 53.54 -29.62 -6.86
CA MET D 153 52.58 -29.35 -7.94
C MET D 153 52.63 -27.88 -8.34
N GLU D 154 52.75 -26.98 -7.34
CA GLU D 154 52.81 -25.52 -7.50
C GLU D 154 54.08 -25.05 -8.22
N GLU D 155 55.18 -25.79 -8.02
CA GLU D 155 56.46 -25.53 -8.64
C GLU D 155 56.44 -25.92 -10.13
N ALA D 156 55.53 -26.86 -10.50
CA ALA D 156 55.36 -27.35 -11.88
C ALA D 156 54.67 -26.35 -12.82
N PHE D 157 54.01 -25.32 -12.26
CA PHE D 157 53.28 -24.27 -12.97
C PHE D 157 54.12 -23.47 -13.99
N GLN D 158 53.59 -23.34 -15.22
CA GLN D 158 54.24 -22.61 -16.30
C GLN D 158 53.73 -21.16 -16.47
N GLY D 159 52.78 -20.76 -15.64
CA GLY D 159 52.20 -19.42 -15.68
C GLY D 159 53.04 -18.31 -15.08
N PRO D 160 52.47 -17.08 -14.99
CA PRO D 160 53.28 -15.93 -14.53
C PRO D 160 53.68 -15.93 -13.05
N GLU D 161 52.69 -15.87 -12.16
CA GLU D 161 52.90 -15.77 -10.72
C GLU D 161 53.36 -17.05 -10.03
N LYS D 162 54.39 -16.90 -9.15
CA LYS D 162 54.95 -17.95 -8.30
C LYS D 162 53.94 -18.20 -7.12
N GLY D 163 53.99 -19.39 -6.54
CA GLY D 163 53.08 -19.77 -5.47
C GLY D 163 51.90 -20.55 -6.00
N GLY D 164 50.79 -20.49 -5.29
CA GLY D 164 49.58 -21.18 -5.72
C GLY D 164 48.36 -20.93 -4.87
N ASN D 165 47.19 -21.13 -5.46
CA ASN D 165 45.91 -20.97 -4.77
C ASN D 165 45.41 -22.38 -4.42
N ARG D 166 45.19 -22.63 -3.11
CA ARG D 166 44.73 -23.93 -2.61
C ARG D 166 43.27 -23.92 -2.09
N LEU D 167 42.37 -24.75 -2.68
CA LEU D 167 40.99 -24.94 -2.24
C LEU D 167 40.89 -26.31 -1.58
N PHE D 168 40.52 -26.36 -0.27
CA PHE D 168 40.38 -27.62 0.50
C PHE D 168 38.92 -27.99 0.69
N TYR D 169 38.51 -29.16 0.18
CA TYR D 169 37.13 -29.65 0.31
C TYR D 169 37.13 -30.71 1.42
N LEU D 170 36.57 -30.36 2.56
CA LEU D 170 36.52 -31.23 3.75
C LEU D 170 35.24 -32.10 3.76
N ALA D 171 35.30 -33.27 3.10
CA ALA D 171 34.20 -34.23 3.04
C ALA D 171 34.55 -35.38 4.02
N LEU D 172 34.66 -35.04 5.32
CA LEU D 172 35.06 -35.98 6.38
C LEU D 172 33.95 -36.30 7.40
N PRO D 173 34.08 -37.38 8.22
CA PRO D 173 33.08 -37.60 9.28
C PRO D 173 33.27 -36.52 10.38
N PRO D 174 32.19 -35.97 11.01
CA PRO D 174 32.36 -34.87 12.00
C PRO D 174 33.28 -35.14 13.22
N SER D 175 33.67 -36.42 13.48
CA SER D 175 34.54 -36.71 14.62
C SER D 175 36.03 -36.33 14.35
N VAL D 176 36.37 -36.05 13.07
CA VAL D 176 37.75 -35.74 12.70
C VAL D 176 37.92 -34.28 12.22
N PHE D 177 36.80 -33.53 12.13
CA PHE D 177 36.76 -32.15 11.61
C PHE D 177 37.81 -31.22 12.22
N VAL D 178 37.71 -30.93 13.54
CA VAL D 178 38.63 -30.00 14.21
C VAL D 178 40.11 -30.49 14.11
N GLY D 179 40.31 -31.81 14.07
CA GLY D 179 41.62 -32.44 13.89
C GLY D 179 42.25 -32.01 12.59
N VAL D 180 41.50 -32.14 11.48
CA VAL D 180 41.88 -31.73 10.12
C VAL D 180 42.14 -30.24 10.05
N CYS D 181 41.19 -29.41 10.51
CA CYS D 181 41.31 -27.96 10.51
C CYS D 181 42.57 -27.45 11.21
N ARG D 182 42.91 -28.06 12.36
CA ARG D 182 44.10 -27.70 13.12
C ARG D 182 45.37 -28.09 12.32
N GLY D 183 45.33 -29.26 11.69
CA GLY D 183 46.42 -29.82 10.90
C GLY D 183 46.71 -29.02 9.65
N LEU D 184 45.64 -28.63 8.94
CA LEU D 184 45.72 -27.83 7.71
C LEU D 184 46.21 -26.43 8.02
N SER D 185 45.68 -25.81 9.09
CA SER D 185 46.09 -24.47 9.50
C SER D 185 47.53 -24.44 9.97
N LYS D 186 47.96 -25.50 10.72
CA LYS D 186 49.30 -25.64 11.29
C LYS D 186 50.37 -25.70 10.24
N GLY D 187 50.16 -26.44 9.16
CA GLY D 187 51.17 -26.55 8.11
C GLY D 187 50.76 -27.14 6.77
N ALA D 188 49.75 -26.54 6.13
CA ALA D 188 49.31 -26.90 4.76
C ALA D 188 48.85 -25.62 4.05
N MET D 189 49.12 -24.47 4.72
CA MET D 189 48.79 -23.11 4.26
C MET D 189 49.87 -22.58 3.33
N GLN D 190 49.45 -21.69 2.42
CA GLN D 190 50.37 -21.04 1.49
C GLN D 190 51.19 -19.98 2.24
N LYS D 191 52.34 -19.60 1.67
CA LYS D 191 53.18 -18.52 2.18
C LYS D 191 52.41 -17.18 2.00
N PRO D 192 52.62 -16.15 2.87
CA PRO D 192 51.90 -14.88 2.69
C PRO D 192 52.23 -14.18 1.36
N GLU D 193 51.18 -13.62 0.71
CA GLU D 193 51.19 -12.91 -0.58
C GLU D 193 51.57 -13.83 -1.77
N LEU D 194 51.29 -15.15 -1.64
CA LEU D 194 51.57 -16.12 -2.71
C LEU D 194 50.37 -17.01 -3.11
N GLY D 195 49.16 -16.55 -2.80
CA GLY D 195 47.94 -17.25 -3.16
C GLY D 195 46.95 -17.43 -2.03
N TRP D 196 45.66 -17.46 -2.36
CA TRP D 196 44.61 -17.66 -1.35
C TRP D 196 44.45 -19.13 -0.95
N VAL D 197 43.96 -19.36 0.28
CA VAL D 197 43.69 -20.70 0.82
C VAL D 197 42.21 -20.66 1.24
N ARG D 198 41.37 -21.47 0.60
CA ARG D 198 39.98 -21.49 0.95
C ARG D 198 39.57 -22.87 1.40
N LEU D 199 38.67 -22.92 2.36
CA LEU D 199 38.20 -24.14 2.98
C LEU D 199 36.69 -24.32 2.79
N ILE D 200 36.29 -25.33 2.01
CA ILE D 200 34.88 -25.72 1.84
C ILE D 200 34.58 -26.74 2.94
N VAL D 201 33.61 -26.39 3.76
CA VAL D 201 33.23 -27.17 4.92
C VAL D 201 31.79 -27.72 4.77
N GLU D 202 31.63 -29.00 5.05
CA GLU D 202 30.36 -29.69 4.94
C GLU D 202 29.64 -29.88 6.28
N LYS D 203 28.31 -29.99 6.25
CA LYS D 203 27.47 -30.27 7.42
C LYS D 203 27.83 -31.69 7.98
N PRO D 204 27.62 -32.00 9.29
CA PRO D 204 26.94 -31.22 10.33
C PRO D 204 27.77 -30.11 10.98
N PHE D 205 27.09 -29.00 11.31
CA PHE D 205 27.68 -27.84 11.98
C PHE D 205 27.12 -27.80 13.42
N GLY D 206 27.43 -28.84 14.17
CA GLY D 206 26.93 -29.03 15.52
C GLY D 206 25.58 -29.72 15.50
N ARG D 207 24.94 -29.80 16.66
CA ARG D 207 23.66 -30.44 16.83
C ARG D 207 22.60 -29.51 17.45
N ASP D 208 23.05 -28.32 17.87
CA ASP D 208 22.27 -27.23 18.47
C ASP D 208 23.17 -26.01 18.61
N THR D 209 22.63 -24.88 19.12
CA THR D 209 23.35 -23.61 19.34
C THR D 209 24.72 -23.77 20.07
N GLU D 210 24.74 -24.43 21.25
CA GLU D 210 25.94 -24.63 22.08
C GLU D 210 27.06 -25.41 21.38
N THR D 211 26.72 -26.57 20.77
CA THR D 211 27.70 -27.43 20.09
C THR D 211 28.24 -26.76 18.82
N SER D 212 27.39 -26.00 18.12
CA SER D 212 27.75 -25.27 16.92
C SER D 212 28.70 -24.12 17.29
N GLU D 213 28.36 -23.34 18.35
CA GLU D 213 29.10 -22.20 18.89
C GLU D 213 30.51 -22.63 19.28
N GLN D 214 30.67 -23.83 19.93
CA GLN D 214 31.98 -24.37 20.32
CA GLN D 214 32.00 -24.33 20.31
C GLN D 214 32.82 -24.63 19.05
N LEU D 215 32.19 -25.27 18.01
CA LEU D 215 32.88 -25.54 16.73
C LEU D 215 33.33 -24.24 16.05
N SER D 216 32.49 -23.18 16.09
CA SER D 216 32.84 -21.89 15.48
C SER D 216 34.01 -21.21 16.21
N ASN D 217 34.04 -21.35 17.55
CA ASN D 217 35.10 -20.84 18.41
C ASN D 217 36.41 -21.62 18.21
N GLN D 218 36.30 -22.94 17.90
CA GLN D 218 37.45 -23.82 17.70
C GLN D 218 38.14 -23.51 16.39
N LEU D 219 37.38 -22.95 15.42
CA LEU D 219 37.83 -22.57 14.08
C LEU D 219 38.30 -21.11 13.97
N LYS D 220 37.80 -20.22 14.85
CA LYS D 220 38.12 -18.77 14.90
C LYS D 220 39.64 -18.50 14.89
N PRO D 221 40.47 -19.12 15.77
CA PRO D 221 41.92 -18.85 15.70
C PRO D 221 42.63 -19.52 14.53
N LEU D 222 42.01 -20.55 13.93
CA LEU D 222 42.57 -21.34 12.82
C LEU D 222 42.51 -20.67 11.45
N PHE D 223 41.36 -20.07 11.11
CA PHE D 223 41.14 -19.41 9.82
C PHE D 223 40.29 -18.16 9.97
N ASN D 224 40.40 -17.24 8.99
CA ASN D 224 39.62 -16.01 8.92
C ASN D 224 38.28 -16.40 8.34
N GLU D 225 37.22 -15.65 8.64
CA GLU D 225 35.87 -15.91 8.15
C GLU D 225 35.85 -15.93 6.61
N ARG D 226 36.65 -15.07 5.97
CA ARG D 226 36.82 -14.95 4.53
C ARG D 226 37.23 -16.27 3.82
N GLN D 227 38.03 -17.11 4.49
CA GLN D 227 38.55 -18.37 3.93
C GLN D 227 37.64 -19.56 4.16
N VAL D 228 36.64 -19.43 5.02
CA VAL D 228 35.69 -20.52 5.31
C VAL D 228 34.46 -20.38 4.40
N PHE D 229 34.15 -21.48 3.70
CA PHE D 229 33.03 -21.65 2.77
C PHE D 229 32.15 -22.81 3.24
N ARG D 230 31.23 -22.49 4.17
CA ARG D 230 30.28 -23.45 4.73
C ARG D 230 29.21 -23.79 3.69
N ILE D 231 29.25 -25.03 3.21
CA ILE D 231 28.34 -25.48 2.18
C ILE D 231 26.98 -25.90 2.74
N ASP D 232 25.95 -25.38 2.07
CA ASP D 232 24.55 -25.75 2.14
C ASP D 232 24.18 -25.78 0.67
N HIS D 233 24.10 -27.01 0.07
CA HIS D 233 23.89 -27.21 -1.37
C HIS D 233 22.58 -26.64 -1.92
N TYR D 234 21.60 -26.29 -1.06
CA TYR D 234 20.37 -25.68 -1.54
C TYR D 234 20.62 -24.32 -2.18
N LEU D 235 21.65 -23.61 -1.71
CA LEU D 235 22.02 -22.28 -2.22
C LEU D 235 22.69 -22.34 -3.58
N GLY D 236 22.78 -23.54 -4.16
CA GLY D 236 23.35 -23.81 -5.47
C GLY D 236 22.32 -24.34 -6.47
N LYS D 237 21.05 -24.50 -6.04
CA LYS D 237 19.93 -24.99 -6.83
C LYS D 237 19.42 -23.85 -7.70
N GLU D 238 19.16 -24.10 -8.99
CA GLU D 238 18.75 -23.06 -9.93
C GLU D 238 17.55 -22.23 -9.41
N MET D 239 16.54 -22.87 -8.80
CA MET D 239 15.36 -22.14 -8.32
C MET D 239 15.60 -21.38 -7.03
N VAL D 240 16.52 -21.84 -6.18
CA VAL D 240 16.88 -21.13 -4.95
C VAL D 240 17.72 -19.87 -5.29
N GLN D 241 18.60 -19.99 -6.28
CA GLN D 241 19.43 -18.87 -6.77
C GLN D 241 18.59 -17.77 -7.47
N ASN D 242 17.37 -18.10 -7.94
CA ASN D 242 16.49 -17.15 -8.61
C ASN D 242 15.53 -16.41 -7.67
N ILE D 243 15.41 -16.83 -6.39
CA ILE D 243 14.57 -16.16 -5.39
C ILE D 243 14.85 -14.65 -5.33
N ILE D 244 16.11 -14.28 -5.13
CA ILE D 244 16.57 -12.90 -5.00
C ILE D 244 16.22 -12.06 -6.23
N VAL D 245 16.32 -12.62 -7.46
CA VAL D 245 15.96 -11.91 -8.70
C VAL D 245 14.45 -11.75 -8.80
N THR D 246 13.69 -12.87 -8.64
CA THR D 246 12.24 -12.87 -8.65
C THR D 246 11.66 -11.76 -7.81
N ARG D 247 12.17 -11.62 -6.57
CA ARG D 247 11.71 -10.72 -5.52
C ARG D 247 12.10 -9.25 -5.66
N PHE D 248 13.34 -8.95 -6.06
CA PHE D 248 13.84 -7.58 -6.05
C PHE D 248 14.18 -6.93 -7.42
N ALA D 249 13.96 -7.66 -8.55
CA ALA D 249 14.16 -7.10 -9.89
C ALA D 249 12.78 -6.82 -10.52
N ASN D 250 11.72 -7.23 -9.83
CA ASN D 250 10.36 -7.13 -10.33
C ASN D 250 9.42 -6.39 -9.38
N ARG D 251 8.71 -5.32 -9.89
CA ARG D 251 7.73 -4.60 -9.08
C ARG D 251 6.48 -5.44 -8.75
N VAL D 252 6.08 -6.38 -9.66
CA VAL D 252 4.93 -7.28 -9.49
C VAL D 252 5.06 -8.05 -8.18
N PHE D 253 6.23 -8.65 -7.91
CA PHE D 253 6.46 -9.40 -6.67
C PHE D 253 6.87 -8.52 -5.51
N SER D 254 7.62 -7.45 -5.77
CA SER D 254 8.05 -6.48 -4.75
C SER D 254 6.86 -5.88 -4.03
N ALA D 255 5.88 -5.31 -4.77
CA ALA D 255 4.68 -4.69 -4.19
C ALA D 255 3.79 -5.65 -3.35
N LEU D 256 3.78 -6.93 -3.76
CA LEU D 256 2.98 -7.98 -3.16
C LEU D 256 3.67 -8.73 -2.01
N TRP D 257 5.01 -8.56 -1.82
CA TRP D 257 5.79 -9.36 -0.87
C TRP D 257 5.78 -8.84 0.57
N ASN D 258 4.58 -8.88 1.22
CA ASN D 258 4.37 -8.45 2.61
C ASN D 258 2.98 -8.88 3.12
N SER D 259 2.74 -8.80 4.47
CA SER D 259 1.50 -9.17 5.16
C SER D 259 0.21 -8.61 4.57
N ASN D 260 0.24 -7.51 3.78
CA ASN D 260 -0.97 -6.92 3.22
C ASN D 260 -1.58 -7.77 2.15
N SER D 261 -0.73 -8.48 1.32
CA SER D 261 -1.13 -9.33 0.19
C SER D 261 -0.96 -10.82 0.44
N ILE D 262 0.09 -11.23 1.18
CA ILE D 262 0.36 -12.65 1.48
C ILE D 262 -0.41 -13.12 2.73
N ALA D 263 -1.10 -14.26 2.58
CA ALA D 263 -1.87 -14.94 3.63
C ALA D 263 -1.08 -16.07 4.26
N CYS D 264 -0.28 -16.81 3.47
CA CYS D 264 0.46 -17.98 3.95
C CYS D 264 1.67 -18.32 3.08
N VAL D 265 2.75 -18.77 3.70
CA VAL D 265 3.95 -19.19 2.99
C VAL D 265 4.28 -20.60 3.42
N GLN D 266 4.33 -21.53 2.45
CA GLN D 266 4.68 -22.94 2.67
C GLN D 266 5.99 -23.36 1.95
N ILE D 267 6.88 -24.05 2.69
CA ILE D 267 8.15 -24.60 2.17
C ILE D 267 8.08 -26.13 2.36
N THR D 268 8.16 -26.88 1.27
CA THR D 268 7.98 -28.33 1.25
C THR D 268 9.17 -29.09 0.73
N PHE D 269 9.52 -30.16 1.46
CA PHE D 269 10.52 -31.15 1.13
C PHE D 269 9.88 -32.54 1.32
N LYS D 270 9.85 -33.31 0.24
CA LYS D 270 9.30 -34.66 0.24
C LYS D 270 10.30 -35.59 -0.43
N GLU D 271 10.45 -36.80 0.11
CA GLU D 271 11.35 -37.80 -0.42
C GLU D 271 10.65 -39.15 -0.41
N LYS D 272 10.77 -39.94 -1.52
CA LYS D 272 10.18 -41.28 -1.59
C LYS D 272 11.05 -42.24 -0.80
N ILE D 273 12.37 -41.98 -0.81
CA ILE D 273 13.39 -42.78 -0.12
C ILE D 273 13.31 -42.63 1.41
N GLY D 274 13.66 -43.70 2.10
CA GLY D 274 13.69 -43.74 3.55
C GLY D 274 15.07 -43.43 4.09
N THR D 275 15.38 -44.04 5.25
CA THR D 275 16.65 -43.94 5.96
C THR D 275 16.98 -45.38 6.37
N GLU D 276 17.39 -46.16 5.35
CA GLU D 276 17.70 -47.59 5.43
C GLU D 276 19.15 -47.85 5.03
N GLY D 277 19.68 -48.96 5.51
CA GLY D 277 21.08 -49.36 5.32
C GLY D 277 21.89 -48.55 6.31
N ARG D 278 22.01 -47.24 6.03
CA ARG D 278 22.67 -46.26 6.88
C ARG D 278 21.60 -45.37 7.52
N GLY D 279 20.92 -45.93 8.53
CA GLY D 279 19.85 -45.29 9.28
C GLY D 279 20.21 -44.90 10.71
N GLY D 280 21.31 -45.48 11.21
CA GLY D 280 21.87 -45.21 12.53
C GLY D 280 22.53 -43.85 12.54
N TYR D 281 23.01 -43.42 11.35
CA TYR D 281 23.63 -42.12 11.10
C TYR D 281 22.57 -41.02 11.25
N PHE D 282 21.34 -41.30 10.76
CA PHE D 282 20.18 -40.42 10.80
C PHE D 282 19.56 -40.32 12.19
N ASP D 283 19.48 -41.44 12.96
CA ASP D 283 18.90 -41.49 14.32
C ASP D 283 19.41 -40.40 15.26
N SER D 284 20.70 -40.05 15.11
CA SER D 284 21.44 -39.04 15.85
C SER D 284 21.11 -37.62 15.35
N ILE D 285 20.56 -37.50 14.15
CA ILE D 285 20.28 -36.23 13.50
C ILE D 285 18.79 -35.85 13.55
N GLY D 286 17.93 -36.64 12.89
CA GLY D 286 16.50 -36.36 12.79
C GLY D 286 16.19 -35.51 11.58
N ILE D 287 14.89 -35.36 11.22
CA ILE D 287 14.53 -34.58 10.03
C ILE D 287 14.77 -33.07 10.19
N ILE D 288 14.63 -32.52 11.42
CA ILE D 288 14.83 -31.08 11.68
C ILE D 288 16.31 -30.70 11.51
N ARG D 289 17.21 -31.43 12.18
CA ARG D 289 18.65 -31.18 12.07
C ARG D 289 19.21 -31.42 10.66
N ASP D 290 18.64 -32.38 9.91
CA ASP D 290 19.05 -32.81 8.57
C ASP D 290 18.63 -31.88 7.43
N VAL D 291 17.33 -31.50 7.41
CA VAL D 291 16.74 -30.73 6.32
C VAL D 291 16.24 -29.36 6.72
N ILE D 292 15.43 -29.26 7.79
CA ILE D 292 14.76 -28.04 8.21
C ILE D 292 15.72 -26.94 8.70
N GLN D 293 16.63 -27.23 9.66
CA GLN D 293 17.57 -26.24 10.23
C GLN D 293 18.46 -25.55 9.19
N ASN D 294 18.92 -26.32 8.20
CA ASN D 294 19.87 -25.83 7.21
C ASN D 294 19.20 -25.43 5.90
N HIS D 295 18.84 -26.43 5.08
CA HIS D 295 18.27 -26.26 3.76
C HIS D 295 17.05 -25.38 3.69
N LEU D 296 15.95 -25.72 4.40
CA LEU D 296 14.70 -24.99 4.32
C LEU D 296 14.71 -23.65 5.06
N THR D 297 15.65 -23.47 6.00
CA THR D 297 15.82 -22.18 6.68
C THR D 297 16.54 -21.21 5.73
N GLN D 298 17.42 -21.73 4.80
CA GLN D 298 18.09 -20.91 3.78
C GLN D 298 17.03 -20.32 2.84
N ILE D 299 16.08 -21.18 2.40
CA ILE D 299 14.94 -20.79 1.55
C ILE D 299 14.10 -19.78 2.35
N LEU D 300 13.87 -20.05 3.64
CA LEU D 300 13.11 -19.13 4.48
C LEU D 300 13.78 -17.77 4.55
N SER D 301 15.13 -17.70 4.69
CA SER D 301 15.88 -16.43 4.79
C SER D 301 15.80 -15.63 3.50
N LEU D 302 15.83 -16.31 2.33
CA LEU D 302 15.78 -15.64 1.05
C LEU D 302 14.41 -15.12 0.69
N LEU D 303 13.37 -15.81 1.16
CA LEU D 303 11.96 -15.47 0.95
C LEU D 303 11.49 -14.33 1.87
N THR D 304 12.10 -14.17 3.06
CA THR D 304 11.69 -13.21 4.10
C THR D 304 12.58 -11.96 4.31
N MET D 305 13.84 -12.01 3.82
CA MET D 305 14.80 -10.91 3.96
C MET D 305 14.30 -9.62 3.31
N GLU D 306 14.88 -8.48 3.73
CA GLU D 306 14.59 -7.16 3.21
C GLU D 306 15.39 -7.00 1.95
N LYS D 307 15.17 -5.93 1.21
CA LYS D 307 15.94 -5.71 -0.01
C LYS D 307 17.38 -5.34 0.36
N PRO D 308 18.37 -6.05 -0.25
CA PRO D 308 19.77 -5.76 0.09
C PRO D 308 20.25 -4.38 -0.39
N ARG D 309 21.23 -3.79 0.34
CA ARG D 309 21.82 -2.48 0.03
C ARG D 309 22.50 -2.47 -1.33
N SER D 310 22.97 -3.66 -1.78
CA SER D 310 23.62 -3.97 -3.07
C SER D 310 23.62 -5.49 -3.30
N LEU D 311 24.14 -5.95 -4.43
CA LEU D 311 24.19 -7.39 -4.69
C LEU D 311 25.54 -8.03 -4.22
N SER D 312 26.29 -7.33 -3.34
CA SER D 312 27.51 -7.83 -2.75
C SER D 312 27.21 -8.99 -1.77
N ALA D 313 28.17 -9.88 -1.50
CA ALA D 313 28.00 -11.03 -0.61
C ALA D 313 27.59 -10.59 0.77
N GLU D 314 28.38 -9.69 1.39
CA GLU D 314 28.18 -9.10 2.70
C GLU D 314 26.80 -8.47 2.83
N ASP D 315 26.38 -7.64 1.83
CA ASP D 315 25.06 -6.98 1.79
C ASP D 315 23.89 -7.97 1.73
N ILE D 316 24.06 -9.10 1.03
CA ILE D 316 23.03 -10.12 0.94
C ILE D 316 22.96 -10.93 2.23
N ARG D 317 24.11 -11.43 2.71
CA ARG D 317 24.18 -12.22 3.95
C ARG D 317 23.78 -11.43 5.22
N ASP D 318 23.95 -10.08 5.21
CA ASP D 318 23.54 -9.22 6.31
C ASP D 318 22.03 -9.20 6.41
N GLU D 319 21.32 -9.28 5.27
CA GLU D 319 19.85 -9.30 5.29
C GLU D 319 19.34 -10.68 5.72
N LYS D 320 20.06 -11.75 5.35
CA LYS D 320 19.74 -13.12 5.73
C LYS D 320 19.84 -13.28 7.24
N VAL D 321 20.94 -12.82 7.87
CA VAL D 321 21.14 -12.88 9.32
C VAL D 321 20.06 -12.05 10.01
N GLN D 322 19.80 -10.85 9.51
CA GLN D 322 18.84 -9.90 10.05
C GLN D 322 17.44 -10.50 10.23
N VAL D 323 16.90 -11.18 9.19
CA VAL D 323 15.58 -11.78 9.27
C VAL D 323 15.60 -12.99 10.19
N LEU D 324 16.62 -13.87 10.07
CA LEU D 324 16.74 -15.06 10.93
C LEU D 324 16.78 -14.68 12.41
N ARG D 325 17.30 -13.48 12.71
CA ARG D 325 17.39 -13.00 14.08
C ARG D 325 16.05 -12.53 14.63
N GLN D 326 15.01 -12.52 13.77
CA GLN D 326 13.65 -12.07 14.06
C GLN D 326 12.63 -13.20 13.94
N VAL D 327 13.09 -14.43 13.71
CA VAL D 327 12.19 -15.58 13.63
C VAL D 327 12.00 -16.04 15.07
N VAL D 328 10.74 -16.12 15.53
CA VAL D 328 10.49 -16.56 16.90
C VAL D 328 10.88 -18.07 16.98
N PRO D 329 11.60 -18.52 18.03
CA PRO D 329 11.97 -19.94 18.09
C PRO D 329 10.77 -20.86 17.99
N ALA D 330 10.84 -21.84 17.09
CA ALA D 330 9.79 -22.85 16.91
C ALA D 330 9.39 -23.45 18.28
N ASN D 331 8.09 -23.49 18.52
CA ASN D 331 7.51 -23.97 19.76
C ASN D 331 6.90 -25.37 19.60
N PRO D 332 7.14 -26.28 20.58
CA PRO D 332 6.64 -27.66 20.49
C PRO D 332 5.14 -27.86 20.23
N ALA D 333 4.32 -26.90 20.69
CA ALA D 333 2.88 -26.92 20.53
C ALA D 333 2.50 -26.67 19.08
N GLU D 334 3.29 -25.84 18.36
CA GLU D 334 3.10 -25.49 16.95
C GLU D 334 3.97 -26.36 16.00
N CYS D 335 3.77 -27.68 16.05
CA CYS D 335 4.48 -28.65 15.21
C CYS D 335 3.84 -30.05 15.24
N VAL D 336 4.12 -30.88 14.20
CA VAL D 336 3.67 -32.27 14.05
C VAL D 336 4.88 -33.09 13.61
N LEU D 337 5.12 -34.25 14.27
CA LEU D 337 6.25 -35.14 13.97
C LEU D 337 5.78 -36.53 13.58
N GLY D 338 6.54 -37.16 12.70
CA GLY D 338 6.27 -38.51 12.23
C GLY D 338 7.51 -39.37 12.14
N GLN D 339 7.32 -40.70 12.16
CA GLN D 339 8.36 -41.73 12.01
C GLN D 339 7.71 -42.84 11.18
N TYR D 340 8.30 -43.13 9.99
CA TYR D 340 7.71 -44.11 9.08
C TYR D 340 7.78 -45.55 9.56
N THR D 341 6.67 -46.25 9.33
CA THR D 341 6.46 -47.67 9.57
C THR D 341 6.58 -48.36 8.21
N ALA D 342 6.38 -49.69 8.15
CA ALA D 342 6.49 -50.43 6.88
C ALA D 342 5.37 -50.03 5.90
N SER D 343 5.70 -50.06 4.58
CA SER D 343 4.76 -49.72 3.49
C SER D 343 3.63 -50.74 3.42
N ALA D 344 2.42 -50.29 3.02
CA ALA D 344 1.18 -51.08 2.87
C ALA D 344 1.38 -52.51 2.38
N ASP D 345 2.31 -52.72 1.43
CA ASP D 345 2.61 -54.02 0.84
C ASP D 345 3.78 -54.77 1.50
N GLY D 346 4.84 -54.04 1.87
CA GLY D 346 6.03 -54.61 2.50
C GLY D 346 7.35 -54.28 1.81
N SER D 347 7.29 -53.65 0.61
CA SER D 347 8.45 -53.22 -0.19
C SER D 347 9.46 -52.45 0.65
N THR D 348 9.03 -51.30 1.23
CA THR D 348 9.86 -50.45 2.08
C THR D 348 9.67 -50.85 3.56
N PRO D 349 10.73 -51.34 4.25
CA PRO D 349 10.55 -51.70 5.67
C PRO D 349 10.42 -50.48 6.59
N GLY D 350 9.93 -50.71 7.81
CA GLY D 350 9.76 -49.67 8.82
C GLY D 350 11.08 -49.05 9.23
N TYR D 351 11.04 -47.82 9.77
CA TYR D 351 12.26 -47.12 10.22
C TYR D 351 13.01 -47.92 11.30
N LEU D 352 12.25 -48.52 12.23
CA LEU D 352 12.79 -49.29 13.34
C LEU D 352 13.28 -50.71 12.94
N ASP D 353 12.94 -51.18 11.71
CA ASP D 353 13.37 -52.48 11.18
C ASP D 353 14.87 -52.48 10.85
N ASP D 354 15.48 -51.28 10.70
CA ASP D 354 16.90 -51.07 10.43
C ASP D 354 17.72 -51.47 11.68
N PRO D 355 18.72 -52.39 11.56
CA PRO D 355 19.51 -52.79 12.75
C PRO D 355 20.40 -51.70 13.36
N SER D 356 20.77 -50.68 12.55
CA SER D 356 21.61 -49.53 12.93
C SER D 356 20.80 -48.61 13.86
N VAL D 357 19.47 -48.62 13.71
CA VAL D 357 18.50 -47.84 14.49
C VAL D 357 18.30 -48.49 15.89
N PRO D 358 18.56 -47.75 17.00
CA PRO D 358 18.34 -48.32 18.34
C PRO D 358 16.89 -48.70 18.62
N LYS D 359 16.69 -49.68 19.51
CA LYS D 359 15.38 -50.17 19.92
C LYS D 359 14.55 -49.09 20.61
N GLY D 360 13.30 -48.90 20.14
CA GLY D 360 12.35 -47.93 20.68
C GLY D 360 12.72 -46.48 20.46
N SER D 361 13.41 -46.18 19.33
CA SER D 361 13.82 -44.82 18.97
C SER D 361 12.64 -43.94 18.59
N HIS D 362 12.58 -42.73 19.15
CA HIS D 362 11.51 -41.78 18.83
C HIS D 362 12.03 -40.64 17.89
N CYS D 363 12.96 -41.00 16.98
CA CYS D 363 13.56 -40.08 16.01
C CYS D 363 12.54 -39.70 14.91
N PRO D 364 12.29 -38.40 14.68
CA PRO D 364 11.34 -38.04 13.63
C PRO D 364 11.92 -38.05 12.21
N THR D 365 11.26 -38.80 11.30
CA THR D 365 11.62 -38.88 9.88
C THR D 365 10.75 -37.89 9.11
N PHE D 366 9.82 -37.23 9.81
CA PHE D 366 8.85 -36.24 9.30
C PHE D 366 8.60 -35.11 10.30
N ALA D 367 8.44 -33.89 9.79
CA ALA D 367 8.11 -32.71 10.62
C ALA D 367 7.46 -31.61 9.81
N VAL D 368 6.41 -31.04 10.38
CA VAL D 368 5.72 -29.85 9.88
C VAL D 368 5.73 -28.85 11.06
N LEU D 369 6.20 -27.61 10.80
CA LEU D 369 6.28 -26.54 11.78
C LEU D 369 5.58 -25.28 11.28
N ARG D 370 5.02 -24.49 12.21
CA ARG D 370 4.44 -23.17 11.95
C ARG D 370 5.47 -22.22 12.55
N LEU D 371 6.03 -21.31 11.73
CA LEU D 371 7.02 -20.32 12.17
C LEU D 371 6.47 -18.88 12.02
N HIS D 372 6.83 -17.98 12.94
CA HIS D 372 6.44 -16.57 12.90
C HIS D 372 7.70 -15.68 12.81
N VAL D 373 7.70 -14.73 11.88
CA VAL D 373 8.78 -13.75 11.68
C VAL D 373 8.30 -12.42 12.32
N ASN D 374 8.91 -12.03 13.45
CA ASN D 374 8.45 -10.89 14.20
C ASN D 374 8.97 -9.53 13.65
N ASN D 375 8.48 -9.13 12.47
CA ASN D 375 8.82 -7.83 11.96
C ASN D 375 7.62 -7.24 11.23
N ASP D 376 7.66 -5.94 10.88
CA ASP D 376 6.55 -5.22 10.26
C ASP D 376 6.16 -5.73 8.85
N ARG D 377 7.04 -6.44 8.10
CA ARG D 377 6.69 -7.01 6.77
C ARG D 377 5.90 -8.32 6.94
N TRP D 378 6.27 -9.11 7.95
CA TRP D 378 5.76 -10.45 8.15
C TRP D 378 4.91 -10.66 9.36
N HIS D 379 4.44 -9.58 10.00
CA HIS D 379 3.59 -9.72 11.18
C HIS D 379 2.25 -10.37 10.87
N GLY D 380 2.02 -11.53 11.48
CA GLY D 380 0.80 -12.30 11.29
C GLY D 380 0.84 -13.29 10.14
N VAL D 381 1.82 -13.20 9.22
CA VAL D 381 1.96 -14.18 8.11
C VAL D 381 2.51 -15.52 8.63
N PRO D 382 1.72 -16.64 8.51
CA PRO D 382 2.21 -17.95 8.98
C PRO D 382 3.17 -18.58 7.99
N PHE D 383 4.25 -19.18 8.51
CA PHE D 383 5.26 -19.88 7.69
C PHE D 383 5.18 -21.34 7.99
N ILE D 384 4.85 -22.17 7.00
CA ILE D 384 4.68 -23.61 7.17
C ILE D 384 5.85 -24.33 6.55
N ILE D 385 6.66 -24.98 7.39
CA ILE D 385 7.86 -25.70 6.93
C ILE D 385 7.65 -27.21 7.07
N ARG D 386 7.72 -27.92 5.93
CA ARG D 386 7.50 -29.36 5.84
C ARG D 386 8.69 -30.11 5.28
N ALA D 387 9.07 -31.20 5.96
CA ALA D 387 10.15 -32.09 5.55
C ALA D 387 9.89 -33.48 6.07
N GLY D 388 9.94 -34.45 5.16
CA GLY D 388 9.71 -35.86 5.46
C GLY D 388 10.34 -36.83 4.50
N LYS D 389 10.67 -38.02 5.01
CA LYS D 389 11.24 -39.14 4.25
C LYS D 389 10.18 -40.23 4.15
N ALA D 390 10.32 -41.12 3.14
CA ALA D 390 9.37 -42.21 2.83
C ALA D 390 7.93 -41.67 2.65
N LEU D 391 7.79 -40.68 1.74
CA LEU D 391 6.53 -40.04 1.37
C LEU D 391 6.05 -40.48 -0.02
N GLU D 392 4.87 -39.99 -0.44
CA GLU D 392 4.22 -40.32 -1.71
C GLU D 392 4.99 -39.86 -2.95
N GLU D 393 5.80 -38.78 -2.84
CA GLU D 393 6.53 -38.24 -3.99
C GLU D 393 7.81 -37.52 -3.60
N ARG D 394 8.65 -37.25 -4.60
CA ARG D 394 9.86 -36.45 -4.44
C ARG D 394 9.38 -35.02 -4.78
N LEU D 395 9.56 -34.09 -3.84
CA LEU D 395 9.16 -32.70 -4.02
C LEU D 395 10.03 -31.73 -3.23
N LEU D 396 10.28 -30.56 -3.87
CA LEU D 396 10.94 -29.38 -3.32
C LEU D 396 10.29 -28.18 -3.93
N ASP D 397 9.37 -27.52 -3.19
CA ASP D 397 8.70 -26.34 -3.71
C ASP D 397 8.42 -25.32 -2.64
N ILE D 398 8.14 -24.09 -3.08
CA ILE D 398 7.83 -22.92 -2.28
C ILE D 398 6.45 -22.49 -2.75
N ARG D 399 5.54 -22.21 -1.81
CA ARG D 399 4.17 -21.78 -2.12
C ARG D 399 3.82 -20.47 -1.42
N ILE D 400 3.68 -19.39 -2.21
CA ILE D 400 3.37 -18.05 -1.70
C ILE D 400 1.89 -17.88 -1.94
N GLN D 401 1.05 -18.15 -0.93
CA GLN D 401 -0.40 -18.03 -1.07
C GLN D 401 -0.96 -16.65 -0.60
N PHE D 402 -1.53 -15.89 -1.57
CA PHE D 402 -2.04 -14.54 -1.38
C PHE D 402 -3.45 -14.53 -0.73
N LYS D 403 -3.86 -13.40 -0.15
CA LYS D 403 -5.15 -13.29 0.48
C LYS D 403 -6.25 -13.47 -0.55
N ASP D 404 -7.42 -13.92 -0.11
N ASP D 404 -7.47 -13.87 -0.09
CA ASP D 404 -8.56 -14.05 -0.99
CA ASP D 404 -8.68 -14.11 -0.89
C ASP D 404 -9.03 -12.64 -1.32
C ASP D 404 -9.48 -12.84 -1.15
N GLU D 405 -9.72 -12.50 -2.45
CA GLU D 405 -10.44 -11.30 -2.88
C GLU D 405 -11.89 -11.66 -2.65
N ILE D 406 -12.38 -11.26 -1.46
CA ILE D 406 -13.72 -11.54 -0.94
C ILE D 406 -14.84 -11.21 -1.91
N ARG D 407 -14.83 -9.97 -2.43
CA ARG D 407 -15.89 -9.48 -3.29
C ARG D 407 -15.29 -8.98 -4.58
N PRO D 408 -16.03 -9.06 -5.72
CA PRO D 408 -17.43 -9.52 -5.91
C PRO D 408 -17.61 -10.99 -6.26
N PHE D 409 -16.53 -11.80 -6.23
CA PHE D 409 -16.61 -13.18 -6.67
C PHE D 409 -16.87 -14.22 -5.56
N GLY D 410 -16.50 -13.93 -4.32
CA GLY D 410 -16.70 -14.83 -3.18
C GLY D 410 -16.26 -16.26 -3.45
N GLU D 411 -17.23 -17.21 -3.44
CA GLU D 411 -17.01 -18.63 -3.70
C GLU D 411 -16.58 -18.92 -5.15
N SER D 412 -16.83 -17.99 -6.09
CA SER D 412 -16.42 -18.12 -7.50
C SER D 412 -14.92 -17.86 -7.66
N THR D 413 -14.19 -17.63 -6.55
CA THR D 413 -12.76 -17.42 -6.60
C THR D 413 -12.08 -18.09 -5.41
N GLN D 414 -10.76 -18.17 -5.45
CA GLN D 414 -9.93 -18.77 -4.43
C GLN D 414 -8.54 -18.12 -4.48
N ARG D 415 -7.87 -18.08 -3.33
CA ARG D 415 -6.53 -17.49 -3.14
C ARG D 415 -5.59 -17.70 -4.32
N ASN D 416 -4.97 -16.62 -4.80
CA ASN D 416 -3.93 -16.74 -5.82
C ASN D 416 -2.72 -17.37 -5.10
N GLU D 417 -1.82 -17.97 -5.82
CA GLU D 417 -0.68 -18.56 -5.17
C GLU D 417 0.43 -18.49 -6.14
N LEU D 418 1.62 -18.15 -5.71
CA LEU D 418 2.85 -18.20 -6.52
C LEU D 418 3.59 -19.47 -6.10
N VAL D 419 3.75 -20.38 -7.03
CA VAL D 419 4.44 -21.65 -6.78
C VAL D 419 5.78 -21.67 -7.50
N ILE D 420 6.87 -21.88 -6.72
CA ILE D 420 8.23 -22.03 -7.27
C ILE D 420 8.64 -23.46 -6.94
N ARG D 421 8.66 -24.36 -7.94
CA ARG D 421 9.05 -25.76 -7.74
C ARG D 421 10.48 -25.97 -8.21
N ALA D 422 11.35 -26.22 -7.23
CA ALA D 422 12.80 -26.36 -7.40
C ALA D 422 13.25 -27.72 -7.96
N GLN D 423 12.38 -28.75 -7.86
CA GLN D 423 12.55 -30.14 -8.33
C GLN D 423 11.27 -30.94 -8.02
N PRO D 424 10.88 -31.99 -8.76
CA PRO D 424 11.57 -32.70 -9.87
C PRO D 424 11.82 -31.92 -11.17
N SER D 425 10.82 -31.18 -11.69
CA SER D 425 10.99 -30.42 -12.93
C SER D 425 10.93 -28.98 -12.53
N GLU D 426 11.93 -28.20 -12.92
CA GLU D 426 12.05 -26.78 -12.56
C GLU D 426 10.99 -25.92 -13.23
N ALA D 427 10.03 -25.41 -12.45
CA ALA D 427 8.95 -24.54 -12.93
C ALA D 427 8.58 -23.48 -11.91
N MET D 428 8.10 -22.35 -12.41
CA MET D 428 7.56 -21.24 -11.65
C MET D 428 6.24 -20.93 -12.28
N TYR D 429 5.17 -20.92 -11.47
CA TYR D 429 3.84 -20.66 -11.95
C TYR D 429 2.98 -19.91 -10.94
N LEU D 430 2.16 -19.01 -11.48
CA LEU D 430 1.22 -18.20 -10.75
C LEU D 430 -0.17 -18.77 -10.99
N LYS D 431 -0.82 -19.13 -9.91
CA LYS D 431 -2.17 -19.69 -9.93
C LYS D 431 -3.14 -18.54 -9.79
N LEU D 432 -4.09 -18.44 -10.73
CA LEU D 432 -5.08 -17.35 -10.75
C LEU D 432 -6.49 -17.84 -11.10
N THR D 433 -7.46 -16.93 -11.02
CA THR D 433 -8.84 -17.20 -11.41
C THR D 433 -9.11 -16.42 -12.68
N ALA D 434 -9.75 -17.08 -13.64
CA ALA D 434 -10.10 -16.51 -14.93
C ALA D 434 -11.46 -17.05 -15.35
N LYS D 435 -12.12 -16.34 -16.29
CA LYS D 435 -13.40 -16.75 -16.85
C LYS D 435 -13.21 -18.08 -17.62
N THR D 436 -14.19 -19.01 -17.46
CA THR D 436 -14.19 -20.28 -18.15
C THR D 436 -14.28 -19.97 -19.64
N PRO D 437 -13.30 -20.43 -20.45
CA PRO D 437 -13.36 -20.17 -21.90
C PRO D 437 -14.61 -20.73 -22.56
N GLY D 438 -15.21 -19.93 -23.44
CA GLY D 438 -16.41 -20.31 -24.17
C GLY D 438 -17.59 -19.41 -23.94
N LEU D 439 -18.81 -19.96 -24.15
CA LEU D 439 -20.10 -19.29 -23.99
C LEU D 439 -20.67 -19.45 -22.58
N LEU D 440 -19.93 -20.16 -21.74
CA LEU D 440 -20.31 -20.40 -20.36
C LEU D 440 -19.68 -19.31 -19.46
N ASN D 441 -20.53 -18.48 -18.81
CA ASN D 441 -20.13 -17.38 -17.93
C ASN D 441 -19.98 -17.82 -16.44
N ASP D 442 -18.82 -18.39 -16.15
CA ASP D 442 -18.43 -18.96 -14.86
C ASP D 442 -16.91 -18.70 -14.69
N THR D 443 -16.32 -19.13 -13.57
CA THR D 443 -14.88 -18.94 -13.36
C THR D 443 -14.20 -20.32 -13.23
N HIS D 444 -12.88 -20.37 -13.39
CA HIS D 444 -12.08 -21.58 -13.24
C HIS D 444 -10.69 -21.21 -12.78
N GLN D 445 -9.92 -22.16 -12.24
CA GLN D 445 -8.56 -21.85 -11.82
C GLN D 445 -7.58 -22.13 -12.95
N THR D 446 -6.71 -21.17 -13.23
CA THR D 446 -5.70 -21.28 -14.28
C THR D 446 -4.30 -20.96 -13.72
N GLU D 447 -3.28 -21.01 -14.58
CA GLU D 447 -1.86 -20.79 -14.25
C GLU D 447 -1.17 -19.98 -15.35
N LEU D 448 -0.27 -19.07 -14.95
CA LEU D 448 0.61 -18.34 -15.87
C LEU D 448 1.93 -19.05 -15.55
N ASP D 449 2.29 -20.01 -16.39
CA ASP D 449 3.41 -20.90 -16.17
C ASP D 449 4.69 -20.49 -16.91
N LEU D 450 5.83 -20.92 -16.36
CA LEU D 450 7.18 -20.86 -16.90
C LEU D 450 7.83 -22.20 -16.53
N THR D 451 7.97 -23.12 -17.50
CA THR D 451 8.62 -24.43 -17.26
C THR D 451 9.99 -24.42 -17.96
N TYR D 452 11.07 -24.51 -17.16
CA TYR D 452 12.47 -24.42 -17.61
C TYR D 452 12.87 -25.48 -18.63
N GLU D 453 12.31 -26.71 -18.59
CA GLU D 453 12.62 -27.79 -19.57
C GLU D 453 12.02 -27.50 -20.94
N ARG D 454 10.85 -26.80 -20.94
CA ARG D 454 10.08 -26.40 -22.11
C ARG D 454 10.63 -25.11 -22.73
N ARG D 455 11.03 -24.14 -21.89
CA ARG D 455 11.49 -22.80 -22.24
C ARG D 455 12.96 -22.68 -22.66
N TYR D 456 13.86 -23.51 -22.07
CA TYR D 456 15.32 -23.46 -22.30
C TYR D 456 15.94 -24.78 -22.72
N ASP D 457 16.99 -24.70 -23.56
CA ASP D 457 17.76 -25.83 -24.13
C ASP D 457 18.93 -26.27 -23.21
N VAL D 458 19.30 -25.41 -22.24
CA VAL D 458 20.40 -25.55 -21.31
C VAL D 458 20.27 -26.76 -20.34
N THR D 459 21.31 -27.62 -20.33
CA THR D 459 21.44 -28.75 -19.42
C THR D 459 22.02 -28.18 -18.14
N LEU D 460 21.14 -27.75 -17.22
CA LEU D 460 21.41 -27.13 -15.91
C LEU D 460 22.54 -27.83 -15.07
N PRO D 461 23.35 -27.04 -14.29
CA PRO D 461 24.42 -27.67 -13.52
C PRO D 461 23.91 -28.13 -12.17
N ASP D 462 24.63 -29.10 -11.58
CA ASP D 462 24.35 -29.66 -10.28
C ASP D 462 24.65 -28.54 -9.27
N ALA D 463 24.02 -28.57 -8.09
CA ALA D 463 24.26 -27.56 -7.05
C ALA D 463 25.75 -27.45 -6.71
N TYR D 464 26.48 -28.56 -6.73
CA TYR D 464 27.89 -28.56 -6.37
C TYR D 464 28.79 -27.94 -7.44
N GLU D 465 28.38 -27.90 -8.71
CA GLU D 465 29.14 -27.24 -9.77
C GLU D 465 29.22 -25.74 -9.50
N SER D 466 28.04 -25.11 -9.28
CA SER D 466 27.87 -23.69 -8.94
C SER D 466 28.73 -23.32 -7.72
N LEU D 467 28.41 -23.95 -6.57
CA LEU D 467 29.07 -23.71 -5.30
C LEU D 467 30.57 -23.82 -5.36
N ILE D 468 31.12 -24.90 -5.98
CA ILE D 468 32.57 -25.09 -6.10
C ILE D 468 33.16 -23.95 -6.93
N HIS D 469 32.46 -23.56 -8.02
CA HIS D 469 32.86 -22.49 -8.93
C HIS D 469 32.92 -21.17 -8.18
N GLU D 470 31.82 -20.80 -7.51
CA GLU D 470 31.74 -19.59 -6.68
C GLU D 470 32.90 -19.50 -5.64
N ALA D 471 33.29 -20.65 -5.04
CA ALA D 471 34.39 -20.74 -4.08
C ALA D 471 35.73 -20.45 -4.75
N LEU D 472 35.90 -20.86 -6.03
CA LEU D 472 37.11 -20.61 -6.80
C LEU D 472 37.14 -19.11 -7.21
N LEU D 473 35.94 -18.54 -7.54
CA LEU D 473 35.72 -17.12 -7.88
C LEU D 473 35.66 -16.22 -6.63
N GLY D 474 35.88 -16.79 -5.43
CA GLY D 474 35.86 -16.10 -4.14
C GLY D 474 34.58 -15.39 -3.74
N ASN D 475 33.45 -15.87 -4.24
CA ASN D 475 32.13 -15.34 -4.00
C ASN D 475 31.44 -16.07 -2.82
N SER D 476 31.29 -15.37 -1.66
CA SER D 476 30.76 -15.94 -0.41
C SER D 476 29.25 -15.87 -0.22
N THR D 477 28.50 -15.25 -1.15
CA THR D 477 27.05 -15.02 -0.96
C THR D 477 26.23 -16.31 -0.75
N ASN D 478 26.57 -17.42 -1.39
CA ASN D 478 25.81 -18.66 -1.26
C ASN D 478 26.49 -19.65 -0.35
N PHE D 479 27.08 -19.13 0.74
CA PHE D 479 27.79 -19.89 1.77
C PHE D 479 27.37 -19.38 3.17
N VAL D 480 27.01 -20.29 4.06
CA VAL D 480 26.57 -19.99 5.42
C VAL D 480 27.68 -19.22 6.21
N ARG D 481 27.36 -18.00 6.68
CA ARG D 481 28.26 -17.15 7.47
C ARG D 481 28.14 -17.58 8.95
N VAL D 482 29.23 -17.38 9.73
CA VAL D 482 29.29 -17.80 11.14
C VAL D 482 28.04 -17.38 11.96
N ASP D 483 27.58 -16.13 11.78
CA ASP D 483 26.44 -15.57 12.49
C ASP D 483 25.11 -16.06 11.93
N GLU D 484 25.06 -16.33 10.61
CA GLU D 484 23.91 -16.84 9.86
C GLU D 484 23.57 -18.26 10.35
N LEU D 485 24.60 -18.97 10.78
CA LEU D 485 24.54 -20.33 11.29
C LEU D 485 23.96 -20.26 12.70
N ASP D 486 24.43 -19.30 13.52
CA ASP D 486 23.97 -19.17 14.91
C ASP D 486 22.50 -18.86 14.95
N ALA D 487 22.10 -17.88 14.13
CA ALA D 487 20.74 -17.43 13.97
C ALA D 487 19.80 -18.58 13.60
N ALA D 488 20.28 -19.57 12.79
CA ALA D 488 19.49 -20.72 12.37
C ALA D 488 19.24 -21.69 13.50
N TRP D 489 20.27 -22.03 14.26
CA TRP D 489 20.19 -22.96 15.39
C TRP D 489 19.31 -22.45 16.51
N ARG D 490 19.22 -21.11 16.67
CA ARG D 490 18.44 -20.45 17.71
C ARG D 490 16.93 -20.60 17.54
N ILE D 491 16.49 -20.84 16.30
CA ILE D 491 15.10 -21.06 15.92
C ILE D 491 14.65 -22.47 16.33
N TYR D 492 15.54 -23.48 16.15
CA TYR D 492 15.20 -24.89 16.34
C TYR D 492 15.67 -25.55 17.65
N THR D 493 16.73 -25.03 18.33
CA THR D 493 17.28 -25.64 19.55
C THR D 493 16.22 -25.80 20.67
N PRO D 494 15.43 -24.80 21.11
CA PRO D 494 14.40 -25.10 22.14
C PRO D 494 13.51 -26.32 21.77
N LEU D 495 13.02 -26.38 20.49
CA LEU D 495 12.25 -27.50 19.94
C LEU D 495 13.02 -28.82 19.93
N LEU D 496 14.27 -28.83 19.39
CA LEU D 496 15.11 -30.05 19.32
C LEU D 496 15.36 -30.72 20.68
N HIS D 497 15.56 -29.88 21.71
CA HIS D 497 15.79 -30.27 23.09
C HIS D 497 14.52 -30.85 23.71
N ALA D 498 13.32 -30.25 23.42
CA ALA D 498 12.03 -30.73 23.89
C ALA D 498 11.84 -32.13 23.31
N ILE D 499 12.05 -32.27 21.98
CA ILE D 499 11.96 -33.56 21.26
C ILE D 499 12.85 -34.60 21.93
N ASP D 500 14.14 -34.28 22.16
CA ASP D 500 15.15 -35.16 22.78
C ASP D 500 14.81 -35.55 24.22
N ARG D 501 14.02 -34.72 24.92
CA ARG D 501 13.57 -34.97 26.30
C ARG D 501 12.28 -35.82 26.30
N GLY D 502 11.75 -36.11 25.12
CA GLY D 502 10.54 -36.91 24.96
C GLY D 502 9.30 -36.13 25.29
N GLU D 503 9.30 -34.82 24.99
CA GLU D 503 8.18 -33.91 25.27
C GLU D 503 7.21 -33.74 24.10
N VAL D 504 7.65 -34.03 22.87
CA VAL D 504 6.84 -33.90 21.65
C VAL D 504 6.51 -35.28 21.07
N LYS D 505 5.21 -35.55 20.78
CA LYS D 505 4.75 -36.87 20.27
C LYS D 505 5.14 -37.06 18.80
N VAL D 506 5.68 -38.25 18.49
CA VAL D 506 6.14 -38.67 17.17
C VAL D 506 5.17 -39.71 16.64
N LEU D 507 4.28 -39.29 15.73
CA LEU D 507 3.21 -40.09 15.13
C LEU D 507 3.68 -41.04 14.02
N PRO D 508 3.14 -42.25 13.92
CA PRO D 508 3.59 -43.15 12.85
C PRO D 508 2.86 -42.91 11.53
N TYR D 509 3.51 -43.30 10.42
CA TYR D 509 2.96 -43.22 9.08
C TYR D 509 3.57 -44.30 8.17
N ALA D 510 2.75 -44.92 7.33
CA ALA D 510 3.22 -45.97 6.41
C ALA D 510 4.15 -45.37 5.37
N ALA D 511 5.26 -46.06 5.08
CA ALA D 511 6.20 -45.60 4.05
C ALA D 511 5.44 -45.55 2.70
N GLY D 512 5.63 -44.48 1.96
CA GLY D 512 4.92 -44.28 0.71
C GLY D 512 3.61 -43.51 0.83
N SER D 513 3.10 -43.30 2.07
CA SER D 513 1.88 -42.52 2.32
C SER D 513 2.23 -41.03 2.41
N CYS D 514 1.23 -40.15 2.66
CA CYS D 514 1.42 -38.70 2.72
C CYS D 514 1.91 -38.19 4.08
N GLY D 515 2.08 -39.12 5.04
CA GLY D 515 2.51 -38.83 6.40
C GLY D 515 1.33 -38.91 7.36
N PRO D 516 1.50 -38.52 8.66
CA PRO D 516 0.35 -38.59 9.57
C PRO D 516 -0.83 -37.67 9.15
N GLU D 517 -2.09 -38.10 9.40
CA GLU D 517 -3.29 -37.33 9.05
C GLU D 517 -3.40 -36.04 9.87
N GLU D 518 -2.78 -36.04 11.07
CA GLU D 518 -2.74 -34.92 12.03
C GLU D 518 -2.02 -33.72 11.41
N ALA D 519 -1.06 -33.99 10.49
CA ALA D 519 -0.26 -32.99 9.79
C ALA D 519 -1.07 -32.10 8.84
N GLN D 520 -2.04 -32.68 8.11
CA GLN D 520 -2.87 -31.92 7.15
C GLN D 520 -3.85 -31.02 7.89
N GLU D 521 -4.34 -31.49 9.05
CA GLU D 521 -5.23 -30.72 9.93
C GLU D 521 -4.47 -29.56 10.55
N PHE D 522 -3.22 -29.79 10.94
CA PHE D 522 -2.34 -28.76 11.49
C PHE D 522 -2.06 -27.70 10.45
N ILE D 523 -1.78 -28.11 9.20
CA ILE D 523 -1.50 -27.22 8.06
C ILE D 523 -2.70 -26.34 7.81
N ARG D 524 -3.93 -26.94 7.81
CA ARG D 524 -5.22 -26.25 7.60
C ARG D 524 -5.39 -25.19 8.68
N ILE D 525 -5.32 -25.58 9.95
CA ILE D 525 -5.43 -24.75 11.14
C ILE D 525 -4.35 -23.65 11.20
N SER D 526 -3.16 -23.92 10.62
CA SER D 526 -2.04 -22.97 10.58
C SER D 526 -2.26 -21.78 9.63
N GLY D 527 -3.14 -21.95 8.63
CA GLY D 527 -3.46 -20.89 7.69
C GLY D 527 -3.44 -21.25 6.21
N TYR D 528 -3.00 -22.48 5.84
CA TYR D 528 -2.91 -22.87 4.43
C TYR D 528 -4.21 -23.51 3.92
N LYS D 529 -4.85 -22.82 2.96
CA LYS D 529 -6.06 -23.30 2.27
C LYS D 529 -5.65 -24.13 1.04
N THR D 530 -5.95 -25.41 1.05
CA THR D 530 -5.60 -26.27 -0.10
C THR D 530 -6.45 -26.00 -1.38
N THR D 531 -5.97 -26.52 -2.54
CA THR D 531 -6.59 -26.41 -3.88
C THR D 531 -6.85 -27.82 -4.45
#